data_5ISF
#
_entry.id   5ISF
#
_cell.length_a   74.742
_cell.length_b   98.137
_cell.length_c   206.674
_cell.angle_alpha   90.00
_cell.angle_beta   90.00
_cell.angle_gamma   90.00
#
_symmetry.space_group_name_H-M   'P 21 21 2'
#
loop_
_entity.id
_entity.type
_entity.pdbx_description
1 polymer 'Histone-arginine methyltransferase CARM1'
2 non-polymer "5'-{[(3S)-3-amino-3-carboxypropyl][2-(triazan-1-yl)ethyl]amino}-5'-deoxyadenosine"
3 non-polymer 1,2-ETHANEDIOL
4 non-polymer DI(HYDROXYETHYL)ETHER
5 non-polymer 'TETRAETHYLENE GLYCOL'
6 non-polymer 1-METHOXY-2-(2-METHOXYETHOXY)ETHANE
7 non-polymer 1,2-DIMETHOXYETHANE
8 non-polymer "5'-S-[(3S)-3-azaniumyl-3-carboxypropyl]-5'-thioadenosine"
9 water water
#
_entity_poly.entity_id   1
_entity_poly.type   'polypeptide(L)'
_entity_poly.pdbx_seq_one_letter_code
;GHMGHTLERSVFSERTEESSAVQYFQFYGYLSQQQNMMQDYVRTGTYQRAILQNHTDFKDKIVLDVGCGSGILSFFAAQA
GARKIYAVEASTMAQHAEVLVKSNNLTDRIVVIPGKVEEVSLPEQVDIIISEPMGYMLFNERMLESYLHAKKYLKPSGNM
FPTIGDVHLAPFTDEQLYMEQFTKANFWYQPSFHGVDLSALRGAAVDEYFRQPVVDTFDIRILMAKSVKYTVNFLEAKEG
DLHRIEIPFKFHMLHSGLVHGLAFWFDVAFIGSIMTVWLSTAPTEPLTHWYQVRCLFQSPLFAKAGDTLSGTCLLIANKR
QSYDISIVAQVDQTGSKSSNLLDLKNPFFRYTGTTPSPPPG
;
_entity_poly.pdbx_strand_id   A,B,C,D
#
loop_
_chem_comp.id
_chem_comp.type
_chem_comp.name
_chem_comp.formula
6D4 non-polymer 5'-{[(3S)-3-amino-3-carboxypropyl][2-(triazan-1-yl)ethyl]amino}-5'-deoxyadenosine 'C16 H28 N10 O5'
DXE non-polymer 1,2-DIMETHOXYETHANE 'C4 H10 O2'
EDO non-polymer 1,2-ETHANEDIOL 'C2 H6 O2'
M2M non-polymer 1-METHOXY-2-(2-METHOXYETHOXY)ETHANE 'C6 H14 O3'
PEG non-polymer DI(HYDROXYETHYL)ETHER 'C4 H10 O3'
PG4 non-polymer 'TETRAETHYLENE GLYCOL' 'C8 H18 O5'
SAO non-polymer 5'-S-[(3S)-3-azaniumyl-3-carboxypropyl]-5'-thioadenosine 'C14 H21 N6 O5 S 1'
#
# COMPACT_ATOMS: atom_id res chain seq x y z
N SER A 10 -31.81 -0.25 -33.60
CA SER A 10 -31.83 1.08 -32.99
C SER A 10 -30.96 2.06 -33.78
N VAL A 11 -31.07 3.34 -33.44
CA VAL A 11 -30.26 4.36 -34.09
C VAL A 11 -28.78 4.05 -33.88
N PHE A 12 -28.44 3.57 -32.68
CA PHE A 12 -27.05 3.28 -32.35
C PHE A 12 -26.52 2.11 -33.18
N SER A 13 -27.25 1.00 -33.16
CA SER A 13 -26.79 -0.21 -33.84
C SER A 13 -26.71 -0.01 -35.35
N GLU A 14 -27.51 0.92 -35.86
CA GLU A 14 -27.54 1.19 -37.30
C GLU A 14 -26.33 2.00 -37.77
N ARG A 15 -25.73 2.77 -36.87
CA ARG A 15 -24.59 3.60 -37.24
C ARG A 15 -23.27 3.02 -36.71
N THR A 16 -23.34 1.85 -36.10
CA THR A 16 -22.17 1.27 -35.43
C THR A 16 -22.01 -0.22 -35.72
N GLU A 17 -20.84 -0.60 -36.21
CA GLU A 17 -20.51 -2.01 -36.37
C GLU A 17 -20.45 -2.67 -35.00
N GLU A 18 -21.00 -3.88 -34.91
CA GLU A 18 -21.03 -4.63 -33.66
C GLU A 18 -19.63 -4.72 -33.04
N SER A 19 -18.66 -5.08 -33.85
CA SER A 19 -17.29 -5.27 -33.38
C SER A 19 -16.75 -4.03 -32.67
N SER A 20 -17.03 -2.86 -33.24
CA SER A 20 -16.59 -1.60 -32.64
C SER A 20 -17.30 -1.35 -31.32
N ALA A 21 -18.60 -1.60 -31.30
CA ALA A 21 -19.43 -1.37 -30.11
C ALA A 21 -18.95 -2.21 -28.93
N VAL A 22 -18.72 -3.50 -29.18
CA VAL A 22 -18.28 -4.42 -28.14
C VAL A 22 -16.98 -3.90 -27.50
N GLN A 23 -15.98 -3.62 -28.33
CA GLN A 23 -14.71 -3.09 -27.84
C GLN A 23 -14.93 -1.80 -27.07
N TYR A 24 -15.77 -0.93 -27.63
CA TYR A 24 -16.02 0.37 -27.03
C TYR A 24 -16.57 0.26 -25.62
N PHE A 25 -17.58 -0.59 -25.43
CA PHE A 25 -18.22 -0.68 -24.13
C PHE A 25 -17.46 -1.61 -23.18
N GLN A 26 -16.64 -2.49 -23.73
CA GLN A 26 -15.75 -3.28 -22.89
C GLN A 26 -14.69 -2.37 -22.28
N PHE A 27 -14.23 -1.42 -23.09
CA PHE A 27 -13.25 -0.43 -22.63
C PHE A 27 -13.77 0.33 -21.40
N TYR A 28 -15.00 0.85 -21.50
CA TYR A 28 -15.55 1.65 -20.42
C TYR A 28 -16.11 0.80 -19.27
N GLY A 29 -16.00 -0.52 -19.42
CA GLY A 29 -16.40 -1.43 -18.34
C GLY A 29 -15.34 -1.54 -17.26
N TYR A 30 -14.15 -1.03 -17.52
CA TYR A 30 -13.05 -1.10 -16.56
C TYR A 30 -13.09 0.05 -15.56
N LEU A 31 -12.98 -0.28 -14.28
CA LEU A 31 -12.92 0.72 -13.24
C LEU A 31 -11.70 1.63 -13.40
N SER A 32 -10.62 1.08 -13.95
CA SER A 32 -9.38 1.84 -14.13
C SER A 32 -9.58 2.97 -15.15
N GLN A 33 -10.42 2.73 -16.15
CA GLN A 33 -10.70 3.75 -17.16
C GLN A 33 -11.57 4.86 -16.57
N GLN A 34 -12.62 4.47 -15.86
CA GLN A 34 -13.44 5.42 -15.13
C GLN A 34 -12.53 6.22 -14.21
N GLN A 35 -11.65 5.51 -13.52
CA GLN A 35 -10.70 6.12 -12.59
C GLN A 35 -9.84 7.16 -13.31
N ASN A 36 -9.31 6.80 -14.47
CA ASN A 36 -8.46 7.71 -15.23
C ASN A 36 -9.22 9.00 -15.55
N MET A 37 -10.46 8.86 -15.99
CA MET A 37 -11.30 10.01 -16.29
C MET A 37 -11.65 10.79 -15.03
N MET A 38 -11.92 10.08 -13.95
CA MET A 38 -12.29 10.72 -12.69
C MET A 38 -11.11 11.52 -12.12
N GLN A 39 -9.90 11.01 -12.32
CA GLN A 39 -8.70 11.65 -11.76
C GLN A 39 -8.19 12.80 -12.63
N ASP A 40 -8.86 13.06 -13.74
CA ASP A 40 -8.62 14.29 -14.49
C ASP A 40 -9.31 15.43 -13.74
N TYR A 41 -8.56 16.13 -12.91
CA TYR A 41 -9.15 17.10 -12.00
C TYR A 41 -9.82 18.26 -12.74
N VAL A 42 -9.21 18.69 -13.83
CA VAL A 42 -9.77 19.77 -14.64
C VAL A 42 -11.18 19.38 -15.09
N ARG A 43 -11.28 18.20 -15.70
CA ARG A 43 -12.56 17.69 -16.18
C ARG A 43 -13.59 17.54 -15.06
N THR A 44 -13.27 16.69 -14.09
CA THR A 44 -14.19 16.36 -13.01
C THR A 44 -14.53 17.59 -12.17
N GLY A 45 -13.50 18.35 -11.82
CA GLY A 45 -13.68 19.56 -11.03
C GLY A 45 -14.52 20.61 -11.72
N THR A 46 -14.29 20.80 -13.02
CA THR A 46 -15.03 21.81 -13.79
C THR A 46 -16.49 21.39 -13.94
N TYR A 47 -16.74 20.11 -14.13
CA TYR A 47 -18.12 19.62 -14.20
C TYR A 47 -18.85 19.86 -12.88
N GLN A 48 -18.22 19.45 -11.77
CA GLN A 48 -18.80 19.67 -10.45
C GLN A 48 -19.10 21.15 -10.24
N ARG A 49 -18.09 21.97 -10.55
CA ARG A 49 -18.20 23.41 -10.44
C ARG A 49 -19.37 23.94 -11.27
N ALA A 50 -19.45 23.49 -12.52
CA ALA A 50 -20.49 23.96 -13.44
C ALA A 50 -21.88 23.62 -12.91
N ILE A 51 -22.03 22.43 -12.36
CA ILE A 51 -23.32 21.97 -11.88
C ILE A 51 -23.70 22.70 -10.60
N LEU A 52 -22.78 22.73 -9.64
CA LEU A 52 -23.09 23.29 -8.32
C LEU A 52 -23.29 24.80 -8.33
N GLN A 53 -22.46 25.51 -9.09
CA GLN A 53 -22.57 26.96 -9.14
C GLN A 53 -23.80 27.40 -9.94
N ASN A 54 -24.43 26.46 -10.63
CA ASN A 54 -25.71 26.70 -11.29
C ASN A 54 -26.79 25.83 -10.64
N HIS A 55 -26.83 25.86 -9.32
CA HIS A 55 -27.74 24.99 -8.55
C HIS A 55 -29.21 25.21 -8.89
N THR A 56 -29.54 26.41 -9.35
CA THR A 56 -30.92 26.74 -9.69
C THR A 56 -31.39 25.97 -10.93
N ASP A 57 -30.43 25.49 -11.73
CA ASP A 57 -30.75 24.70 -12.90
C ASP A 57 -30.98 23.23 -12.53
N PHE A 58 -30.75 22.89 -11.27
CA PHE A 58 -30.84 21.50 -10.82
C PHE A 58 -31.77 21.28 -9.64
N LYS A 59 -31.85 22.25 -8.74
CA LYS A 59 -32.65 22.10 -7.53
C LYS A 59 -34.08 21.65 -7.84
N ASP A 60 -34.45 20.48 -7.30
CA ASP A 60 -35.79 19.92 -7.48
C ASP A 60 -36.15 19.71 -8.95
N LYS A 61 -35.15 19.53 -9.80
CA LYS A 61 -35.37 19.30 -11.23
C LYS A 61 -35.22 17.82 -11.59
N ILE A 62 -35.69 17.46 -12.78
CA ILE A 62 -35.51 16.11 -13.31
C ILE A 62 -34.35 16.13 -14.28
N VAL A 63 -33.41 15.19 -14.09
CA VAL A 63 -32.15 15.19 -14.83
C VAL A 63 -31.94 13.87 -15.56
N LEU A 64 -31.33 13.95 -16.74
CA LEU A 64 -30.85 12.76 -17.45
C LEU A 64 -29.33 12.83 -17.57
N ASP A 65 -28.66 11.78 -17.10
CA ASP A 65 -27.20 11.66 -17.24
C ASP A 65 -26.89 10.63 -18.33
N VAL A 66 -26.46 11.11 -19.50
CA VAL A 66 -26.21 10.23 -20.64
C VAL A 66 -24.81 9.66 -20.58
N GLY A 67 -24.71 8.36 -20.30
CA GLY A 67 -23.43 7.71 -20.14
C GLY A 67 -22.79 8.02 -18.80
N CYS A 68 -23.48 7.64 -17.73
CA CYS A 68 -23.10 8.05 -16.39
C CYS A 68 -21.81 7.39 -15.92
N GLY A 69 -21.41 6.31 -16.57
CA GLY A 69 -20.25 5.56 -16.14
C GLY A 69 -20.34 5.20 -14.67
N SER A 70 -19.41 5.72 -13.87
CA SER A 70 -19.40 5.48 -12.44
C SER A 70 -20.59 6.16 -11.75
N GLY A 71 -21.14 7.18 -12.40
CA GLY A 71 -22.28 7.90 -11.87
C GLY A 71 -21.89 9.23 -11.24
N ILE A 72 -20.63 9.61 -11.37
CA ILE A 72 -20.09 10.79 -10.70
C ILE A 72 -20.90 12.06 -11.01
N LEU A 73 -21.27 12.26 -12.28
CA LEU A 73 -22.01 13.47 -12.66
C LEU A 73 -23.40 13.48 -12.05
N SER A 74 -24.00 12.29 -11.93
CA SER A 74 -25.30 12.17 -11.30
C SER A 74 -25.23 12.55 -9.83
N PHE A 75 -24.13 12.16 -9.19
CA PHE A 75 -23.92 12.54 -7.80
C PHE A 75 -23.74 14.05 -7.68
N PHE A 76 -23.06 14.64 -8.65
CA PHE A 76 -22.92 16.10 -8.68
C PHE A 76 -24.30 16.75 -8.80
N ALA A 77 -25.14 16.18 -9.66
CA ALA A 77 -26.50 16.69 -9.82
C ALA A 77 -27.30 16.53 -8.54
N ALA A 78 -27.06 15.43 -7.82
CA ALA A 78 -27.73 15.18 -6.55
C ALA A 78 -27.27 16.20 -5.50
N GLN A 79 -25.97 16.48 -5.48
CA GLN A 79 -25.42 17.49 -4.58
C GLN A 79 -26.07 18.85 -4.84
N ALA A 80 -26.47 19.09 -6.08
CA ALA A 80 -27.03 20.38 -6.47
C ALA A 80 -28.53 20.49 -6.14
N GLY A 81 -29.12 19.39 -5.68
CA GLY A 81 -30.49 19.40 -5.21
C GLY A 81 -31.51 18.80 -6.16
N ALA A 82 -31.05 18.05 -7.15
CA ALA A 82 -31.96 17.43 -8.12
C ALA A 82 -32.97 16.52 -7.44
N ARG A 83 -34.21 16.53 -7.93
CA ARG A 83 -35.26 15.69 -7.37
C ARG A 83 -35.12 14.26 -7.87
N LYS A 84 -34.83 14.12 -9.16
CA LYS A 84 -34.70 12.81 -9.78
C LYS A 84 -33.66 12.83 -10.90
N ILE A 85 -32.79 11.83 -10.91
CA ILE A 85 -31.75 11.72 -11.91
C ILE A 85 -31.84 10.35 -12.54
N TYR A 86 -32.04 10.31 -13.86
CA TYR A 86 -31.98 9.07 -14.60
C TYR A 86 -30.59 8.92 -15.20
N ALA A 87 -29.85 7.94 -14.72
CA ALA A 87 -28.47 7.74 -15.13
C ALA A 87 -28.37 6.54 -16.07
N VAL A 88 -28.14 6.80 -17.35
CA VAL A 88 -28.13 5.76 -18.37
C VAL A 88 -26.69 5.35 -18.68
N GLU A 89 -26.44 4.04 -18.71
CA GLU A 89 -25.11 3.52 -18.97
C GLU A 89 -25.17 2.14 -19.62
N ALA A 90 -24.47 1.98 -20.75
CA ALA A 90 -24.59 0.78 -21.57
C ALA A 90 -23.54 -0.29 -21.26
N SER A 91 -22.41 0.10 -20.66
CA SER A 91 -21.38 -0.87 -20.32
C SER A 91 -21.72 -1.53 -18.99
N THR A 92 -20.89 -2.48 -18.56
CA THR A 92 -21.11 -3.20 -17.30
C THR A 92 -20.89 -2.28 -16.10
N MET A 93 -20.28 -1.13 -16.34
CA MET A 93 -20.07 -0.13 -15.29
C MET A 93 -21.40 0.24 -14.62
N ALA A 94 -22.49 0.08 -15.35
CA ALA A 94 -23.83 0.35 -14.82
C ALA A 94 -24.05 -0.39 -13.51
N GLN A 95 -23.55 -1.62 -13.42
CA GLN A 95 -23.71 -2.44 -12.22
C GLN A 95 -22.95 -1.85 -11.05
N HIS A 96 -21.83 -1.18 -11.34
CA HIS A 96 -21.02 -0.58 -10.29
C HIS A 96 -21.62 0.76 -9.86
N ALA A 97 -22.25 1.45 -10.80
CA ALA A 97 -22.92 2.71 -10.49
C ALA A 97 -24.07 2.48 -9.52
N GLU A 98 -24.83 1.41 -9.76
CA GLU A 98 -25.95 1.05 -8.89
C GLU A 98 -25.45 0.81 -7.47
N VAL A 99 -24.32 0.10 -7.35
CA VAL A 99 -23.71 -0.15 -6.06
C VAL A 99 -23.42 1.15 -5.33
N LEU A 100 -22.96 2.16 -6.07
CA LEU A 100 -22.60 3.45 -5.46
C LEU A 100 -23.83 4.26 -5.07
N VAL A 101 -24.89 4.19 -5.87
CA VAL A 101 -26.12 4.90 -5.53
C VAL A 101 -26.64 4.36 -4.21
N LYS A 102 -26.59 3.04 -4.05
CA LYS A 102 -27.07 2.40 -2.83
C LYS A 102 -26.19 2.76 -1.64
N SER A 103 -24.88 2.57 -1.79
CA SER A 103 -23.95 2.83 -0.70
C SER A 103 -23.91 4.31 -0.32
N ASN A 104 -24.36 5.17 -1.23
CA ASN A 104 -24.44 6.60 -0.93
C ASN A 104 -25.86 7.04 -0.55
N ASN A 105 -26.72 6.05 -0.29
CA ASN A 105 -28.09 6.31 0.17
C ASN A 105 -28.83 7.30 -0.71
N LEU A 106 -28.79 7.07 -2.03
CA LEU A 106 -29.43 7.98 -2.98
C LEU A 106 -30.36 7.24 -3.93
N THR A 107 -30.77 6.04 -3.55
CA THR A 107 -31.64 5.21 -4.40
C THR A 107 -32.99 5.87 -4.66
N ASP A 108 -33.37 6.82 -3.81
CA ASP A 108 -34.65 7.51 -3.96
C ASP A 108 -34.56 8.62 -5.01
N ARG A 109 -33.35 9.02 -5.38
CA ARG A 109 -33.17 10.16 -6.28
C ARG A 109 -32.39 9.83 -7.55
N ILE A 110 -31.56 8.79 -7.51
CA ILE A 110 -30.82 8.37 -8.70
C ILE A 110 -31.31 7.00 -9.16
N VAL A 111 -31.73 6.93 -10.42
CA VAL A 111 -32.19 5.70 -11.01
C VAL A 111 -31.23 5.30 -12.13
N VAL A 112 -30.46 4.25 -11.90
CA VAL A 112 -29.55 3.75 -12.93
C VAL A 112 -30.33 2.92 -13.92
N ILE A 113 -30.16 3.24 -15.20
CA ILE A 113 -30.84 2.53 -16.27
C ILE A 113 -29.78 1.90 -17.19
N PRO A 114 -29.57 0.57 -17.07
CA PRO A 114 -28.58 -0.08 -17.93
C PRO A 114 -29.06 -0.22 -19.37
N GLY A 115 -28.21 0.16 -20.31
CA GLY A 115 -28.54 0.09 -21.72
C GLY A 115 -28.08 1.32 -22.48
N LYS A 116 -28.29 1.31 -23.78
CA LYS A 116 -27.92 2.43 -24.62
C LYS A 116 -29.04 3.46 -24.61
N VAL A 117 -28.69 4.73 -24.57
CA VAL A 117 -29.68 5.79 -24.44
C VAL A 117 -30.62 5.76 -25.64
N GLU A 118 -30.17 5.18 -26.75
CA GLU A 118 -30.97 5.08 -27.95
C GLU A 118 -31.99 3.95 -27.87
N GLU A 119 -31.87 3.10 -26.85
CA GLU A 119 -32.63 1.87 -26.77
C GLU A 119 -33.50 1.76 -25.52
N VAL A 120 -33.07 2.37 -24.43
CA VAL A 120 -33.83 2.31 -23.19
C VAL A 120 -35.07 3.19 -23.32
N SER A 121 -35.95 3.09 -22.33
CA SER A 121 -37.10 3.99 -22.22
C SER A 121 -37.06 4.70 -20.88
N LEU A 122 -37.30 6.01 -20.89
CA LEU A 122 -37.39 6.77 -19.65
C LEU A 122 -38.86 6.93 -19.28
N PRO A 123 -39.16 6.95 -17.96
CA PRO A 123 -40.55 7.03 -17.52
C PRO A 123 -41.17 8.42 -17.65
N GLU A 124 -40.33 9.44 -17.84
CA GLU A 124 -40.81 10.81 -17.96
C GLU A 124 -39.80 11.72 -18.66
N GLN A 125 -40.23 12.92 -19.00
CA GLN A 125 -39.36 13.92 -19.59
C GLN A 125 -38.49 14.56 -18.51
N VAL A 126 -37.37 15.14 -18.92
CA VAL A 126 -36.41 15.71 -17.98
C VAL A 126 -36.25 17.20 -18.23
N ASP A 127 -35.74 17.91 -17.23
CA ASP A 127 -35.53 19.35 -17.33
C ASP A 127 -34.16 19.68 -17.93
N ILE A 128 -33.19 18.81 -17.70
CA ILE A 128 -31.83 19.08 -18.14
C ILE A 128 -31.09 17.76 -18.40
N ILE A 129 -30.25 17.77 -19.42
CA ILE A 129 -29.43 16.61 -19.73
C ILE A 129 -27.98 16.96 -19.42
N ILE A 130 -27.31 16.07 -18.67
CA ILE A 130 -25.88 16.20 -18.42
C ILE A 130 -25.17 15.03 -19.05
N SER A 131 -23.92 15.25 -19.46
CA SER A 131 -23.15 14.21 -20.10
C SER A 131 -21.73 14.69 -20.32
N GLU A 132 -20.83 13.74 -20.51
CA GLU A 132 -19.47 14.04 -20.93
C GLU A 132 -19.17 13.20 -22.16
N PRO A 133 -19.65 13.64 -23.33
CA PRO A 133 -19.54 12.86 -24.57
C PRO A 133 -18.34 13.22 -25.45
N MET A 134 -17.46 14.09 -24.95
CA MET A 134 -16.36 14.58 -25.77
C MET A 134 -15.26 13.52 -25.91
N GLY A 135 -14.78 13.35 -27.14
CA GLY A 135 -13.62 12.52 -27.40
C GLY A 135 -12.48 13.37 -27.94
N TYR A 136 -11.40 12.73 -28.37
CA TYR A 136 -10.32 13.44 -29.03
C TYR A 136 -10.89 14.28 -30.16
N MET A 137 -10.36 15.49 -30.34
CA MET A 137 -10.85 16.38 -31.39
C MET A 137 -12.35 16.63 -31.22
N LEU A 138 -12.83 16.48 -30.00
CA LEU A 138 -14.25 16.61 -29.64
C LEU A 138 -15.12 15.47 -30.16
N PHE A 139 -15.03 15.18 -31.46
CA PHE A 139 -16.00 14.33 -32.13
C PHE A 139 -15.72 12.83 -32.04
N ASN A 140 -14.49 12.46 -31.73
CA ASN A 140 -14.14 11.04 -31.68
C ASN A 140 -15.07 10.30 -30.74
N GLU A 141 -15.36 9.05 -31.08
CA GLU A 141 -16.29 8.16 -30.33
C GLU A 141 -17.74 8.35 -30.76
N ARG A 142 -18.04 9.46 -31.42
CA ARG A 142 -19.39 9.74 -31.92
C ARG A 142 -20.44 9.70 -30.81
N MET A 143 -20.02 9.97 -29.58
CA MET A 143 -20.95 9.96 -28.47
C MET A 143 -21.79 11.23 -28.43
N LEU A 144 -21.36 12.27 -29.15
CA LEU A 144 -22.15 13.49 -29.23
C LEU A 144 -23.53 13.20 -29.82
N GLU A 145 -23.59 12.23 -30.72
CA GLU A 145 -24.85 11.88 -31.36
C GLU A 145 -25.82 11.22 -30.37
N SER A 146 -25.28 10.49 -29.39
CA SER A 146 -26.11 9.91 -28.34
C SER A 146 -26.63 11.02 -27.44
N TYR A 147 -25.77 11.97 -27.14
CA TYR A 147 -26.11 13.14 -26.34
C TYR A 147 -27.25 13.91 -27.00
N LEU A 148 -27.14 14.12 -28.30
CA LEU A 148 -28.16 14.83 -29.06
C LEU A 148 -29.42 13.97 -29.21
N HIS A 149 -29.23 12.69 -29.41
CA HIS A 149 -30.35 11.76 -29.50
C HIS A 149 -31.22 11.82 -28.24
N ALA A 150 -30.57 11.98 -27.09
CA ALA A 150 -31.25 11.98 -25.81
C ALA A 150 -32.20 13.17 -25.66
N LYS A 151 -32.13 14.13 -26.58
CA LYS A 151 -32.99 15.31 -26.51
C LYS A 151 -34.46 14.96 -26.73
N LYS A 152 -34.73 13.73 -27.15
CA LYS A 152 -36.11 13.27 -27.29
C LYS A 152 -36.79 13.18 -25.92
N TYR A 153 -35.98 13.19 -24.85
CA TYR A 153 -36.51 13.14 -23.49
C TYR A 153 -36.48 14.51 -22.82
N LEU A 154 -36.05 15.52 -23.57
CA LEU A 154 -35.90 16.86 -23.01
C LEU A 154 -37.14 17.72 -23.27
N LYS A 155 -37.64 18.34 -22.20
CA LYS A 155 -38.75 19.28 -22.32
C LYS A 155 -38.35 20.44 -23.23
N PRO A 156 -39.33 21.08 -23.91
CA PRO A 156 -38.97 22.23 -24.73
C PRO A 156 -38.26 23.32 -23.93
N SER A 157 -38.43 23.25 -22.61
CA SER A 157 -37.80 24.19 -21.69
C SER A 157 -36.35 23.84 -21.39
N GLY A 158 -35.94 22.67 -21.84
CA GLY A 158 -34.76 22.02 -21.30
C GLY A 158 -33.42 22.65 -21.61
N ASN A 159 -32.43 22.30 -20.80
CA ASN A 159 -31.08 22.76 -20.98
C ASN A 159 -30.13 21.57 -21.19
N MET A 160 -28.95 21.86 -21.70
CA MET A 160 -27.93 20.84 -21.93
C MET A 160 -26.63 21.27 -21.25
N PHE A 161 -26.04 20.34 -20.49
CA PHE A 161 -24.78 20.57 -19.81
C PHE A 161 -23.79 19.49 -20.24
N PRO A 162 -22.84 19.83 -21.14
CA PRO A 162 -22.52 21.13 -21.74
C PRO A 162 -23.55 21.63 -22.74
N THR A 163 -23.56 22.95 -22.95
CA THR A 163 -24.54 23.60 -23.82
C THR A 163 -23.99 23.75 -25.24
N ILE A 164 -22.72 24.11 -25.35
CA ILE A 164 -22.07 24.26 -26.64
C ILE A 164 -20.68 23.66 -26.64
N GLY A 165 -20.18 23.33 -27.82
CA GLY A 165 -18.82 22.86 -27.98
C GLY A 165 -18.12 23.58 -29.11
N ASP A 166 -16.91 24.06 -28.83
CA ASP A 166 -16.10 24.75 -29.83
C ASP A 166 -14.89 23.92 -30.20
N VAL A 167 -14.77 23.57 -31.48
CA VAL A 167 -13.56 22.95 -31.98
C VAL A 167 -12.68 24.04 -32.57
N HIS A 168 -11.43 24.06 -32.13
CA HIS A 168 -10.46 25.03 -32.64
C HIS A 168 -9.44 24.37 -33.55
N LEU A 169 -9.17 25.01 -34.68
CA LEU A 169 -8.15 24.56 -35.63
C LEU A 169 -7.10 25.64 -35.80
N ALA A 170 -5.82 25.28 -35.84
CA ALA A 170 -4.77 26.25 -36.13
C ALA A 170 -3.57 25.60 -36.83
N PRO A 171 -2.97 26.30 -37.79
CA PRO A 171 -1.77 25.77 -38.45
C PRO A 171 -0.56 25.78 -37.53
N PHE A 172 0.28 24.76 -37.62
CA PHE A 172 1.48 24.68 -36.79
C PHE A 172 2.71 24.34 -37.61
N THR A 173 3.87 24.66 -37.07
CA THR A 173 5.13 24.19 -37.62
C THR A 173 5.83 23.32 -36.59
N ASP A 174 6.23 22.13 -37.01
CA ASP A 174 6.98 21.22 -36.15
C ASP A 174 7.82 20.29 -37.01
N GLU A 175 8.99 20.77 -37.39
CA GLU A 175 9.88 20.06 -38.29
C GLU A 175 10.21 18.66 -37.79
N GLN A 176 10.43 18.52 -36.48
CA GLN A 176 10.82 17.24 -35.90
C GLN A 176 9.68 16.22 -35.86
N LEU A 177 8.45 16.69 -35.60
CA LEU A 177 7.30 15.80 -35.68
C LEU A 177 7.18 15.27 -37.11
N TYR A 178 7.29 16.17 -38.08
CA TYR A 178 7.19 15.81 -39.48
C TYR A 178 8.26 14.78 -39.88
N MET A 179 9.52 15.07 -39.54
N MET A 179 9.51 15.08 -39.55
CA MET A 179 10.63 14.22 -39.93
CA MET A 179 10.64 14.21 -39.92
C MET A 179 10.54 12.84 -39.27
C MET A 179 10.49 12.84 -39.29
N GLU A 180 10.00 12.81 -38.06
CA GLU A 180 9.82 11.56 -37.32
C GLU A 180 9.11 10.49 -38.14
N GLN A 181 8.14 10.92 -38.94
CA GLN A 181 7.35 10.00 -39.75
C GLN A 181 8.24 9.23 -40.72
N PHE A 182 9.15 9.95 -41.38
CA PHE A 182 10.02 9.34 -42.37
C PHE A 182 11.13 8.55 -41.70
N THR A 183 11.60 9.03 -40.56
CA THR A 183 12.58 8.28 -39.78
C THR A 183 12.03 6.89 -39.48
N LYS A 184 10.76 6.83 -39.08
CA LYS A 184 10.13 5.56 -38.74
C LYS A 184 9.87 4.74 -39.99
N ALA A 185 9.34 5.36 -41.04
CA ALA A 185 9.00 4.65 -42.26
C ALA A 185 10.24 4.12 -42.97
N ASN A 186 11.36 4.83 -42.85
CA ASN A 186 12.56 4.45 -43.59
C ASN A 186 13.19 3.16 -43.09
N PHE A 187 12.62 2.58 -42.04
CA PHE A 187 13.00 1.23 -41.66
C PHE A 187 12.83 0.30 -42.85
N TRP A 188 11.77 0.53 -43.62
CA TRP A 188 11.47 -0.33 -44.76
C TRP A 188 12.38 -0.06 -45.96
N TYR A 189 13.09 1.07 -45.95
CA TYR A 189 13.94 1.41 -47.08
C TYR A 189 15.34 0.85 -46.92
N GLN A 190 15.44 -0.48 -46.92
CA GLN A 190 16.74 -1.14 -46.93
C GLN A 190 16.66 -2.38 -47.84
N PRO A 191 17.74 -2.64 -48.60
CA PRO A 191 17.71 -3.69 -49.63
C PRO A 191 17.97 -5.10 -49.12
N SER A 192 18.41 -5.25 -47.88
CA SER A 192 18.70 -6.58 -47.35
C SER A 192 18.50 -6.67 -45.84
N PHE A 193 17.24 -6.61 -45.41
CA PHE A 193 16.91 -6.89 -44.02
C PHE A 193 16.87 -8.40 -43.85
N HIS A 194 17.95 -8.95 -43.28
CA HIS A 194 18.09 -10.40 -43.17
C HIS A 194 17.92 -11.05 -44.54
N GLY A 195 18.48 -10.40 -45.56
CA GLY A 195 18.46 -10.92 -46.92
C GLY A 195 17.24 -10.51 -47.73
N VAL A 196 16.33 -9.75 -47.12
CA VAL A 196 15.09 -9.37 -47.78
C VAL A 196 15.07 -7.88 -48.10
N ASP A 197 14.70 -7.55 -49.34
CA ASP A 197 14.57 -6.17 -49.77
C ASP A 197 13.19 -5.66 -49.40
N LEU A 198 13.14 -4.71 -48.46
CA LEU A 198 11.87 -4.25 -47.91
C LEU A 198 11.36 -2.97 -48.57
N SER A 199 12.18 -2.38 -49.44
CA SER A 199 11.99 -1.01 -49.89
C SER A 199 10.65 -0.76 -50.61
N ALA A 200 10.08 -1.80 -51.19
CA ALA A 200 8.83 -1.66 -51.94
C ALA A 200 7.66 -1.27 -51.05
N LEU A 201 7.82 -1.38 -49.74
CA LEU A 201 6.75 -1.07 -48.79
C LEU A 201 6.96 0.27 -48.09
N ARG A 202 8.03 0.99 -48.46
CA ARG A 202 8.35 2.24 -47.79
C ARG A 202 7.21 3.24 -47.98
N GLY A 203 6.69 3.32 -49.19
CA GLY A 203 5.58 4.21 -49.48
C GLY A 203 4.36 3.93 -48.65
N ALA A 204 4.02 2.64 -48.51
CA ALA A 204 2.87 2.24 -47.72
C ALA A 204 3.07 2.60 -46.25
N ALA A 205 4.29 2.42 -45.74
CA ALA A 205 4.58 2.74 -44.35
C ALA A 205 4.43 4.25 -44.10
N VAL A 206 4.90 5.06 -45.04
CA VAL A 206 4.75 6.51 -44.94
C VAL A 206 3.28 6.88 -44.85
N ASP A 207 2.48 6.36 -45.77
N ASP A 207 2.48 6.36 -45.77
CA ASP A 207 1.06 6.66 -45.81
CA ASP A 207 1.06 6.67 -45.81
C ASP A 207 0.39 6.28 -44.50
C ASP A 207 0.39 6.28 -44.50
N GLU A 208 0.73 5.11 -43.99
CA GLU A 208 0.15 4.63 -42.73
C GLU A 208 0.42 5.60 -41.59
N TYR A 209 1.67 6.04 -41.43
CA TYR A 209 2.02 6.95 -40.35
C TYR A 209 1.29 8.29 -40.48
N PHE A 210 1.13 8.76 -41.70
CA PHE A 210 0.56 10.09 -41.90
C PHE A 210 -0.96 10.14 -41.69
N ARG A 211 -1.59 8.97 -41.84
N ARG A 211 -1.66 9.02 -41.84
CA ARG A 211 -3.03 8.81 -41.64
CA ARG A 211 -3.10 9.08 -41.62
C ARG A 211 -3.43 8.84 -40.16
C ARG A 211 -3.45 8.77 -40.16
N GLN A 212 -2.45 8.83 -39.27
CA GLN A 212 -2.70 8.79 -37.84
C GLN A 212 -2.67 10.20 -37.25
N PRO A 213 -3.80 10.70 -36.74
CA PRO A 213 -3.70 11.96 -36.00
C PRO A 213 -2.80 11.78 -34.77
N VAL A 214 -2.02 12.81 -34.44
CA VAL A 214 -1.05 12.71 -33.35
C VAL A 214 -1.61 13.32 -32.07
N VAL A 215 -1.72 12.49 -31.04
CA VAL A 215 -2.21 12.94 -29.74
C VAL A 215 -1.05 13.22 -28.80
N ASP A 216 -0.88 14.49 -28.46
CA ASP A 216 -0.02 14.89 -27.36
C ASP A 216 -0.15 16.39 -27.23
N THR A 217 0.70 17.01 -26.43
CA THR A 217 0.62 18.45 -26.23
C THR A 217 1.84 19.10 -26.86
N PHE A 218 1.91 20.42 -26.79
CA PHE A 218 2.98 21.15 -27.45
C PHE A 218 3.05 22.59 -26.99
N ASP A 219 4.19 23.23 -27.24
CA ASP A 219 4.39 24.63 -26.96
C ASP A 219 3.52 25.47 -27.90
N ILE A 220 2.80 26.44 -27.33
CA ILE A 220 1.89 27.26 -28.13
C ILE A 220 2.63 28.08 -29.18
N ARG A 221 3.94 28.19 -29.05
CA ARG A 221 4.73 28.99 -30.00
C ARG A 221 4.86 28.33 -31.37
N ILE A 222 4.45 27.07 -31.48
CA ILE A 222 4.50 26.40 -32.78
C ILE A 222 3.31 26.82 -33.64
N LEU A 223 2.31 27.45 -33.03
CA LEU A 223 1.12 27.89 -33.77
C LEU A 223 1.46 29.10 -34.61
N MET A 224 0.98 29.11 -35.85
N MET A 224 0.97 29.11 -35.85
CA MET A 224 1.37 30.12 -36.83
CA MET A 224 1.37 30.10 -36.84
C MET A 224 0.26 31.11 -37.17
C MET A 224 0.26 31.10 -37.17
N ALA A 225 -0.91 30.92 -36.57
CA ALA A 225 -2.04 31.81 -36.82
C ALA A 225 -3.12 31.62 -35.75
N LYS A 226 -3.94 32.65 -35.56
CA LYS A 226 -5.07 32.57 -34.66
C LYS A 226 -5.98 31.44 -35.11
N SER A 227 -6.53 30.71 -34.16
CA SER A 227 -7.34 29.53 -34.47
C SER A 227 -8.65 29.91 -35.12
N VAL A 228 -9.15 29.03 -35.98
CA VAL A 228 -10.51 29.13 -36.49
C VAL A 228 -11.39 28.25 -35.60
N LYS A 229 -12.61 28.71 -35.36
CA LYS A 229 -13.52 28.04 -34.42
C LYS A 229 -14.76 27.51 -35.13
N TYR A 230 -15.13 26.28 -34.80
CA TYR A 230 -16.37 25.70 -35.30
C TYR A 230 -17.23 25.28 -34.11
N THR A 231 -18.44 25.82 -34.04
CA THR A 231 -19.30 25.65 -32.87
C THR A 231 -20.46 24.70 -33.11
N VAL A 232 -20.63 23.75 -32.19
CA VAL A 232 -21.82 22.91 -32.16
C VAL A 232 -22.69 23.37 -31.00
N ASN A 233 -23.89 23.82 -31.31
CA ASN A 233 -24.87 24.19 -30.29
C ASN A 233 -25.74 22.97 -30.00
N PHE A 234 -25.54 22.38 -28.82
CA PHE A 234 -26.21 21.13 -28.46
C PHE A 234 -27.72 21.30 -28.26
N LEU A 235 -28.15 22.54 -28.01
CA LEU A 235 -29.57 22.82 -27.88
C LEU A 235 -30.28 22.79 -29.24
N GLU A 236 -29.52 23.11 -30.29
CA GLU A 236 -30.09 23.26 -31.63
C GLU A 236 -29.77 22.09 -32.55
N ALA A 237 -28.60 21.49 -32.38
CA ALA A 237 -28.09 20.50 -33.34
C ALA A 237 -28.90 19.20 -33.33
N LYS A 238 -28.90 18.54 -34.49
CA LYS A 238 -29.52 17.23 -34.64
C LYS A 238 -28.40 16.20 -34.87
N GLU A 239 -28.68 14.93 -34.57
CA GLU A 239 -27.71 13.86 -34.79
C GLU A 239 -27.10 13.93 -36.18
N GLY A 240 -27.95 14.05 -37.18
CA GLY A 240 -27.53 14.04 -38.57
C GLY A 240 -26.53 15.13 -38.90
N ASP A 241 -26.53 16.20 -38.11
CA ASP A 241 -25.62 17.31 -38.34
C ASP A 241 -24.17 16.89 -38.14
N LEU A 242 -23.95 15.80 -37.41
CA LEU A 242 -22.60 15.35 -37.06
C LEU A 242 -22.11 14.22 -37.97
N HIS A 243 -22.90 13.84 -38.97
CA HIS A 243 -22.48 12.79 -39.90
C HIS A 243 -21.47 13.33 -40.90
N ARG A 244 -21.64 14.60 -41.25
CA ARG A 244 -20.75 15.28 -42.18
C ARG A 244 -20.45 16.67 -41.64
N ILE A 245 -19.21 16.89 -41.20
CA ILE A 245 -18.84 18.16 -40.60
C ILE A 245 -17.83 18.87 -41.49
N GLU A 246 -18.26 19.97 -42.10
CA GLU A 246 -17.37 20.74 -42.95
C GLU A 246 -16.90 22.00 -42.23
N ILE A 247 -15.59 22.10 -42.06
CA ILE A 247 -14.99 23.24 -41.35
C ILE A 247 -14.11 24.01 -42.32
N PRO A 248 -14.67 25.04 -42.98
CA PRO A 248 -13.81 25.85 -43.83
C PRO A 248 -12.89 26.71 -42.98
N PHE A 249 -11.72 27.09 -43.51
CA PHE A 249 -10.83 27.95 -42.76
C PHE A 249 -10.06 28.90 -43.67
N LYS A 250 -9.82 30.09 -43.14
CA LYS A 250 -8.96 31.08 -43.78
C LYS A 250 -8.03 31.63 -42.70
N PHE A 251 -6.82 31.09 -42.64
CA PHE A 251 -5.86 31.50 -41.61
C PHE A 251 -5.03 32.67 -42.11
N HIS A 252 -4.88 33.68 -41.26
CA HIS A 252 -4.01 34.81 -41.56
C HIS A 252 -2.71 34.64 -40.80
N MET A 253 -1.65 34.29 -41.52
CA MET A 253 -0.40 33.85 -40.91
C MET A 253 0.27 34.96 -40.11
N LEU A 254 0.55 34.66 -38.84
CA LEU A 254 1.20 35.60 -37.95
C LEU A 254 2.72 35.46 -38.02
N HIS A 255 3.19 34.32 -38.51
CA HIS A 255 4.62 34.05 -38.61
C HIS A 255 4.95 33.42 -39.96
N SER A 256 6.17 33.63 -40.40
CA SER A 256 6.67 33.03 -41.64
C SER A 256 7.26 31.65 -41.34
N GLY A 257 7.06 30.70 -42.25
CA GLY A 257 7.64 29.38 -42.09
C GLY A 257 6.90 28.27 -42.82
N LEU A 258 7.29 27.04 -42.53
CA LEU A 258 6.66 25.87 -43.12
C LEU A 258 5.53 25.36 -42.24
N VAL A 259 4.33 25.28 -42.81
CA VAL A 259 3.17 24.72 -42.12
C VAL A 259 3.16 23.21 -42.31
N HIS A 260 3.27 22.46 -41.22
CA HIS A 260 3.36 21.01 -41.31
C HIS A 260 2.00 20.33 -41.09
N GLY A 261 0.99 21.11 -40.70
CA GLY A 261 -0.34 20.57 -40.49
C GLY A 261 -1.24 21.44 -39.64
N LEU A 262 -2.35 20.86 -39.18
CA LEU A 262 -3.32 21.58 -38.36
C LEU A 262 -3.40 20.98 -36.97
N ALA A 263 -3.42 21.85 -35.96
CA ALA A 263 -3.60 21.43 -34.58
C ALA A 263 -5.06 21.61 -34.18
N PHE A 264 -5.56 20.67 -33.39
CA PHE A 264 -6.96 20.68 -32.96
C PHE A 264 -7.05 20.66 -31.44
N TRP A 265 -7.99 21.45 -30.91
CA TRP A 265 -8.41 21.31 -29.52
C TRP A 265 -9.85 21.78 -29.41
N PHE A 266 -10.45 21.64 -28.24
CA PHE A 266 -11.84 22.05 -28.08
C PHE A 266 -12.18 22.59 -26.70
N ASP A 267 -13.23 23.41 -26.65
CA ASP A 267 -13.81 23.89 -25.42
C ASP A 267 -15.28 23.49 -25.38
N VAL A 268 -15.82 23.30 -24.18
CA VAL A 268 -17.26 23.21 -24.01
C VAL A 268 -17.68 24.23 -22.97
N ALA A 269 -18.90 24.73 -23.09
CA ALA A 269 -19.41 25.73 -22.16
C ALA A 269 -20.71 25.26 -21.54
N PHE A 270 -20.80 25.38 -20.22
CA PHE A 270 -22.03 25.11 -19.49
C PHE A 270 -22.73 26.43 -19.24
N ILE A 271 -23.77 26.70 -20.01
CA ILE A 271 -24.47 27.98 -19.95
C ILE A 271 -25.67 27.86 -19.03
N GLY A 272 -25.44 28.11 -17.75
CA GLY A 272 -26.49 28.00 -16.75
C GLY A 272 -27.21 29.31 -16.49
N SER A 273 -28.16 29.29 -15.58
CA SER A 273 -28.95 30.47 -15.26
C SER A 273 -28.15 31.46 -14.42
N ILE A 274 -27.22 30.95 -13.63
CA ILE A 274 -26.41 31.79 -12.75
C ILE A 274 -25.15 32.26 -13.46
N MET A 275 -24.48 31.34 -14.17
CA MET A 275 -23.23 31.68 -14.83
C MET A 275 -22.84 30.68 -15.91
N THR A 276 -21.94 31.11 -16.79
CA THR A 276 -21.37 30.22 -17.79
C THR A 276 -20.02 29.73 -17.32
N VAL A 277 -19.82 28.42 -17.35
CA VAL A 277 -18.55 27.82 -16.96
C VAL A 277 -17.93 27.15 -18.18
N TRP A 278 -16.63 27.36 -18.36
CA TRP A 278 -15.91 26.80 -19.51
C TRP A 278 -15.00 25.65 -19.12
N LEU A 279 -14.97 24.63 -19.97
CA LEU A 279 -13.99 23.57 -19.88
C LEU A 279 -13.17 23.58 -21.16
N SER A 280 -11.88 23.89 -21.04
CA SER A 280 -11.03 24.09 -22.21
C SER A 280 -9.88 23.08 -22.24
N THR A 281 -9.57 22.58 -23.42
CA THR A 281 -8.45 21.67 -23.60
C THR A 281 -7.39 22.31 -24.49
N ALA A 282 -7.40 23.64 -24.54
CA ALA A 282 -6.44 24.39 -25.34
C ALA A 282 -5.03 24.23 -24.79
N PRO A 283 -4.02 24.39 -25.67
CA PRO A 283 -2.61 24.23 -25.25
C PRO A 283 -2.14 25.36 -24.34
N THR A 284 -2.94 26.42 -24.23
CA THR A 284 -2.68 27.50 -23.28
C THR A 284 -3.20 27.15 -21.88
N GLU A 285 -3.98 26.08 -21.79
CA GLU A 285 -4.60 25.69 -20.53
C GLU A 285 -3.95 24.44 -19.95
N PRO A 286 -4.15 24.19 -18.65
CA PRO A 286 -3.63 22.97 -18.03
C PRO A 286 -4.04 21.72 -18.80
N LEU A 287 -3.19 20.70 -18.76
CA LEU A 287 -3.39 19.51 -19.58
C LEU A 287 -4.54 18.64 -19.05
N THR A 288 -5.30 18.09 -19.99
CA THR A 288 -6.35 17.14 -19.68
C THR A 288 -6.02 15.81 -20.34
N HIS A 289 -6.85 14.80 -20.14
CA HIS A 289 -6.59 13.50 -20.75
C HIS A 289 -6.96 13.50 -22.23
N TRP A 290 -7.46 14.65 -22.71
CA TRP A 290 -7.73 14.82 -24.14
C TRP A 290 -6.49 15.34 -24.87
N TYR A 291 -5.55 15.93 -24.13
CA TYR A 291 -4.37 16.53 -24.72
C TYR A 291 -4.78 17.46 -25.86
N GLN A 292 -4.02 17.44 -26.96
CA GLN A 292 -4.44 18.09 -28.19
C GLN A 292 -4.19 17.13 -29.35
N VAL A 293 -4.70 17.46 -30.53
CA VAL A 293 -4.55 16.58 -31.68
C VAL A 293 -3.92 17.35 -32.84
N ARG A 294 -2.97 16.73 -33.51
CA ARG A 294 -2.37 17.33 -34.69
C ARG A 294 -2.48 16.41 -35.91
N CYS A 295 -2.95 17.00 -37.00
CA CYS A 295 -3.02 16.30 -38.28
C CYS A 295 -1.98 16.88 -39.23
N LEU A 296 -1.03 16.05 -39.64
CA LEU A 296 0.03 16.48 -40.54
C LEU A 296 -0.44 16.59 -41.98
N PHE A 297 0.15 17.54 -42.72
CA PHE A 297 0.02 17.58 -44.16
C PHE A 297 1.04 16.62 -44.76
N GLN A 298 0.72 16.03 -45.91
CA GLN A 298 1.65 15.13 -46.57
C GLN A 298 2.88 15.90 -47.02
N SER A 299 2.64 17.13 -47.46
CA SER A 299 3.70 18.03 -47.86
C SER A 299 3.52 19.36 -47.15
N PRO A 300 4.56 19.83 -46.43
CA PRO A 300 4.38 21.11 -45.76
C PRO A 300 4.16 22.24 -46.75
N LEU A 301 3.58 23.34 -46.28
CA LEU A 301 3.31 24.49 -47.12
C LEU A 301 4.06 25.70 -46.60
N PHE A 302 4.82 26.34 -47.47
CA PHE A 302 5.53 27.55 -47.07
C PHE A 302 4.59 28.74 -47.08
N ALA A 303 4.58 29.50 -45.99
CA ALA A 303 3.79 30.71 -45.91
C ALA A 303 4.61 31.84 -45.31
N LYS A 304 4.37 33.05 -45.81
CA LYS A 304 4.99 34.24 -45.25
C LYS A 304 4.02 34.92 -44.32
N ALA A 305 4.53 35.59 -43.29
CA ALA A 305 3.68 36.37 -42.39
C ALA A 305 2.83 37.31 -43.24
N GLY A 306 1.52 37.29 -43.01
CA GLY A 306 0.61 38.11 -43.78
C GLY A 306 -0.11 37.34 -44.88
N ASP A 307 0.48 36.23 -45.32
CA ASP A 307 -0.19 35.36 -46.29
C ASP A 307 -1.43 34.75 -45.67
N THR A 308 -2.29 34.18 -46.50
CA THR A 308 -3.49 33.52 -46.02
C THR A 308 -3.49 32.04 -46.42
N LEU A 309 -3.79 31.19 -45.45
CA LEU A 309 -3.86 29.75 -45.67
C LEU A 309 -5.33 29.33 -45.63
N SER A 310 -5.87 28.97 -46.79
CA SER A 310 -7.30 28.69 -46.90
C SER A 310 -7.55 27.24 -47.32
N GLY A 311 -8.71 26.72 -46.89
CA GLY A 311 -9.10 25.37 -47.26
C GLY A 311 -10.24 24.84 -46.41
N THR A 312 -10.33 23.53 -46.31
CA THR A 312 -11.41 22.89 -45.57
C THR A 312 -10.95 21.66 -44.84
N CYS A 313 -11.50 21.48 -43.64
CA CYS A 313 -11.37 20.25 -42.89
C CYS A 313 -12.71 19.55 -42.90
N LEU A 314 -12.78 18.39 -43.53
CA LEU A 314 -14.04 17.67 -43.68
C LEU A 314 -14.01 16.38 -42.87
N LEU A 315 -14.94 16.27 -41.91
CA LEU A 315 -15.04 15.09 -41.06
C LEU A 315 -16.25 14.25 -41.48
N ILE A 316 -15.98 13.01 -41.87
CA ILE A 316 -17.03 12.10 -42.32
C ILE A 316 -17.15 10.95 -41.34
N ALA A 317 -18.29 10.86 -40.67
CA ALA A 317 -18.50 9.83 -39.67
C ALA A 317 -18.45 8.44 -40.30
N ASN A 318 -17.86 7.49 -39.58
CA ASN A 318 -17.81 6.10 -40.02
C ASN A 318 -18.43 5.22 -38.94
N LYS A 319 -18.62 3.93 -39.26
CA LYS A 319 -19.31 3.03 -38.36
C LYS A 319 -18.38 2.41 -37.33
N ARG A 320 -17.16 2.91 -37.26
CA ARG A 320 -16.24 2.51 -36.19
C ARG A 320 -16.25 3.57 -35.10
N GLN A 321 -17.36 4.29 -34.99
CA GLN A 321 -17.57 5.29 -33.95
C GLN A 321 -16.50 6.38 -34.01
N SER A 322 -16.12 6.77 -35.22
CA SER A 322 -15.14 7.83 -35.40
C SER A 322 -15.35 8.53 -36.73
N TYR A 323 -14.31 9.18 -37.22
CA TYR A 323 -14.41 9.99 -38.42
C TYR A 323 -13.24 9.75 -39.37
N ASP A 324 -13.53 9.80 -40.66
CA ASP A 324 -12.50 9.92 -41.68
C ASP A 324 -12.24 11.41 -41.87
N ILE A 325 -10.99 11.83 -41.73
CA ILE A 325 -10.64 13.24 -41.78
C ILE A 325 -10.02 13.57 -43.12
N SER A 326 -10.58 14.55 -43.81
CA SER A 326 -10.01 15.04 -45.06
C SER A 326 -9.66 16.51 -44.90
N ILE A 327 -8.38 16.83 -45.01
CA ILE A 327 -7.93 18.21 -44.91
C ILE A 327 -7.28 18.63 -46.22
N VAL A 328 -7.72 19.76 -46.75
CA VAL A 328 -7.10 20.35 -47.93
C VAL A 328 -6.81 21.81 -47.63
N ALA A 329 -5.59 22.24 -47.94
CA ALA A 329 -5.17 23.60 -47.65
C ALA A 329 -4.30 24.13 -48.77
N GLN A 330 -4.40 25.44 -49.00
CA GLN A 330 -3.50 26.09 -49.96
C GLN A 330 -3.10 27.48 -49.48
N VAL A 331 -1.89 27.88 -49.84
CA VAL A 331 -1.45 29.24 -49.62
C VAL A 331 -1.97 30.08 -50.78
N ASP A 332 -2.87 31.00 -50.48
CA ASP A 332 -3.57 31.76 -51.52
C ASP A 332 -2.61 32.56 -52.39
N GLN A 333 -1.56 33.11 -51.78
CA GLN A 333 -0.64 33.99 -52.49
C GLN A 333 0.27 33.25 -53.45
N THR A 334 0.42 31.94 -53.27
CA THR A 334 1.37 31.16 -54.05
C THR A 334 0.71 30.02 -54.81
N GLY A 335 -0.46 29.59 -54.33
CA GLY A 335 -1.16 28.48 -54.95
C GLY A 335 -0.63 27.13 -54.53
N SER A 336 0.39 27.13 -53.67
CA SER A 336 0.96 25.89 -53.13
C SER A 336 -0.12 25.15 -52.34
N LYS A 337 -0.30 23.87 -52.66
CA LYS A 337 -1.43 23.11 -52.13
C LYS A 337 -0.99 21.83 -51.47
N SER A 338 -1.71 21.44 -50.41
CA SER A 338 -1.48 20.15 -49.78
C SER A 338 -2.77 19.58 -49.22
N SER A 339 -2.74 18.29 -48.93
CA SER A 339 -3.90 17.62 -48.37
C SER A 339 -3.47 16.52 -47.42
N ASN A 340 -4.44 15.79 -46.89
CA ASN A 340 -4.17 14.56 -46.17
C ASN A 340 -5.49 13.91 -45.81
N LEU A 341 -5.46 12.59 -45.72
CA LEU A 341 -6.59 11.82 -45.23
C LEU A 341 -6.14 11.13 -43.96
N LEU A 342 -6.93 11.25 -42.91
CA LEU A 342 -6.56 10.66 -41.63
C LEU A 342 -7.68 9.81 -41.07
N ASP A 343 -7.30 8.82 -40.27
CA ASP A 343 -8.23 7.92 -39.61
C ASP A 343 -8.22 8.22 -38.11
N LEU A 344 -9.23 8.95 -37.64
CA LEU A 344 -9.26 9.40 -36.26
C LEU A 344 -9.44 8.25 -35.27
N LYS A 345 -9.85 7.09 -35.76
CA LYS A 345 -10.05 5.93 -34.89
C LYS A 345 -8.73 5.40 -34.34
N ASN A 346 -7.70 5.47 -35.16
CA ASN A 346 -6.39 4.92 -34.79
C ASN A 346 -5.36 6.03 -34.68
N PRO A 347 -5.46 6.84 -33.62
CA PRO A 347 -4.46 7.90 -33.51
C PRO A 347 -3.16 7.37 -32.90
N PHE A 348 -2.11 8.16 -33.01
CA PHE A 348 -0.83 7.79 -32.44
C PHE A 348 -0.62 8.58 -31.16
N PHE A 349 -0.58 7.88 -30.03
CA PHE A 349 -0.35 8.54 -28.75
C PHE A 349 1.14 8.76 -28.56
N ARG A 350 1.55 10.01 -28.73
CA ARG A 350 2.95 10.38 -28.76
C ARG A 350 3.43 10.90 -27.41
N TYR A 351 2.48 11.34 -26.59
CA TYR A 351 2.81 12.00 -25.33
C TYR A 351 3.75 11.18 -24.46
N THR A 352 4.75 11.85 -23.91
CA THR A 352 5.73 11.21 -23.02
C THR A 352 5.83 11.99 -21.71
N SER B 10 -16.43 -22.52 -39.55
CA SER B 10 -15.05 -22.97 -39.49
C SER B 10 -14.58 -23.11 -38.05
N VAL B 11 -13.51 -23.87 -37.84
CA VAL B 11 -12.96 -24.09 -36.51
C VAL B 11 -12.63 -22.76 -35.85
N PHE B 12 -12.13 -21.80 -36.62
CA PHE B 12 -11.73 -20.51 -36.06
C PHE B 12 -12.95 -19.72 -35.58
N SER B 13 -13.95 -19.59 -36.44
CA SER B 13 -15.14 -18.79 -36.13
C SER B 13 -15.92 -19.37 -34.96
N GLU B 14 -15.90 -20.70 -34.82
CA GLU B 14 -16.64 -21.38 -33.76
C GLU B 14 -16.06 -21.09 -32.39
N ARG B 15 -14.74 -20.88 -32.32
CA ARG B 15 -14.08 -20.65 -31.04
C ARG B 15 -13.76 -19.18 -30.81
N THR B 16 -14.15 -18.31 -31.74
CA THR B 16 -13.77 -16.91 -31.67
C THR B 16 -14.96 -15.95 -31.82
N GLU B 17 -15.08 -15.04 -30.88
CA GLU B 17 -16.03 -13.94 -30.99
C GLU B 17 -15.60 -13.03 -32.14
N GLU B 18 -16.52 -12.73 -33.05
CA GLU B 18 -16.18 -11.92 -34.23
C GLU B 18 -15.52 -10.62 -33.83
N SER B 19 -16.06 -9.99 -32.78
CA SER B 19 -15.51 -8.74 -32.27
C SER B 19 -14.02 -8.86 -31.97
N SER B 20 -13.63 -9.99 -31.39
CA SER B 20 -12.24 -10.23 -31.05
C SER B 20 -11.40 -10.42 -32.32
N ALA B 21 -11.95 -11.15 -33.28
CA ALA B 21 -11.23 -11.43 -34.52
C ALA B 21 -10.96 -10.17 -35.34
N VAL B 22 -11.97 -9.32 -35.48
CA VAL B 22 -11.84 -8.07 -36.21
C VAL B 22 -10.68 -7.26 -35.62
N GLN B 23 -10.77 -7.00 -34.32
CA GLN B 23 -9.74 -6.31 -33.59
C GLN B 23 -8.37 -6.96 -33.82
N TYR B 24 -8.32 -8.26 -33.60
CA TYR B 24 -7.09 -9.03 -33.70
C TYR B 24 -6.39 -8.82 -35.04
N PHE B 25 -7.12 -9.03 -36.13
CA PHE B 25 -6.52 -8.98 -37.45
C PHE B 25 -6.34 -7.54 -37.95
N GLN B 26 -7.10 -6.60 -37.39
CA GLN B 26 -6.84 -5.19 -37.66
C GLN B 26 -5.49 -4.81 -37.09
N PHE B 27 -5.22 -5.27 -35.87
CA PHE B 27 -3.95 -5.00 -35.19
C PHE B 27 -2.76 -5.41 -36.04
N TYR B 28 -2.83 -6.60 -36.64
CA TYR B 28 -1.70 -7.12 -37.41
C TYR B 28 -1.69 -6.64 -38.85
N GLY B 29 -2.69 -5.83 -39.22
CA GLY B 29 -2.73 -5.25 -40.54
C GLY B 29 -1.82 -4.03 -40.67
N TYR B 30 -1.27 -3.58 -39.54
CA TYR B 30 -0.44 -2.38 -39.52
C TYR B 30 1.03 -2.71 -39.73
N LEU B 31 1.66 -1.94 -40.62
CA LEU B 31 3.07 -2.12 -40.92
C LEU B 31 3.95 -1.78 -39.71
N SER B 32 3.51 -0.81 -38.91
CA SER B 32 4.28 -0.42 -37.72
C SER B 32 4.41 -1.58 -36.74
N GLN B 33 3.39 -2.43 -36.69
CA GLN B 33 3.43 -3.60 -35.82
C GLN B 33 4.38 -4.65 -36.38
N GLN B 34 4.36 -4.81 -37.71
CA GLN B 34 5.33 -5.69 -38.37
C GLN B 34 6.75 -5.22 -38.09
N GLN B 35 6.96 -3.93 -38.20
CA GLN B 35 8.28 -3.34 -37.92
C GLN B 35 8.71 -3.68 -36.49
N ASN B 36 7.80 -3.47 -35.55
CA ASN B 36 8.09 -3.76 -34.14
C ASN B 36 8.55 -5.20 -33.95
N MET B 37 7.86 -6.15 -34.58
CA MET B 37 8.21 -7.55 -34.45
C MET B 37 9.53 -7.85 -35.17
N MET B 38 9.69 -7.28 -36.35
CA MET B 38 10.87 -7.54 -37.15
C MET B 38 12.13 -6.98 -36.47
N GLN B 39 11.98 -5.89 -35.75
CA GLN B 39 13.11 -5.25 -35.09
C GLN B 39 13.50 -5.95 -33.78
N ASP B 40 12.76 -6.99 -33.41
CA ASP B 40 13.20 -7.89 -32.34
C ASP B 40 14.27 -8.80 -32.93
N TYR B 41 15.53 -8.42 -32.79
CA TYR B 41 16.60 -9.12 -33.49
C TYR B 41 16.78 -10.55 -32.98
N VAL B 42 16.56 -10.75 -31.69
CA VAL B 42 16.64 -12.08 -31.11
C VAL B 42 15.64 -12.99 -31.82
N ARG B 43 14.41 -12.54 -31.92
CA ARG B 43 13.37 -13.29 -32.61
C ARG B 43 13.76 -13.57 -34.06
N THR B 44 13.93 -12.49 -34.82
CA THR B 44 14.16 -12.59 -36.26
C THR B 44 15.44 -13.34 -36.56
N GLY B 45 16.52 -12.98 -35.86
CA GLY B 45 17.81 -13.63 -36.06
C GLY B 45 17.80 -15.10 -35.68
N THR B 46 17.08 -15.45 -34.62
CA THR B 46 17.02 -16.83 -34.16
C THR B 46 16.18 -17.67 -35.12
N TYR B 47 15.10 -17.09 -35.63
CA TYR B 47 14.27 -17.78 -36.60
C TYR B 47 15.06 -18.06 -37.88
N GLN B 48 15.84 -17.08 -38.32
CA GLN B 48 16.64 -17.25 -39.53
C GLN B 48 17.70 -18.31 -39.29
N ARG B 49 18.31 -18.28 -38.11
CA ARG B 49 19.33 -19.26 -37.74
C ARG B 49 18.77 -20.68 -37.74
N ALA B 50 17.61 -20.85 -37.10
CA ALA B 50 16.95 -22.14 -37.04
C ALA B 50 16.67 -22.69 -38.43
N ILE B 51 16.21 -21.82 -39.33
CA ILE B 51 15.84 -22.24 -40.68
C ILE B 51 17.07 -22.51 -41.54
N LEU B 52 18.00 -21.55 -41.57
CA LEU B 52 19.15 -21.65 -42.47
C LEU B 52 20.14 -22.74 -42.05
N GLN B 53 20.35 -22.92 -40.76
CA GLN B 53 21.29 -23.94 -40.30
C GLN B 53 20.65 -25.33 -40.37
N ASN B 54 19.35 -25.38 -40.63
CA ASN B 54 18.67 -26.64 -40.94
C ASN B 54 18.14 -26.61 -42.37
N HIS B 55 18.96 -26.08 -43.28
CA HIS B 55 18.55 -25.86 -44.66
C HIS B 55 18.10 -27.14 -45.34
N THR B 56 18.65 -28.28 -44.92
CA THR B 56 18.33 -29.56 -45.54
C THR B 56 16.86 -29.93 -45.29
N ASP B 57 16.30 -29.43 -44.20
CA ASP B 57 14.89 -29.66 -43.89
C ASP B 57 13.98 -28.84 -44.80
N PHE B 58 14.57 -27.95 -45.59
CA PHE B 58 13.81 -27.06 -46.46
C PHE B 58 14.15 -27.25 -47.94
N LYS B 59 15.40 -27.64 -48.22
CA LYS B 59 15.88 -27.78 -49.58
C LYS B 59 14.93 -28.60 -50.45
N ASP B 60 14.38 -27.96 -51.48
CA ASP B 60 13.48 -28.63 -52.43
C ASP B 60 12.25 -29.22 -51.75
N LYS B 61 11.84 -28.64 -50.63
CA LYS B 61 10.68 -29.13 -49.89
C LYS B 61 9.48 -28.21 -50.08
N ILE B 62 8.31 -28.69 -49.65
CA ILE B 62 7.09 -27.89 -49.67
C ILE B 62 6.85 -27.34 -48.27
N VAL B 63 6.58 -26.05 -48.17
CA VAL B 63 6.49 -25.38 -46.88
C VAL B 63 5.14 -24.69 -46.70
N LEU B 64 4.62 -24.74 -45.48
CA LEU B 64 3.47 -23.93 -45.09
C LEU B 64 3.90 -22.93 -44.02
N ASP B 65 3.65 -21.66 -44.29
CA ASP B 65 3.93 -20.60 -43.32
C ASP B 65 2.60 -20.10 -42.73
N VAL B 66 2.32 -20.48 -41.49
CA VAL B 66 1.04 -20.14 -40.86
C VAL B 66 1.11 -18.74 -40.25
N GLY B 67 0.33 -17.82 -40.80
CA GLY B 67 0.30 -16.46 -40.31
C GLY B 67 1.56 -15.71 -40.68
N CYS B 68 1.84 -15.63 -41.98
CA CYS B 68 3.12 -15.17 -42.48
C CYS B 68 3.37 -13.68 -42.28
N GLY B 69 2.31 -12.93 -42.01
CA GLY B 69 2.44 -11.49 -41.86
C GLY B 69 3.10 -10.86 -43.08
N SER B 70 4.23 -10.19 -42.85
CA SER B 70 4.98 -9.54 -43.92
C SER B 70 5.68 -10.57 -44.80
N GLY B 71 5.84 -11.79 -44.29
CA GLY B 71 6.36 -12.90 -45.05
C GLY B 71 7.79 -13.31 -44.73
N ILE B 72 8.35 -12.72 -43.68
CA ILE B 72 9.77 -12.89 -43.36
C ILE B 72 10.18 -14.36 -43.29
N LEU B 73 9.38 -15.17 -42.61
CA LEU B 73 9.73 -16.58 -42.43
C LEU B 73 9.68 -17.33 -43.75
N SER B 74 8.77 -16.94 -44.63
CA SER B 74 8.69 -17.54 -45.96
C SER B 74 9.94 -17.19 -46.75
N PHE B 75 10.43 -15.97 -46.59
CA PHE B 75 11.67 -15.56 -47.24
C PHE B 75 12.85 -16.36 -46.72
N PHE B 76 12.88 -16.59 -45.40
CA PHE B 76 13.91 -17.46 -44.82
C PHE B 76 13.83 -18.86 -45.39
N ALA B 77 12.61 -19.38 -45.53
CA ALA B 77 12.41 -20.70 -46.12
C ALA B 77 12.86 -20.72 -47.57
N ALA B 78 12.68 -19.60 -48.26
CA ALA B 78 13.10 -19.46 -49.65
C ALA B 78 14.62 -19.43 -49.75
N GLN B 79 15.26 -18.77 -48.78
CA GLN B 79 16.71 -18.72 -48.72
C GLN B 79 17.31 -20.11 -48.48
N ALA B 80 16.57 -20.95 -47.76
CA ALA B 80 17.04 -22.29 -47.43
C ALA B 80 16.82 -23.28 -48.57
N GLY B 81 16.22 -22.82 -49.66
CA GLY B 81 16.05 -23.64 -50.85
C GLY B 81 14.70 -24.33 -51.02
N ALA B 82 13.70 -23.88 -50.28
CA ALA B 82 12.37 -24.47 -50.37
C ALA B 82 11.86 -24.41 -51.81
N ARG B 83 11.30 -25.52 -52.27
CA ARG B 83 10.78 -25.60 -53.64
C ARG B 83 9.54 -24.72 -53.78
N LYS B 84 8.65 -24.80 -52.79
CA LYS B 84 7.43 -24.01 -52.81
C LYS B 84 6.96 -23.70 -51.39
N ILE B 85 6.53 -22.47 -51.17
CA ILE B 85 6.11 -22.02 -49.85
C ILE B 85 4.72 -21.41 -49.94
N TYR B 86 3.77 -22.00 -49.22
CA TYR B 86 2.45 -21.43 -49.12
C TYR B 86 2.37 -20.56 -47.87
N ALA B 87 2.18 -19.28 -48.09
CA ALA B 87 2.21 -18.30 -47.02
C ALA B 87 0.79 -17.82 -46.72
N VAL B 88 0.23 -18.29 -45.62
CA VAL B 88 -1.16 -18.02 -45.27
C VAL B 88 -1.23 -16.87 -44.27
N GLU B 89 -2.09 -15.89 -44.56
CA GLU B 89 -2.27 -14.71 -43.71
C GLU B 89 -3.69 -14.17 -43.85
N ALA B 90 -4.33 -13.91 -42.72
CA ALA B 90 -5.74 -13.51 -42.72
C ALA B 90 -5.93 -12.00 -42.69
N SER B 91 -4.92 -11.27 -42.22
CA SER B 91 -5.01 -9.81 -42.17
C SER B 91 -4.72 -9.21 -43.54
N THR B 92 -4.90 -7.90 -43.65
CA THR B 92 -4.62 -7.20 -44.90
C THR B 92 -3.13 -7.14 -45.20
N MET B 93 -2.31 -7.50 -44.21
CA MET B 93 -0.86 -7.57 -44.40
C MET B 93 -0.52 -8.52 -45.55
N ALA B 94 -1.42 -9.47 -45.82
CA ALA B 94 -1.25 -10.41 -46.92
C ALA B 94 -0.92 -9.71 -48.23
N GLN B 95 -1.56 -8.56 -48.46
CA GLN B 95 -1.32 -7.80 -49.70
C GLN B 95 0.08 -7.19 -49.71
N HIS B 96 0.60 -6.83 -48.54
CA HIS B 96 1.95 -6.29 -48.46
C HIS B 96 3.00 -7.40 -48.67
N ALA B 97 2.68 -8.60 -48.20
CA ALA B 97 3.55 -9.74 -48.42
C ALA B 97 3.71 -10.01 -49.92
N GLU B 98 2.59 -9.92 -50.64
CA GLU B 98 2.61 -10.13 -52.08
C GLU B 98 3.54 -9.13 -52.77
N VAL B 99 3.48 -7.88 -52.33
CA VAL B 99 4.33 -6.83 -52.87
C VAL B 99 5.79 -7.24 -52.70
N LEU B 100 6.14 -7.71 -51.51
CA LEU B 100 7.53 -8.06 -51.22
C LEU B 100 7.97 -9.30 -52.01
N VAL B 101 7.06 -10.25 -52.20
CA VAL B 101 7.38 -11.45 -52.96
C VAL B 101 7.73 -11.06 -54.40
N LYS B 102 6.95 -10.15 -54.98
CA LYS B 102 7.21 -9.71 -56.34
C LYS B 102 8.49 -8.88 -56.45
N SER B 103 8.65 -7.90 -55.56
CA SER B 103 9.83 -7.03 -55.62
C SER B 103 11.11 -7.80 -55.30
N ASN B 104 10.99 -8.95 -54.65
CA ASN B 104 12.15 -9.79 -54.36
C ASN B 104 12.27 -10.95 -55.36
N ASN B 105 11.50 -10.90 -56.43
CA ASN B 105 11.59 -11.88 -57.52
C ASN B 105 11.50 -13.32 -57.02
N LEU B 106 10.51 -13.60 -56.16
CA LEU B 106 10.30 -14.94 -55.65
C LEU B 106 8.88 -15.45 -55.94
N THR B 107 8.27 -14.90 -56.98
CA THR B 107 6.91 -15.26 -57.37
C THR B 107 6.78 -16.73 -57.74
N ASP B 108 7.89 -17.35 -58.13
CA ASP B 108 7.88 -18.74 -58.56
C ASP B 108 7.98 -19.70 -57.38
N ARG B 109 8.13 -19.17 -56.17
CA ARG B 109 8.39 -20.03 -55.01
C ARG B 109 7.51 -19.70 -53.80
N ILE B 110 7.21 -18.42 -53.58
CA ILE B 110 6.35 -18.03 -52.46
C ILE B 110 4.95 -17.68 -52.96
N VAL B 111 3.96 -18.43 -52.49
CA VAL B 111 2.58 -18.21 -52.88
C VAL B 111 1.77 -17.75 -51.68
N VAL B 112 1.40 -16.47 -51.68
CA VAL B 112 0.55 -15.92 -50.63
C VAL B 112 -0.86 -16.43 -50.85
N ILE B 113 -1.46 -16.98 -49.80
CA ILE B 113 -2.85 -17.43 -49.83
C ILE B 113 -3.61 -16.66 -48.75
N PRO B 114 -4.36 -15.62 -49.14
CA PRO B 114 -5.09 -14.81 -48.16
C PRO B 114 -6.21 -15.59 -47.47
N GLY B 115 -6.33 -15.40 -46.16
CA GLY B 115 -7.38 -16.05 -45.40
C GLY B 115 -6.88 -16.72 -44.14
N LYS B 116 -7.80 -17.32 -43.39
CA LYS B 116 -7.47 -18.03 -42.17
C LYS B 116 -7.08 -19.46 -42.52
N VAL B 117 -6.06 -19.98 -41.84
CA VAL B 117 -5.54 -21.30 -42.15
C VAL B 117 -6.63 -22.35 -41.93
N GLU B 118 -7.60 -22.03 -41.08
CA GLU B 118 -8.73 -22.91 -40.82
C GLU B 118 -9.76 -22.89 -41.96
N GLU B 119 -9.63 -21.93 -42.87
CA GLU B 119 -10.66 -21.68 -43.87
C GLU B 119 -10.15 -21.72 -45.31
N VAL B 120 -8.85 -21.54 -45.50
CA VAL B 120 -8.29 -21.57 -46.85
C VAL B 120 -8.22 -23.00 -47.37
N SER B 121 -7.89 -23.13 -48.64
CA SER B 121 -7.65 -24.43 -49.25
C SER B 121 -6.26 -24.46 -49.88
N LEU B 122 -5.42 -25.38 -49.43
CA LEU B 122 -4.07 -25.51 -49.95
C LEU B 122 -4.04 -26.50 -51.11
N PRO B 123 -3.17 -26.27 -52.12
CA PRO B 123 -3.14 -27.17 -53.27
C PRO B 123 -2.57 -28.56 -52.98
N GLU B 124 -1.74 -28.66 -51.94
CA GLU B 124 -1.05 -29.92 -51.66
C GLU B 124 -0.62 -30.00 -50.20
N GLN B 125 -0.20 -31.19 -49.79
CA GLN B 125 0.34 -31.41 -48.45
C GLN B 125 1.77 -30.90 -48.41
N VAL B 126 2.26 -30.57 -47.21
CA VAL B 126 3.57 -29.94 -47.06
C VAL B 126 4.52 -30.83 -46.26
N ASP B 127 5.82 -30.59 -46.44
CA ASP B 127 6.86 -31.32 -45.74
C ASP B 127 7.12 -30.73 -44.36
N ILE B 128 6.86 -29.43 -44.22
CA ILE B 128 7.14 -28.75 -42.96
C ILE B 128 6.26 -27.53 -42.80
N ILE B 129 5.85 -27.27 -41.56
CA ILE B 129 5.08 -26.08 -41.23
C ILE B 129 5.95 -25.17 -40.39
N ILE B 130 6.02 -23.89 -40.78
CA ILE B 130 6.73 -22.89 -39.99
C ILE B 130 5.74 -21.83 -39.55
N SER B 131 5.96 -21.27 -38.37
CA SER B 131 5.09 -20.23 -37.84
C SER B 131 5.70 -19.59 -36.61
N GLU B 132 5.13 -18.46 -36.22
CA GLU B 132 5.46 -17.83 -34.95
C GLU B 132 4.15 -17.63 -34.18
N PRO B 133 3.61 -18.72 -33.61
CA PRO B 133 2.30 -18.66 -32.96
C PRO B 133 2.33 -18.27 -31.49
N MET B 134 3.50 -17.93 -30.97
CA MET B 134 3.64 -17.66 -29.54
C MET B 134 3.17 -16.25 -29.18
N GLY B 135 2.39 -16.14 -28.11
CA GLY B 135 2.02 -14.86 -27.54
C GLY B 135 2.59 -14.73 -26.15
N TYR B 136 2.17 -13.69 -25.42
CA TYR B 136 2.53 -13.56 -24.01
C TYR B 136 2.21 -14.85 -23.28
N MET B 137 3.09 -15.26 -22.37
CA MET B 137 2.89 -16.51 -21.63
C MET B 137 2.77 -17.69 -22.60
N LEU B 138 3.28 -17.50 -23.81
CA LEU B 138 3.18 -18.48 -24.90
C LEU B 138 1.76 -18.61 -25.47
N PHE B 139 0.76 -18.74 -24.62
CA PHE B 139 -0.56 -19.16 -25.06
C PHE B 139 -1.52 -18.05 -25.50
N ASN B 140 -1.23 -16.80 -25.11
CA ASN B 140 -2.12 -15.70 -25.49
C ASN B 140 -2.27 -15.64 -27.01
N GLU B 141 -3.45 -15.22 -27.46
CA GLU B 141 -3.83 -15.13 -28.89
C GLU B 141 -4.43 -16.44 -29.41
N ARG B 142 -4.16 -17.54 -28.71
CA ARG B 142 -4.65 -18.86 -29.10
C ARG B 142 -4.24 -19.23 -30.52
N MET B 143 -3.10 -18.70 -30.97
CA MET B 143 -2.65 -18.98 -32.32
C MET B 143 -2.00 -20.37 -32.42
N LEU B 144 -1.59 -20.93 -31.28
CA LEU B 144 -1.05 -22.28 -31.26
C LEU B 144 -2.04 -23.29 -31.82
N GLU B 145 -3.34 -23.02 -31.64
CA GLU B 145 -4.38 -23.91 -32.11
C GLU B 145 -4.48 -23.90 -33.63
N SER B 146 -4.26 -22.72 -34.22
CA SER B 146 -4.22 -22.61 -35.68
C SER B 146 -3.02 -23.35 -36.22
N TYR B 147 -1.92 -23.24 -35.48
CA TYR B 147 -0.67 -23.93 -35.82
C TYR B 147 -0.88 -25.43 -35.83
N LEU B 148 -1.50 -25.95 -34.77
CA LEU B 148 -1.80 -27.38 -34.68
C LEU B 148 -2.86 -27.77 -35.69
N HIS B 149 -3.85 -26.90 -35.88
CA HIS B 149 -4.90 -27.15 -36.88
C HIS B 149 -4.30 -27.37 -38.26
N ALA B 150 -3.26 -26.60 -38.59
CA ALA B 150 -2.64 -26.66 -39.91
C ALA B 150 -1.98 -28.01 -40.19
N LYS B 151 -1.84 -28.84 -39.16
CA LYS B 151 -1.21 -30.14 -39.32
C LYS B 151 -2.01 -31.05 -40.26
N LYS B 152 -3.26 -30.67 -40.54
CA LYS B 152 -4.08 -31.40 -41.50
C LYS B 152 -3.46 -31.36 -42.90
N TYR B 153 -2.56 -30.39 -43.13
CA TYR B 153 -1.88 -30.28 -44.42
C TYR B 153 -0.47 -30.89 -44.36
N LEU B 154 -0.11 -31.47 -43.23
CA LEU B 154 1.25 -31.97 -43.03
C LEU B 154 1.37 -33.45 -43.37
N LYS B 155 2.37 -33.79 -44.20
CA LYS B 155 2.67 -35.18 -44.50
C LYS B 155 2.97 -35.95 -43.21
N PRO B 156 2.74 -37.27 -43.21
CA PRO B 156 3.03 -38.06 -42.02
C PRO B 156 4.49 -37.91 -41.55
N SER B 157 5.39 -37.74 -42.51
CA SER B 157 6.81 -37.63 -42.22
C SER B 157 7.23 -36.17 -41.96
N GLY B 158 6.25 -35.28 -41.85
CA GLY B 158 6.52 -33.86 -41.79
C GLY B 158 7.02 -33.33 -40.46
N ASN B 159 7.54 -32.10 -40.47
CA ASN B 159 8.11 -31.50 -39.27
C ASN B 159 7.43 -30.17 -38.96
N MET B 160 7.67 -29.65 -37.77
N MET B 160 7.66 -29.66 -37.75
CA MET B 160 7.11 -28.36 -37.36
CA MET B 160 7.10 -28.40 -37.29
C MET B 160 8.16 -27.48 -36.73
C MET B 160 8.19 -27.49 -36.74
N PHE B 161 8.25 -26.25 -37.23
CA PHE B 161 9.21 -25.26 -36.73
C PHE B 161 8.45 -24.04 -36.20
N PRO B 162 8.41 -23.86 -34.87
CA PRO B 162 9.04 -24.63 -33.79
C PRO B 162 8.44 -26.01 -33.58
N THR B 163 9.19 -26.89 -32.94
CA THR B 163 8.79 -28.27 -32.75
C THR B 163 8.14 -28.47 -31.38
N ILE B 164 8.70 -27.83 -30.37
CA ILE B 164 8.16 -27.90 -29.01
C ILE B 164 8.18 -26.53 -28.35
N GLY B 165 7.35 -26.37 -27.32
CA GLY B 165 7.37 -25.18 -26.50
C GLY B 165 7.43 -25.52 -25.02
N ASP B 166 8.26 -24.80 -24.29
CA ASP B 166 8.37 -24.98 -22.84
C ASP B 166 7.88 -23.73 -22.14
N VAL B 167 6.90 -23.89 -21.26
CA VAL B 167 6.49 -22.82 -20.37
C VAL B 167 7.22 -23.00 -19.05
N HIS B 168 7.79 -21.91 -18.55
CA HIS B 168 8.45 -21.92 -17.25
C HIS B 168 7.69 -21.03 -16.30
N LEU B 169 7.54 -21.50 -15.06
CA LEU B 169 6.91 -20.70 -14.02
C LEU B 169 7.71 -20.81 -12.73
N ALA B 170 7.84 -19.71 -12.01
CA ALA B 170 8.59 -19.69 -10.77
C ALA B 170 8.06 -18.61 -9.83
N PRO B 171 8.11 -18.86 -8.51
CA PRO B 171 7.66 -17.88 -7.53
C PRO B 171 8.61 -16.69 -7.41
N PHE B 172 8.08 -15.50 -7.24
CA PHE B 172 8.91 -14.31 -7.13
C PHE B 172 8.50 -13.43 -5.96
N THR B 173 9.41 -12.55 -5.55
CA THR B 173 9.12 -11.54 -4.54
C THR B 173 9.37 -10.17 -5.13
N ASP B 174 8.40 -9.27 -4.99
CA ASP B 174 8.53 -7.91 -5.50
C ASP B 174 7.50 -7.01 -4.84
N GLU B 175 7.84 -6.54 -3.64
CA GLU B 175 6.95 -5.70 -2.85
C GLU B 175 6.55 -4.42 -3.60
N GLN B 176 7.46 -3.88 -4.39
CA GLN B 176 7.20 -2.64 -5.12
C GLN B 176 6.07 -2.81 -6.13
N LEU B 177 6.14 -3.87 -6.93
CA LEU B 177 5.12 -4.14 -7.93
C LEU B 177 3.76 -4.34 -7.26
N TYR B 178 3.76 -5.14 -6.20
CA TYR B 178 2.55 -5.40 -5.44
C TYR B 178 1.94 -4.11 -4.89
N MET B 179 2.76 -3.34 -4.19
CA MET B 179 2.31 -2.05 -3.67
C MET B 179 1.86 -1.13 -4.79
N GLU B 180 2.55 -1.22 -5.93
CA GLU B 180 2.23 -0.39 -7.09
C GLU B 180 0.78 -0.61 -7.53
N GLN B 181 0.40 -1.88 -7.68
CA GLN B 181 -0.96 -2.23 -8.09
C GLN B 181 -1.97 -1.92 -6.98
N PHE B 182 -1.63 -2.25 -5.75
CA PHE B 182 -2.51 -2.00 -4.62
C PHE B 182 -2.80 -0.50 -4.50
N THR B 183 -1.78 0.31 -4.75
CA THR B 183 -1.93 1.76 -4.71
C THR B 183 -2.98 2.22 -5.72
N LYS B 184 -2.91 1.68 -6.93
CA LYS B 184 -3.90 1.98 -7.96
C LYS B 184 -5.30 1.62 -7.48
N ALA B 185 -5.43 0.45 -6.88
CA ALA B 185 -6.72 -0.02 -6.37
C ALA B 185 -7.21 0.85 -5.22
N ASN B 186 -6.28 1.43 -4.48
CA ASN B 186 -6.62 2.21 -3.29
C ASN B 186 -7.50 3.41 -3.60
N PHE B 187 -7.51 3.84 -4.86
CA PHE B 187 -8.34 4.96 -5.28
C PHE B 187 -9.80 4.73 -4.90
N TRP B 188 -10.23 3.48 -4.96
CA TRP B 188 -11.63 3.14 -4.73
C TRP B 188 -11.92 2.83 -3.26
N TYR B 189 -11.03 3.25 -2.37
CA TYR B 189 -11.26 3.16 -0.94
C TYR B 189 -11.79 4.49 -0.40
N GLN B 190 -11.66 5.55 -1.19
CA GLN B 190 -12.02 6.89 -0.77
C GLN B 190 -13.47 6.97 -0.25
N PRO B 191 -13.66 7.55 0.94
CA PRO B 191 -15.02 7.74 1.44
C PRO B 191 -15.68 9.00 0.89
N SER B 192 -14.88 9.90 0.31
CA SER B 192 -15.41 11.18 -0.14
C SER B 192 -14.63 11.78 -1.32
N PHE B 193 -14.67 11.12 -2.47
CA PHE B 193 -14.10 11.65 -3.69
C PHE B 193 -15.03 12.71 -4.29
N HIS B 194 -14.65 13.97 -4.15
CA HIS B 194 -15.53 15.08 -4.52
C HIS B 194 -16.88 14.93 -3.81
N GLY B 195 -16.84 14.38 -2.60
CA GLY B 195 -18.05 14.20 -1.80
C GLY B 195 -18.78 12.89 -2.04
N VAL B 196 -18.22 12.03 -2.88
CA VAL B 196 -18.84 10.74 -3.19
C VAL B 196 -18.10 9.61 -2.49
N ASP B 197 -18.86 8.69 -1.91
CA ASP B 197 -18.29 7.51 -1.27
C ASP B 197 -18.08 6.40 -2.28
N LEU B 198 -16.82 6.05 -2.52
CA LEU B 198 -16.48 5.05 -3.53
C LEU B 198 -16.16 3.69 -2.91
N SER B 199 -15.99 3.66 -1.59
CA SER B 199 -15.41 2.50 -0.92
C SER B 199 -16.14 1.19 -1.19
N ALA B 200 -17.44 1.26 -1.48
CA ALA B 200 -18.22 0.04 -1.74
C ALA B 200 -17.67 -0.75 -2.92
N LEU B 201 -16.90 -0.08 -3.79
CA LEU B 201 -16.32 -0.73 -4.97
C LEU B 201 -14.85 -1.12 -4.77
N ARG B 202 -14.33 -0.90 -3.58
CA ARG B 202 -12.91 -1.16 -3.30
C ARG B 202 -12.55 -2.62 -3.60
N GLY B 203 -13.45 -3.53 -3.26
CA GLY B 203 -13.24 -4.94 -3.52
C GLY B 203 -13.19 -5.27 -4.99
N ALA B 204 -14.12 -4.68 -5.75
CA ALA B 204 -14.18 -4.90 -7.19
C ALA B 204 -12.95 -4.31 -7.88
N ALA B 205 -12.46 -3.20 -7.37
CA ALA B 205 -11.29 -2.54 -7.95
C ALA B 205 -10.03 -3.38 -7.79
N VAL B 206 -9.81 -3.91 -6.60
CA VAL B 206 -8.64 -4.76 -6.35
C VAL B 206 -8.68 -5.99 -7.24
N ASP B 207 -9.86 -6.61 -7.34
CA ASP B 207 -10.01 -7.78 -8.21
C ASP B 207 -9.61 -7.45 -9.64
N GLU B 208 -10.05 -6.30 -10.12
CA GLU B 208 -9.78 -5.90 -11.50
C GLU B 208 -8.29 -5.68 -11.75
N TYR B 209 -7.64 -4.94 -10.87
CA TYR B 209 -6.21 -4.64 -11.04
C TYR B 209 -5.35 -5.88 -10.91
N PHE B 210 -5.70 -6.76 -9.98
CA PHE B 210 -4.92 -7.98 -9.78
C PHE B 210 -5.31 -9.05 -10.79
N ARG B 211 -6.32 -8.76 -11.60
CA ARG B 211 -6.68 -9.62 -12.71
C ARG B 211 -5.71 -9.45 -13.87
N GLN B 212 -4.91 -8.38 -13.82
CA GLN B 212 -4.01 -8.03 -14.90
C GLN B 212 -2.65 -8.70 -14.76
N PRO B 213 -2.31 -9.62 -15.69
CA PRO B 213 -0.93 -10.09 -15.65
C PRO B 213 0.02 -8.94 -15.98
N VAL B 214 1.20 -8.95 -15.40
CA VAL B 214 2.14 -7.84 -15.60
C VAL B 214 3.19 -8.25 -16.63
N VAL B 215 3.23 -7.54 -17.74
CA VAL B 215 4.20 -7.80 -18.79
C VAL B 215 5.36 -6.82 -18.67
N ASP B 216 6.53 -7.35 -18.37
CA ASP B 216 7.76 -6.58 -18.33
C ASP B 216 8.90 -7.53 -17.99
N THR B 217 10.07 -6.98 -17.71
CA THR B 217 11.21 -7.81 -17.33
C THR B 217 11.61 -7.50 -15.89
N PHE B 218 12.52 -8.29 -15.35
CA PHE B 218 12.91 -8.17 -13.95
C PHE B 218 14.25 -8.83 -13.69
N ASP B 219 14.83 -8.50 -12.53
CA ASP B 219 16.08 -9.13 -12.10
C ASP B 219 15.80 -10.55 -11.65
N ILE B 220 16.62 -11.49 -12.10
CA ILE B 220 16.42 -12.91 -11.79
C ILE B 220 16.53 -13.19 -10.29
N ARG B 221 17.07 -12.22 -9.54
CA ARG B 221 17.25 -12.41 -8.11
C ARG B 221 15.94 -12.30 -7.32
N ILE B 222 14.85 -11.95 -8.00
CA ILE B 222 13.56 -11.89 -7.34
C ILE B 222 12.95 -13.30 -7.28
N LEU B 223 13.50 -14.21 -8.06
CA LEU B 223 12.98 -15.57 -8.11
C LEU B 223 13.41 -16.36 -6.88
N MET B 224 12.46 -17.05 -6.26
CA MET B 224 12.68 -17.66 -4.96
C MET B 224 12.81 -19.17 -5.04
N ALA B 225 12.73 -19.73 -6.25
CA ALA B 225 12.89 -21.17 -6.43
C ALA B 225 13.17 -21.49 -7.89
N LYS B 226 13.77 -22.64 -8.12
CA LYS B 226 14.02 -23.11 -9.49
C LYS B 226 12.70 -23.33 -10.21
N SER B 227 12.63 -22.90 -11.46
CA SER B 227 11.38 -22.90 -12.20
C SER B 227 10.84 -24.30 -12.45
N VAL B 228 9.52 -24.39 -12.63
CA VAL B 228 8.86 -25.61 -13.07
C VAL B 228 8.58 -25.48 -14.56
N LYS B 229 8.72 -26.59 -15.28
CA LYS B 229 8.57 -26.56 -16.74
C LYS B 229 7.37 -27.37 -17.21
N TYR B 230 6.61 -26.79 -18.14
CA TYR B 230 5.50 -27.48 -18.77
C TYR B 230 5.72 -27.45 -20.28
N THR B 231 5.75 -28.64 -20.90
CA THR B 231 6.13 -28.75 -22.30
C THR B 231 4.95 -29.13 -23.20
N VAL B 232 4.85 -28.43 -24.33
CA VAL B 232 3.89 -28.79 -25.36
C VAL B 232 4.63 -29.24 -26.61
N ASN B 233 4.41 -30.47 -27.03
CA ASN B 233 5.01 -30.99 -28.24
C ASN B 233 4.07 -30.74 -29.42
N PHE B 234 4.47 -29.83 -30.30
CA PHE B 234 3.60 -29.39 -31.41
C PHE B 234 3.41 -30.49 -32.45
N LEU B 235 4.31 -31.47 -32.49
CA LEU B 235 4.19 -32.58 -33.42
C LEU B 235 3.09 -33.55 -32.99
N GLU B 236 2.81 -33.62 -31.68
CA GLU B 236 1.90 -34.61 -31.15
C GLU B 236 0.56 -34.03 -30.69
N ALA B 237 0.59 -32.79 -30.22
CA ALA B 237 -0.59 -32.20 -29.60
C ALA B 237 -1.74 -31.97 -30.57
N LYS B 238 -2.96 -32.11 -30.07
CA LYS B 238 -4.17 -31.75 -30.81
C LYS B 238 -4.60 -30.36 -30.35
N GLU B 239 -5.24 -29.59 -31.23
CA GLU B 239 -5.65 -28.24 -30.85
C GLU B 239 -6.65 -28.30 -29.70
N GLY B 240 -7.39 -29.40 -29.61
CA GLY B 240 -8.28 -29.62 -28.48
C GLY B 240 -7.54 -29.69 -27.15
N ASP B 241 -6.26 -30.04 -27.21
CA ASP B 241 -5.44 -30.12 -26.00
C ASP B 241 -5.27 -28.78 -25.31
N LEU B 242 -5.47 -27.69 -26.06
CA LEU B 242 -5.15 -26.35 -25.56
C LEU B 242 -6.38 -25.59 -25.08
N HIS B 243 -7.54 -26.24 -25.05
CA HIS B 243 -8.75 -25.60 -24.54
C HIS B 243 -8.65 -25.49 -23.03
N ARG B 244 -8.05 -26.50 -22.41
CA ARG B 244 -7.83 -26.53 -20.98
C ARG B 244 -6.41 -26.99 -20.69
N ILE B 245 -5.59 -26.10 -20.15
CA ILE B 245 -4.20 -26.42 -19.85
C ILE B 245 -4.00 -26.36 -18.34
N GLU B 246 -3.65 -27.51 -17.76
CA GLU B 246 -3.46 -27.62 -16.32
C GLU B 246 -1.99 -27.84 -16.00
N ILE B 247 -1.41 -26.89 -15.27
CA ILE B 247 0.01 -26.95 -14.92
C ILE B 247 0.18 -27.03 -13.41
N PRO B 248 0.32 -28.26 -12.88
CA PRO B 248 0.59 -28.39 -11.44
C PRO B 248 2.05 -28.07 -11.13
N PHE B 249 2.33 -27.61 -9.92
CA PHE B 249 3.69 -27.25 -9.55
C PHE B 249 3.99 -27.52 -8.09
N LYS B 250 5.24 -27.85 -7.81
CA LYS B 250 5.74 -28.03 -6.47
C LYS B 250 7.13 -27.40 -6.39
N PHE B 251 7.20 -26.19 -5.83
CA PHE B 251 8.47 -25.48 -5.73
C PHE B 251 9.17 -25.77 -4.41
N HIS B 252 10.47 -26.05 -4.48
CA HIS B 252 11.29 -26.15 -3.29
C HIS B 252 11.95 -24.80 -3.05
N MET B 253 11.43 -24.05 -2.08
CA MET B 253 11.83 -22.67 -1.87
C MET B 253 13.30 -22.56 -1.48
N LEU B 254 14.04 -21.73 -2.23
CA LEU B 254 15.46 -21.56 -1.99
C LEU B 254 15.74 -20.36 -1.09
N HIS B 255 14.76 -19.47 -0.95
CA HIS B 255 14.91 -18.30 -0.09
C HIS B 255 13.66 -18.11 0.76
N SER B 256 13.83 -17.43 1.89
CA SER B 256 12.71 -17.10 2.76
C SER B 256 12.17 -15.72 2.39
N GLY B 257 10.87 -15.52 2.57
CA GLY B 257 10.26 -14.23 2.32
C GLY B 257 8.85 -14.30 1.78
N LEU B 258 8.36 -13.17 1.29
CA LEU B 258 7.02 -13.07 0.74
C LEU B 258 7.00 -13.49 -0.73
N VAL B 259 6.12 -14.42 -1.06
CA VAL B 259 5.86 -14.77 -2.44
C VAL B 259 4.70 -13.91 -2.92
N HIS B 260 4.99 -12.98 -3.83
CA HIS B 260 3.99 -12.04 -4.30
C HIS B 260 3.28 -12.55 -5.56
N GLY B 261 3.78 -13.63 -6.13
CA GLY B 261 3.13 -14.25 -7.28
C GLY B 261 4.02 -15.20 -8.06
N LEU B 262 3.57 -15.56 -9.26
CA LEU B 262 4.32 -16.46 -10.13
C LEU B 262 4.79 -15.72 -11.38
N ALA B 263 6.03 -15.97 -11.78
CA ALA B 263 6.59 -15.39 -12.99
C ALA B 263 6.56 -16.42 -14.11
N PHE B 264 6.30 -15.97 -15.33
CA PHE B 264 6.18 -16.86 -16.47
C PHE B 264 7.09 -16.44 -17.62
N TRP B 265 7.70 -17.41 -18.29
CA TRP B 265 8.38 -17.18 -19.56
C TRP B 265 8.32 -18.47 -20.36
N PHE B 266 8.81 -18.46 -21.59
CA PHE B 266 8.77 -19.66 -22.41
C PHE B 266 9.95 -19.78 -23.36
N ASP B 267 10.29 -21.03 -23.66
CA ASP B 267 11.27 -21.37 -24.71
C ASP B 267 10.58 -22.17 -25.80
N VAL B 268 11.02 -22.01 -27.05
CA VAL B 268 10.60 -22.90 -28.11
C VAL B 268 11.85 -23.50 -28.76
N ALA B 269 11.74 -24.74 -29.23
CA ALA B 269 12.86 -25.41 -29.88
C ALA B 269 12.52 -25.77 -31.32
N PHE B 270 13.43 -25.43 -32.22
CA PHE B 270 13.35 -25.86 -33.60
C PHE B 270 14.23 -27.10 -33.75
N ILE B 271 13.60 -28.27 -33.76
CA ILE B 271 14.33 -29.53 -33.77
C ILE B 271 14.52 -29.99 -35.20
N GLY B 272 15.59 -29.51 -35.83
CA GLY B 272 15.87 -29.84 -37.22
C GLY B 272 16.74 -31.08 -37.36
N SER B 273 17.07 -31.42 -38.60
CA SER B 273 17.89 -32.59 -38.89
C SER B 273 19.36 -32.33 -38.56
N ILE B 274 19.80 -31.10 -38.74
CA ILE B 274 21.20 -30.74 -38.56
C ILE B 274 21.47 -30.36 -37.12
N MET B 275 20.61 -29.53 -36.54
CA MET B 275 20.76 -29.11 -35.15
C MET B 275 19.48 -28.56 -34.57
N THR B 276 19.41 -28.56 -33.24
CA THR B 276 18.29 -27.98 -32.52
C THR B 276 18.62 -26.55 -32.12
N VAL B 277 17.75 -25.62 -32.50
CA VAL B 277 17.95 -24.21 -32.19
C VAL B 277 16.85 -23.75 -31.23
N TRP B 278 17.27 -23.11 -30.14
CA TRP B 278 16.34 -22.65 -29.12
C TRP B 278 16.10 -21.14 -29.22
N LEU B 279 14.84 -20.74 -29.05
CA LEU B 279 14.49 -19.34 -28.87
C LEU B 279 13.92 -19.20 -27.45
N SER B 280 14.58 -18.41 -26.63
CA SER B 280 14.23 -18.29 -25.22
C SER B 280 13.81 -16.88 -24.83
N THR B 281 12.78 -16.78 -24.00
CA THR B 281 12.34 -15.49 -23.46
C THR B 281 12.59 -15.44 -21.95
N ALA B 282 13.48 -16.30 -21.46
CA ALA B 282 13.80 -16.34 -20.04
C ALA B 282 14.50 -15.05 -19.61
N PRO B 283 14.35 -14.67 -18.34
CA PRO B 283 14.96 -13.42 -17.85
C PRO B 283 16.47 -13.50 -17.72
N THR B 284 17.04 -14.69 -17.94
CA THR B 284 18.49 -14.85 -17.99
C THR B 284 19.01 -14.62 -19.41
N GLU B 285 18.09 -14.41 -20.35
CA GLU B 285 18.46 -14.25 -21.75
C GLU B 285 18.16 -12.82 -22.21
N PRO B 286 18.74 -12.42 -23.37
CA PRO B 286 18.45 -11.10 -23.92
C PRO B 286 16.95 -10.86 -24.10
N LEU B 287 16.51 -9.65 -23.84
CA LEU B 287 15.09 -9.32 -23.83
C LEU B 287 14.46 -9.41 -25.22
N THR B 288 13.24 -9.94 -25.28
CA THR B 288 12.47 -10.01 -26.52
C THR B 288 11.20 -9.19 -26.37
N HIS B 289 10.43 -9.07 -27.46
CA HIS B 289 9.18 -8.31 -27.42
C HIS B 289 8.10 -9.05 -26.63
N TRP B 290 8.40 -10.28 -26.21
CA TRP B 290 7.50 -11.03 -25.33
C TRP B 290 7.78 -10.69 -23.86
N TYR B 291 8.97 -10.17 -23.59
CA TYR B 291 9.36 -9.81 -22.23
C TYR B 291 9.17 -11.02 -21.31
N GLN B 292 8.64 -10.79 -20.12
CA GLN B 292 8.19 -11.87 -19.24
C GLN B 292 6.84 -11.49 -18.65
N VAL B 293 6.15 -12.46 -18.05
CA VAL B 293 4.81 -12.24 -17.52
C VAL B 293 4.74 -12.67 -16.06
N ARG B 294 4.21 -11.79 -15.22
CA ARG B 294 4.05 -12.10 -13.80
C ARG B 294 2.59 -12.02 -13.37
N CYS B 295 2.13 -13.04 -12.67
CA CYS B 295 0.79 -13.07 -12.10
C CYS B 295 0.86 -12.87 -10.60
N LEU B 296 0.31 -11.75 -10.13
CA LEU B 296 0.35 -11.39 -8.72
C LEU B 296 -0.70 -12.13 -7.90
N PHE B 297 -0.37 -12.41 -6.65
CA PHE B 297 -1.35 -12.85 -5.67
C PHE B 297 -2.00 -11.63 -5.05
N GLN B 298 -3.30 -11.71 -4.76
CA GLN B 298 -3.97 -10.61 -4.09
C GLN B 298 -3.40 -10.46 -2.68
N SER B 299 -3.02 -11.59 -2.09
CA SER B 299 -2.34 -11.60 -0.80
C SER B 299 -1.09 -12.45 -0.89
N PRO B 300 0.10 -11.85 -0.64
CA PRO B 300 1.32 -12.64 -0.73
C PRO B 300 1.38 -13.77 0.29
N LEU B 301 2.15 -14.81 -0.02
CA LEU B 301 2.32 -15.93 0.89
C LEU B 301 3.72 -15.90 1.49
N PHE B 302 3.81 -15.93 2.82
CA PHE B 302 5.11 -16.05 3.45
C PHE B 302 5.57 -17.49 3.44
N ALA B 303 6.84 -17.70 3.12
CA ALA B 303 7.44 -19.02 3.16
C ALA B 303 8.90 -18.92 3.54
N LYS B 304 9.42 -19.95 4.22
CA LYS B 304 10.83 -20.03 4.55
C LYS B 304 11.55 -20.95 3.57
N ALA B 305 12.84 -20.70 3.36
CA ALA B 305 13.65 -21.58 2.53
C ALA B 305 13.51 -23.00 3.03
N GLY B 306 13.39 -23.95 2.12
CA GLY B 306 13.18 -25.34 2.47
C GLY B 306 11.72 -25.74 2.44
N ASP B 307 10.84 -24.75 2.61
CA ASP B 307 9.40 -25.01 2.53
C ASP B 307 9.03 -25.43 1.11
N THR B 308 7.82 -25.97 0.97
CA THR B 308 7.30 -26.35 -0.34
C THR B 308 6.10 -25.50 -0.71
N LEU B 309 6.13 -24.94 -1.91
CA LEU B 309 5.00 -24.20 -2.45
C LEU B 309 4.37 -24.99 -3.58
N SER B 310 3.16 -25.49 -3.35
CA SER B 310 2.51 -26.37 -4.31
C SER B 310 1.17 -25.81 -4.74
N GLY B 311 0.74 -26.21 -5.94
CA GLY B 311 -0.56 -25.80 -6.43
C GLY B 311 -0.76 -26.03 -7.91
N THR B 312 -1.66 -25.25 -8.50
CA THR B 312 -2.01 -25.44 -9.91
C THR B 312 -2.21 -24.11 -10.62
N CYS B 313 -1.66 -24.03 -11.83
CA CYS B 313 -1.96 -22.93 -12.74
C CYS B 313 -2.83 -23.50 -13.85
N LEU B 314 -4.07 -23.02 -13.91
CA LEU B 314 -5.04 -23.55 -14.87
C LEU B 314 -5.41 -22.49 -15.90
N LEU B 315 -5.29 -22.87 -17.17
CA LEU B 315 -5.60 -21.99 -18.28
C LEU B 315 -6.84 -22.48 -19.03
N ILE B 316 -7.88 -21.67 -19.02
CA ILE B 316 -9.12 -22.01 -19.72
C ILE B 316 -9.29 -21.09 -20.92
N ALA B 317 -9.25 -21.67 -22.11
CA ALA B 317 -9.39 -20.89 -23.34
C ALA B 317 -10.76 -20.24 -23.41
N ASN B 318 -10.80 -18.97 -23.80
CA ASN B 318 -12.06 -18.25 -23.98
C ASN B 318 -12.17 -17.79 -25.43
N LYS B 319 -13.32 -17.25 -25.80
CA LYS B 319 -13.60 -16.91 -27.18
C LYS B 319 -13.03 -15.54 -27.58
N ARG B 320 -12.30 -14.91 -26.68
CA ARG B 320 -11.61 -13.67 -26.99
C ARG B 320 -10.14 -13.94 -27.34
N GLN B 321 -9.87 -15.14 -27.83
CA GLN B 321 -8.54 -15.52 -28.30
C GLN B 321 -7.50 -15.40 -27.19
N SER B 322 -7.89 -15.75 -25.97
CA SER B 322 -6.97 -15.74 -24.85
C SER B 322 -7.39 -16.76 -23.82
N TYR B 323 -6.89 -16.63 -22.60
CA TYR B 323 -7.19 -17.59 -21.54
C TYR B 323 -7.63 -16.92 -20.25
N ASP B 324 -8.53 -17.60 -19.55
CA ASP B 324 -8.85 -17.26 -18.18
C ASP B 324 -7.91 -18.04 -17.28
N ILE B 325 -7.13 -17.32 -16.47
CA ILE B 325 -6.09 -17.96 -15.66
C ILE B 325 -6.54 -18.07 -14.22
N SER B 326 -6.50 -19.27 -13.68
CA SER B 326 -6.71 -19.45 -12.25
C SER B 326 -5.44 -20.05 -11.66
N ILE B 327 -4.86 -19.34 -10.71
CA ILE B 327 -3.68 -19.83 -10.01
C ILE B 327 -4.05 -20.05 -8.55
N VAL B 328 -3.79 -21.26 -8.08
CA VAL B 328 -3.95 -21.57 -6.67
C VAL B 328 -2.61 -22.09 -6.17
N ALA B 329 -2.12 -21.45 -5.11
CA ALA B 329 -0.83 -21.83 -4.53
C ALA B 329 -0.94 -21.98 -3.01
N GLN B 330 -0.17 -22.90 -2.46
CA GLN B 330 -0.24 -23.19 -1.04
C GLN B 330 1.13 -23.51 -0.47
N VAL B 331 1.44 -22.91 0.68
CA VAL B 331 2.63 -23.29 1.44
C VAL B 331 2.27 -24.55 2.23
N ASP B 332 2.84 -25.67 1.82
CA ASP B 332 2.44 -26.97 2.35
C ASP B 332 2.66 -27.12 3.85
N GLN B 333 3.69 -26.45 4.38
CA GLN B 333 4.05 -26.61 5.78
C GLN B 333 3.10 -25.85 6.72
N THR B 334 2.45 -24.81 6.22
CA THR B 334 1.60 -23.96 7.04
C THR B 334 0.14 -23.97 6.60
N GLY B 335 -0.10 -24.41 5.37
CA GLY B 335 -1.45 -24.38 4.83
C GLY B 335 -1.89 -23.01 4.39
N SER B 336 -0.94 -22.07 4.33
CA SER B 336 -1.21 -20.73 3.80
C SER B 336 -1.50 -20.84 2.31
N LYS B 337 -2.67 -20.36 1.90
CA LYS B 337 -3.16 -20.60 0.56
C LYS B 337 -3.59 -19.31 -0.12
N SER B 338 -3.28 -19.18 -1.40
CA SER B 338 -3.67 -18.01 -2.18
C SER B 338 -4.26 -18.40 -3.53
N SER B 339 -5.33 -17.71 -3.90
CA SER B 339 -6.01 -17.95 -5.16
C SER B 339 -6.15 -16.64 -5.91
N ASN B 340 -5.94 -16.68 -7.22
CA ASN B 340 -6.19 -15.50 -8.04
C ASN B 340 -6.68 -15.90 -9.42
N LEU B 341 -7.45 -15.01 -10.02
CA LEU B 341 -7.95 -15.20 -11.36
C LEU B 341 -7.42 -14.06 -12.22
N LEU B 342 -6.97 -14.38 -13.42
CA LEU B 342 -6.38 -13.36 -14.27
C LEU B 342 -6.90 -13.45 -15.70
N ASP B 343 -6.96 -12.29 -16.34
CA ASP B 343 -7.45 -12.18 -17.71
C ASP B 343 -6.29 -11.90 -18.65
N LEU B 344 -5.78 -12.96 -19.27
CA LEU B 344 -4.55 -12.87 -20.04
C LEU B 344 -4.67 -11.94 -21.24
N LYS B 345 -5.89 -11.71 -21.70
CA LYS B 345 -6.10 -10.89 -22.89
C LYS B 345 -5.71 -9.44 -22.64
N ASN B 346 -5.88 -8.99 -21.40
CA ASN B 346 -5.69 -7.57 -21.07
C ASN B 346 -4.67 -7.37 -19.96
N PRO B 347 -3.38 -7.55 -20.29
CA PRO B 347 -2.29 -7.39 -19.32
C PRO B 347 -1.90 -5.95 -19.08
N PHE B 348 -1.13 -5.71 -18.04
CA PHE B 348 -0.58 -4.39 -17.75
C PHE B 348 0.87 -4.33 -18.24
N PHE B 349 1.09 -3.55 -19.30
CA PHE B 349 2.43 -3.35 -19.84
C PHE B 349 3.18 -2.34 -18.99
N ARG B 350 4.16 -2.82 -18.24
CA ARG B 350 4.85 -2.01 -17.24
C ARG B 350 6.20 -1.49 -17.74
N TYR B 351 6.78 -2.19 -18.71
CA TYR B 351 8.12 -1.87 -19.21
C TYR B 351 8.24 -0.41 -19.67
N THR B 352 9.38 0.19 -19.35
CA THR B 352 9.68 1.56 -19.76
C THR B 352 11.14 1.68 -20.16
N SER C 10 -11.52 -14.25 43.16
CA SER C 10 -10.99 -15.35 42.37
C SER C 10 -9.50 -15.57 42.63
N VAL C 11 -8.96 -16.67 42.13
CA VAL C 11 -7.53 -16.96 42.29
C VAL C 11 -6.71 -15.87 41.62
N PHE C 12 -7.17 -15.42 40.45
CA PHE C 12 -6.42 -14.42 39.69
C PHE C 12 -6.35 -13.09 40.43
N SER C 13 -7.50 -12.57 40.82
CA SER C 13 -7.57 -11.25 41.43
C SER C 13 -6.83 -11.21 42.76
N GLU C 14 -6.81 -12.34 43.45
CA GLU C 14 -6.15 -12.42 44.76
C GLU C 14 -4.63 -12.32 44.63
N ARG C 15 -4.09 -12.75 43.49
CA ARG C 15 -2.64 -12.73 43.29
C ARG C 15 -2.18 -11.58 42.41
N THR C 16 -3.10 -10.71 42.02
CA THR C 16 -2.78 -9.65 41.07
C THR C 16 -3.33 -8.29 41.50
N GLU C 17 -2.44 -7.30 41.55
CA GLU C 17 -2.87 -5.91 41.76
C GLU C 17 -3.72 -5.48 40.58
N GLU C 18 -4.88 -4.90 40.85
CA GLU C 18 -5.81 -4.51 39.81
C GLU C 18 -5.13 -3.65 38.76
N SER C 19 -4.34 -2.67 39.21
CA SER C 19 -3.63 -1.76 38.32
C SER C 19 -2.82 -2.52 37.28
N SER C 20 -2.17 -3.61 37.69
CA SER C 20 -1.38 -4.43 36.80
C SER C 20 -2.27 -5.16 35.80
N ALA C 21 -3.38 -5.69 36.29
CA ALA C 21 -4.31 -6.44 35.44
C ALA C 21 -4.89 -5.57 34.33
N VAL C 22 -5.29 -4.35 34.69
CA VAL C 22 -5.80 -3.39 33.72
C VAL C 22 -4.81 -3.27 32.56
N GLN C 23 -3.61 -2.82 32.87
CA GLN C 23 -2.57 -2.63 31.86
C GLN C 23 -2.32 -3.91 31.07
N TYR C 24 -2.21 -5.02 31.77
CA TYR C 24 -1.92 -6.31 31.16
C TYR C 24 -2.94 -6.66 30.07
N PHE C 25 -4.23 -6.58 30.39
CA PHE C 25 -5.26 -7.00 29.45
C PHE C 25 -5.55 -5.91 28.42
N GLN C 26 -5.26 -4.66 28.76
CA GLN C 26 -5.32 -3.59 27.78
C GLN C 26 -4.27 -3.84 26.70
N PHE C 27 -3.09 -4.27 27.13
CA PHE C 27 -1.98 -4.58 26.24
C PHE C 27 -2.36 -5.61 25.18
N TYR C 28 -2.98 -6.70 25.60
CA TYR C 28 -3.32 -7.79 24.68
C TYR C 28 -4.62 -7.54 23.92
N GLY C 29 -5.30 -6.43 24.23
CA GLY C 29 -6.49 -6.05 23.51
C GLY C 29 -6.21 -5.46 22.14
N TYR C 30 -4.93 -5.15 21.88
CA TYR C 30 -4.52 -4.57 20.61
C TYR C 30 -4.29 -5.64 19.54
N LEU C 31 -4.84 -5.41 18.35
CA LEU C 31 -4.63 -6.31 17.23
C LEU C 31 -3.15 -6.33 16.83
N SER C 32 -2.49 -5.19 16.99
CA SER C 32 -1.08 -5.07 16.62
C SER C 32 -0.19 -5.98 17.46
N GLN C 33 -0.55 -6.19 18.73
CA GLN C 33 0.21 -7.08 19.60
C GLN C 33 -0.03 -8.54 19.26
N GLN C 34 -1.29 -8.88 19.01
CA GLN C 34 -1.62 -10.22 18.54
C GLN C 34 -0.85 -10.47 17.24
N GLN C 35 -0.85 -9.47 16.36
CA GLN C 35 -0.12 -9.56 15.11
C GLN C 35 1.36 -9.78 15.36
N ASN C 36 1.93 -9.02 16.30
CA ASN C 36 3.33 -9.17 16.65
C ASN C 36 3.64 -10.62 17.02
N MET C 37 2.78 -11.21 17.83
CA MET C 37 2.95 -12.59 18.26
C MET C 37 2.72 -13.55 17.09
N MET C 38 1.72 -13.25 16.26
CA MET C 38 1.36 -14.13 15.16
C MET C 38 2.42 -14.14 14.06
N GLN C 39 3.15 -13.04 13.92
CA GLN C 39 4.18 -12.92 12.88
C GLN C 39 5.49 -13.59 13.28
N ASP C 40 5.58 -14.04 14.53
CA ASP C 40 6.71 -14.86 14.95
C ASP C 40 6.52 -16.24 14.35
N TYR C 41 7.20 -16.50 13.24
CA TYR C 41 6.98 -17.74 12.49
C TYR C 41 7.38 -18.98 13.29
N VAL C 42 8.47 -18.87 14.04
CA VAL C 42 8.92 -19.97 14.88
C VAL C 42 7.80 -20.38 15.82
N ARG C 43 7.34 -19.42 16.61
CA ARG C 43 6.27 -19.64 17.59
C ARG C 43 5.03 -20.26 16.94
N THR C 44 4.43 -19.52 16.03
CA THR C 44 3.16 -19.91 15.40
C THR C 44 3.30 -21.19 14.60
N GLY C 45 4.34 -21.26 13.77
CA GLY C 45 4.59 -22.44 12.97
C GLY C 45 4.81 -23.68 13.79
N THR C 46 5.52 -23.53 14.91
CA THR C 46 5.82 -24.66 15.79
C THR C 46 4.55 -25.15 16.51
N TYR C 47 3.73 -24.22 17.00
CA TYR C 47 2.47 -24.59 17.61
C TYR C 47 1.58 -25.34 16.61
N GLN C 48 1.45 -24.78 15.41
CA GLN C 48 0.65 -25.41 14.36
C GLN C 48 1.17 -26.82 14.06
N ARG C 49 2.48 -26.93 13.90
CA ARG C 49 3.12 -28.21 13.61
C ARG C 49 2.88 -29.21 14.73
N ALA C 50 3.11 -28.77 15.97
CA ALA C 50 2.91 -29.62 17.14
C ALA C 50 1.48 -30.16 17.21
N ILE C 51 0.52 -29.30 16.91
CA ILE C 51 -0.89 -29.68 16.98
C ILE C 51 -1.25 -30.64 15.85
N LEU C 52 -0.89 -30.28 14.62
CA LEU C 52 -1.30 -31.03 13.44
C LEU C 52 -0.59 -32.38 13.31
N GLN C 53 0.71 -32.40 13.58
CA GLN C 53 1.48 -33.64 13.46
C GLN C 53 1.11 -34.62 14.58
N ASN C 54 0.36 -34.15 15.56
CA ASN C 54 -0.19 -35.01 16.60
C ASN C 54 -1.72 -35.02 16.51
N HIS C 55 -2.21 -35.17 15.28
CA HIS C 55 -3.65 -35.08 15.01
C HIS C 55 -4.48 -36.07 15.82
N THR C 56 -3.88 -37.18 16.21
CA THR C 56 -4.57 -38.20 16.99
C THR C 56 -4.92 -37.68 18.38
N ASP C 57 -4.18 -36.67 18.84
CA ASP C 57 -4.42 -36.09 20.15
C ASP C 57 -5.58 -35.09 20.14
N PHE C 58 -6.12 -34.81 18.96
CA PHE C 58 -7.14 -33.78 18.82
C PHE C 58 -8.41 -34.26 18.12
N LYS C 59 -8.29 -35.16 17.15
CA LYS C 59 -9.44 -35.57 16.35
C LYS C 59 -10.60 -36.04 17.23
N ASP C 60 -11.75 -35.40 17.07
CA ASP C 60 -12.97 -35.74 17.81
C ASP C 60 -12.79 -35.55 19.32
N LYS C 61 -11.84 -34.69 19.72
CA LYS C 61 -11.58 -34.44 21.13
C LYS C 61 -12.21 -33.12 21.59
N ILE C 62 -12.31 -32.95 22.90
CA ILE C 62 -12.76 -31.69 23.49
C ILE C 62 -11.53 -30.92 23.96
N VAL C 63 -11.39 -29.68 23.48
CA VAL C 63 -10.18 -28.90 23.71
C VAL C 63 -10.48 -27.64 24.51
N LEU C 64 -9.53 -27.27 25.37
CA LEU C 64 -9.58 -25.97 26.04
C LEU C 64 -8.39 -25.12 25.64
N ASP C 65 -8.67 -23.94 25.07
CA ASP C 65 -7.63 -22.98 24.72
C ASP C 65 -7.58 -21.86 25.75
N VAL C 66 -6.52 -21.85 26.56
CA VAL C 66 -6.40 -20.87 27.64
C VAL C 66 -5.74 -19.59 27.13
N GLY C 67 -6.50 -18.51 27.09
CA GLY C 67 -6.01 -17.25 26.57
C GLY C 67 -5.82 -17.30 25.07
N CYS C 68 -6.94 -17.48 24.36
CA CYS C 68 -6.90 -17.76 22.92
C CYS C 68 -6.47 -16.55 22.10
N GLY C 69 -6.55 -15.36 22.68
CA GLY C 69 -6.25 -14.14 21.95
C GLY C 69 -7.08 -14.04 20.68
N SER C 70 -6.40 -14.01 19.53
CA SER C 70 -7.07 -13.94 18.25
C SER C 70 -7.81 -15.25 17.94
N GLY C 71 -7.38 -16.33 18.59
CA GLY C 71 -8.03 -17.62 18.44
C GLY C 71 -7.23 -18.58 17.55
N ILE C 72 -6.02 -18.18 17.18
CA ILE C 72 -5.22 -18.92 16.22
C ILE C 72 -5.02 -20.38 16.63
N LEU C 73 -4.72 -20.62 17.90
CA LEU C 73 -4.44 -21.99 18.36
C LEU C 73 -5.71 -22.86 18.30
N SER C 74 -6.86 -22.25 18.54
CA SER C 74 -8.13 -22.96 18.44
C SER C 74 -8.41 -23.37 16.99
N PHE C 75 -8.08 -22.49 16.05
CA PHE C 75 -8.24 -22.80 14.64
C PHE C 75 -7.32 -23.97 14.27
N PHE C 76 -6.10 -23.96 14.82
CA PHE C 76 -5.18 -25.08 14.62
C PHE C 76 -5.80 -26.36 15.18
N ALA C 77 -6.40 -26.27 16.36
CA ALA C 77 -7.07 -27.41 16.96
C ALA C 77 -8.23 -27.88 16.08
N ALA C 78 -8.89 -26.93 15.43
CA ALA C 78 -9.98 -27.24 14.52
C ALA C 78 -9.44 -27.95 13.28
N GLN C 79 -8.32 -27.47 12.76
CA GLN C 79 -7.66 -28.11 11.63
C GLN C 79 -7.32 -29.56 11.96
N ALA C 80 -7.03 -29.82 13.23
CA ALA C 80 -6.62 -31.16 13.67
C ALA C 80 -7.81 -32.09 13.88
N GLY C 81 -9.03 -31.55 13.77
CA GLY C 81 -10.23 -32.37 13.83
C GLY C 81 -10.93 -32.39 15.17
N ALA C 82 -10.65 -31.41 16.01
CA ALA C 82 -11.29 -31.33 17.33
C ALA C 82 -12.81 -31.23 17.18
N ARG C 83 -13.53 -31.88 18.10
CA ARG C 83 -14.99 -31.91 18.07
C ARG C 83 -15.56 -30.61 18.62
N LYS C 84 -14.96 -30.11 19.69
CA LYS C 84 -15.45 -28.91 20.37
C LYS C 84 -14.30 -28.21 21.09
N ILE C 85 -14.16 -26.91 20.88
CA ILE C 85 -13.07 -26.15 21.45
C ILE C 85 -13.62 -24.98 22.28
N TYR C 86 -13.28 -24.96 23.56
CA TYR C 86 -13.62 -23.83 24.42
C TYR C 86 -12.44 -22.87 24.46
N ALA C 87 -12.64 -21.68 23.89
CA ALA C 87 -11.58 -20.69 23.80
C ALA C 87 -11.83 -19.53 24.76
N VAL C 88 -11.07 -19.52 25.86
CA VAL C 88 -11.24 -18.52 26.91
C VAL C 88 -10.28 -17.35 26.69
N GLU C 89 -10.81 -16.13 26.78
CA GLU C 89 -10.01 -14.92 26.61
C GLU C 89 -10.55 -13.79 27.48
N ALA C 90 -9.69 -13.19 28.29
CA ALA C 90 -10.10 -12.20 29.28
C ALA C 90 -10.08 -10.76 28.72
N SER C 91 -9.21 -10.51 27.74
CA SER C 91 -9.12 -9.17 27.16
C SER C 91 -10.24 -8.97 26.15
N THR C 92 -10.34 -7.75 25.63
CA THR C 92 -11.37 -7.42 24.65
C THR C 92 -11.13 -8.11 23.32
N MET C 93 -9.93 -8.67 23.15
CA MET C 93 -9.62 -9.44 21.95
C MET C 93 -10.65 -10.55 21.72
N ALA C 94 -11.29 -10.98 22.81
CA ALA C 94 -12.32 -12.03 22.74
C ALA C 94 -13.40 -11.71 21.70
N GLN C 95 -13.72 -10.43 21.55
CA GLN C 95 -14.72 -10.00 20.58
C GLN C 95 -14.23 -10.24 19.15
N HIS C 96 -12.94 -10.04 18.93
CA HIS C 96 -12.35 -10.20 17.60
C HIS C 96 -12.20 -11.68 17.27
N ALA C 97 -11.91 -12.49 18.28
CA ALA C 97 -11.84 -13.94 18.10
C ALA C 97 -13.20 -14.47 17.66
N GLU C 98 -14.26 -13.96 18.28
CA GLU C 98 -15.62 -14.37 17.93
C GLU C 98 -15.92 -14.07 16.46
N VAL C 99 -15.48 -12.89 16.00
CA VAL C 99 -15.68 -12.50 14.62
C VAL C 99 -15.03 -13.52 13.68
N LEU C 100 -13.79 -13.90 13.99
CA LEU C 100 -13.05 -14.83 13.14
C LEU C 100 -13.68 -16.22 13.19
N VAL C 101 -14.22 -16.59 14.34
CA VAL C 101 -14.88 -17.88 14.46
C VAL C 101 -16.06 -17.92 13.49
N LYS C 102 -16.85 -16.85 13.48
CA LYS C 102 -18.01 -16.77 12.59
C LYS C 102 -17.59 -16.75 11.13
N SER C 103 -16.61 -15.92 10.80
CA SER C 103 -16.20 -15.75 9.41
C SER C 103 -15.49 -16.99 8.87
N ASN C 104 -14.99 -17.83 9.77
CA ASN C 104 -14.32 -19.07 9.36
C ASN C 104 -15.28 -20.26 9.47
N ASN C 105 -16.58 -19.97 9.64
CA ASN C 105 -17.62 -20.99 9.66
C ASN C 105 -17.34 -22.12 10.64
N LEU C 106 -16.95 -21.76 11.85
CA LEU C 106 -16.60 -22.76 12.87
C LEU C 106 -17.35 -22.52 14.18
N THR C 107 -18.49 -21.83 14.09
CA THR C 107 -19.31 -21.57 15.27
C THR C 107 -19.83 -22.85 15.88
N ASP C 108 -19.92 -23.90 15.07
CA ASP C 108 -20.41 -25.19 15.54
C ASP C 108 -19.37 -25.94 16.36
N ARG C 109 -18.13 -25.49 16.32
CA ARG C 109 -17.03 -26.23 16.92
C ARG C 109 -16.18 -25.38 17.88
N ILE C 110 -16.12 -24.07 17.65
CA ILE C 110 -15.36 -23.18 18.54
C ILE C 110 -16.32 -22.29 19.30
N VAL C 111 -16.16 -22.26 20.62
CA VAL C 111 -16.96 -21.41 21.48
C VAL C 111 -16.05 -20.43 22.22
N VAL C 112 -16.20 -19.15 21.93
CA VAL C 112 -15.42 -18.12 22.59
C VAL C 112 -16.06 -17.77 23.92
N ILE C 113 -15.26 -17.84 24.98
CA ILE C 113 -15.72 -17.54 26.33
C ILE C 113 -14.98 -16.31 26.86
N PRO C 114 -15.66 -15.15 26.87
CA PRO C 114 -14.99 -13.95 27.43
C PRO C 114 -14.85 -14.02 28.94
N GLY C 115 -13.67 -13.69 29.45
CA GLY C 115 -13.41 -13.71 30.88
C GLY C 115 -12.11 -14.41 31.24
N LYS C 116 -11.75 -14.34 32.52
CA LYS C 116 -10.55 -14.99 33.01
C LYS C 116 -10.83 -16.46 33.28
N VAL C 117 -9.86 -17.32 32.97
CA VAL C 117 -10.06 -18.76 33.09
C VAL C 117 -10.29 -19.17 34.54
N GLU C 118 -9.85 -18.33 35.47
CA GLU C 118 -10.04 -18.60 36.90
C GLU C 118 -11.46 -18.25 37.34
N GLU C 119 -12.20 -17.54 36.49
CA GLU C 119 -13.47 -16.96 36.89
C GLU C 119 -14.66 -17.48 36.09
N VAL C 120 -14.42 -17.84 34.82
CA VAL C 120 -15.51 -18.32 33.97
C VAL C 120 -15.92 -19.72 34.36
N SER C 121 -17.09 -20.13 33.91
CA SER C 121 -17.58 -21.49 34.12
C SER C 121 -17.60 -22.26 32.81
N LEU C 122 -16.90 -23.39 32.77
CA LEU C 122 -16.94 -24.27 31.62
C LEU C 122 -17.91 -25.41 31.89
N PRO C 123 -18.65 -25.85 30.86
CA PRO C 123 -19.70 -26.85 31.05
C PRO C 123 -19.19 -28.29 31.22
N GLU C 124 -17.99 -28.58 30.72
CA GLU C 124 -17.50 -29.96 30.75
C GLU C 124 -15.98 -30.07 30.83
N GLN C 125 -15.51 -31.26 31.18
CA GLN C 125 -14.08 -31.57 31.22
C GLN C 125 -13.58 -31.77 29.79
N VAL C 126 -12.29 -31.50 29.59
CA VAL C 126 -11.70 -31.54 28.25
C VAL C 126 -10.64 -32.63 28.17
N ASP C 127 -10.27 -32.99 26.94
CA ASP C 127 -9.27 -34.03 26.70
C ASP C 127 -7.86 -33.45 26.68
N ILE C 128 -7.75 -32.19 26.27
CA ILE C 128 -6.45 -31.55 26.14
C ILE C 128 -6.57 -30.03 26.28
N ILE C 129 -5.59 -29.43 26.93
CA ILE C 129 -5.52 -27.98 27.07
C ILE C 129 -4.38 -27.45 26.20
N ILE C 130 -4.68 -26.44 25.39
CA ILE C 130 -3.65 -25.75 24.62
C ILE C 130 -3.54 -24.30 25.09
N SER C 131 -2.35 -23.73 24.98
CA SER C 131 -2.12 -22.36 25.39
C SER C 131 -0.71 -21.89 25.07
N GLU C 132 -0.53 -20.58 25.01
CA GLU C 132 0.80 -19.98 24.91
C GLU C 132 0.96 -18.97 26.05
N PRO C 133 1.27 -19.48 27.27
CA PRO C 133 1.37 -18.67 28.47
C PRO C 133 2.80 -18.25 28.85
N MET C 134 3.76 -18.49 27.96
CA MET C 134 5.15 -18.19 28.26
C MET C 134 5.46 -16.71 28.08
N GLY C 135 6.21 -16.15 29.02
CA GLY C 135 6.71 -14.79 28.91
C GLY C 135 8.22 -14.76 28.92
N TYR C 136 8.81 -13.58 29.04
CA TYR C 136 10.26 -13.47 29.20
C TYR C 136 10.71 -14.39 30.32
N MET C 137 11.86 -15.04 30.13
CA MET C 137 12.38 -15.96 31.14
C MET C 137 11.35 -17.05 31.46
N LEU C 138 10.47 -17.32 30.50
CA LEU C 138 9.40 -18.31 30.65
C LEU C 138 8.31 -17.88 31.64
N PHE C 139 8.70 -17.45 32.84
CA PHE C 139 7.74 -17.26 33.92
C PHE C 139 7.09 -15.87 33.96
N ASN C 140 7.69 -14.88 33.31
CA ASN C 140 7.14 -13.52 33.35
C ASN C 140 5.69 -13.51 32.89
N GLU C 141 4.91 -12.59 33.47
CA GLU C 141 3.46 -12.47 33.24
C GLU C 141 2.67 -13.40 34.15
N ARG C 142 3.31 -14.44 34.66
CA ARG C 142 2.68 -15.38 35.59
C ARG C 142 1.44 -16.04 34.99
N MET C 143 1.42 -16.19 33.67
CA MET C 143 0.26 -16.79 33.01
C MET C 143 0.30 -18.32 33.11
N LEU C 144 1.48 -18.88 33.35
CA LEU C 144 1.60 -20.32 33.54
C LEU C 144 0.68 -20.82 34.66
N GLU C 145 0.43 -19.96 35.64
CA GLU C 145 -0.40 -20.34 36.77
C GLU C 145 -1.87 -20.45 36.34
N SER C 146 -2.27 -19.62 35.37
CA SER C 146 -3.61 -19.73 34.79
C SER C 146 -3.71 -21.03 34.00
N TYR C 147 -2.64 -21.33 33.28
CA TYR C 147 -2.55 -22.55 32.48
C TYR C 147 -2.70 -23.77 33.38
N LEU C 148 -1.95 -23.79 34.48
CA LEU C 148 -2.03 -24.90 35.43
C LEU C 148 -3.35 -24.88 36.19
N HIS C 149 -3.86 -23.69 36.46
CA HIS C 149 -5.16 -23.56 37.13
C HIS C 149 -6.26 -24.20 36.29
N ALA C 150 -6.13 -24.10 34.98
CA ALA C 150 -7.15 -24.62 34.05
C ALA C 150 -7.29 -26.14 34.11
N LYS C 151 -6.33 -26.81 34.73
CA LYS C 151 -6.36 -28.27 34.80
C LYS C 151 -7.51 -28.78 35.65
N LYS C 152 -8.22 -27.88 36.32
CA LYS C 152 -9.43 -28.28 37.05
C LYS C 152 -10.50 -28.72 36.05
N TYR C 153 -10.35 -28.33 34.79
CA TYR C 153 -11.26 -28.73 33.72
C TYR C 153 -10.70 -29.88 32.90
N LEU C 154 -9.58 -30.44 33.32
CA LEU C 154 -8.91 -31.49 32.54
C LEU C 154 -9.23 -32.88 33.08
N LYS C 155 -9.60 -33.78 32.18
CA LYS C 155 -9.80 -35.19 32.56
C LYS C 155 -8.49 -35.74 33.13
N PRO C 156 -8.58 -36.68 34.09
CA PRO C 156 -7.38 -37.23 34.71
C PRO C 156 -6.41 -37.84 33.69
N SER C 157 -6.94 -38.26 32.54
CA SER C 157 -6.12 -38.87 31.50
C SER C 157 -5.77 -37.88 30.39
N GLY C 158 -6.05 -36.61 30.62
CA GLY C 158 -5.87 -35.59 29.59
C GLY C 158 -4.43 -35.17 29.36
N ASN C 159 -4.22 -34.26 28.41
CA ASN C 159 -2.88 -33.83 28.06
C ASN C 159 -2.75 -32.30 28.04
N MET C 160 -1.51 -31.83 28.02
CA MET C 160 -1.22 -30.40 28.03
C MET C 160 -0.27 -30.05 26.89
N PHE C 161 -0.67 -29.08 26.08
CA PHE C 161 0.14 -28.59 24.96
C PHE C 161 0.42 -27.11 25.12
N PRO C 162 1.65 -26.74 25.55
CA PRO C 162 2.83 -27.57 25.79
C PRO C 162 2.75 -28.45 27.03
N THR C 163 3.49 -29.56 27.01
CA THR C 163 3.47 -30.51 28.12
C THR C 163 4.50 -30.13 29.18
N ILE C 164 5.68 -29.68 28.76
CA ILE C 164 6.72 -29.28 29.70
C ILE C 164 7.38 -27.99 29.27
N GLY C 165 8.00 -27.31 30.23
CA GLY C 165 8.77 -26.11 29.98
C GLY C 165 10.12 -26.17 30.68
N ASP C 166 11.19 -25.90 29.93
CA ASP C 166 12.54 -25.87 30.47
C ASP C 166 13.09 -24.45 30.47
N VAL C 167 13.50 -23.96 31.64
CA VAL C 167 14.24 -22.71 31.68
C VAL C 167 15.72 -23.05 31.76
N HIS C 168 16.52 -22.36 30.94
CA HIS C 168 17.95 -22.58 30.91
C HIS C 168 18.70 -21.37 31.46
N LEU C 169 19.67 -21.63 32.32
CA LEU C 169 20.54 -20.60 32.86
C LEU C 169 21.97 -20.88 32.45
N ALA C 170 22.72 -19.83 32.12
CA ALA C 170 24.14 -19.99 31.83
C ALA C 170 24.91 -18.71 32.18
N PRO C 171 26.12 -18.85 32.75
CA PRO C 171 26.92 -17.67 33.05
C PRO C 171 27.49 -17.04 31.78
N PHE C 172 27.55 -15.72 31.71
CA PHE C 172 28.07 -15.06 30.53
C PHE C 172 29.11 -14.00 30.88
N THR C 173 29.92 -13.64 29.89
CA THR C 173 30.84 -12.53 30.00
C THR C 173 30.49 -11.49 28.94
N ASP C 174 30.32 -10.25 29.37
CA ASP C 174 30.01 -9.15 28.45
C ASP C 174 30.49 -7.85 29.08
N GLU C 175 31.78 -7.59 28.91
CA GLU C 175 32.43 -6.42 29.49
C GLU C 175 31.69 -5.13 29.13
N GLN C 176 31.35 -5.00 27.85
CA GLN C 176 30.68 -3.79 27.37
C GLN C 176 29.31 -3.60 28.00
N LEU C 177 28.54 -4.69 28.13
CA LEU C 177 27.24 -4.60 28.77
C LEU C 177 27.39 -4.14 30.22
N TYR C 178 28.38 -4.68 30.91
CA TYR C 178 28.61 -4.33 32.31
C TYR C 178 29.01 -2.87 32.45
N MET C 179 29.94 -2.43 31.60
N MET C 179 29.93 -2.42 31.60
CA MET C 179 30.45 -1.07 31.63
CA MET C 179 30.43 -1.05 31.69
C MET C 179 29.35 -0.06 31.28
C MET C 179 29.38 -0.04 31.25
N GLU C 180 28.48 -0.46 30.35
CA GLU C 180 27.39 0.40 29.89
C GLU C 180 26.59 0.99 31.04
N GLN C 181 26.34 0.17 32.06
CA GLN C 181 25.55 0.60 33.21
C GLN C 181 26.19 1.82 33.88
N PHE C 182 27.50 1.77 34.05
CA PHE C 182 28.22 2.84 34.71
C PHE C 182 28.38 4.05 33.80
N THR C 183 28.57 3.82 32.51
CA THR C 183 28.63 4.92 31.56
C THR C 183 27.33 5.73 31.63
N LYS C 184 26.20 5.03 31.70
CA LYS C 184 24.91 5.69 31.81
C LYS C 184 24.71 6.37 33.15
N ALA C 185 25.08 5.67 34.22
CA ALA C 185 24.89 6.18 35.57
C ALA C 185 25.80 7.38 35.86
N ASN C 186 26.96 7.42 35.21
CA ASN C 186 27.94 8.48 35.48
C ASN C 186 27.47 9.83 34.95
N PHE C 187 26.36 9.85 34.22
CA PHE C 187 25.74 11.12 33.86
C PHE C 187 25.54 11.97 35.11
N TRP C 188 25.16 11.31 36.20
CA TRP C 188 24.88 12.00 37.45
C TRP C 188 26.15 12.44 38.16
N TYR C 189 27.29 11.88 37.77
CA TYR C 189 28.55 12.19 38.43
C TYR C 189 29.23 13.40 37.82
N GLN C 190 28.62 14.57 37.99
CA GLN C 190 29.24 15.81 37.57
C GLN C 190 28.83 16.93 38.53
N PRO C 191 29.77 17.82 38.87
CA PRO C 191 29.52 18.81 39.93
C PRO C 191 28.68 20.01 39.49
N SER C 192 28.50 20.20 38.19
CA SER C 192 27.77 21.37 37.73
C SER C 192 27.06 21.11 36.41
N PHE C 193 26.02 20.29 36.45
CA PHE C 193 25.11 20.16 35.34
C PHE C 193 24.20 21.38 35.36
N HIS C 194 24.48 22.34 34.48
CA HIS C 194 23.77 23.61 34.48
C HIS C 194 23.80 24.23 35.87
N GLY C 195 24.94 24.11 36.55
CA GLY C 195 25.12 24.72 37.85
C GLY C 195 24.75 23.83 39.03
N VAL C 196 24.26 22.63 38.76
CA VAL C 196 23.80 21.73 39.81
C VAL C 196 24.73 20.54 39.97
N ASP C 197 25.08 20.22 41.22
CA ASP C 197 25.86 19.04 41.54
C ASP C 197 24.94 17.83 41.63
N LEU C 198 25.08 16.90 40.69
CA LEU C 198 24.18 15.75 40.60
C LEU C 198 24.76 14.48 41.22
N SER C 199 26.01 14.56 41.67
CA SER C 199 26.78 13.36 42.01
C SER C 199 26.18 12.53 43.15
N ALA C 200 25.44 13.17 44.04
CA ALA C 200 24.86 12.48 45.20
C ALA C 200 23.84 11.42 44.78
N LEU C 201 23.38 11.48 43.53
CA LEU C 201 22.41 10.52 43.02
C LEU C 201 23.04 9.43 42.16
N ARG C 202 24.37 9.46 41.99
CA ARG C 202 25.04 8.51 41.13
C ARG C 202 24.82 7.07 41.60
N GLY C 203 24.99 6.84 42.90
CA GLY C 203 24.80 5.51 43.45
C GLY C 203 23.40 4.97 43.21
N ALA C 204 22.40 5.83 43.36
CA ALA C 204 21.02 5.43 43.15
C ALA C 204 20.77 5.06 41.70
N ALA C 205 21.39 5.80 40.79
CA ALA C 205 21.26 5.53 39.36
C ALA C 205 21.84 4.16 39.01
N VAL C 206 22.99 3.85 39.60
CA VAL C 206 23.63 2.55 39.39
C VAL C 206 22.70 1.43 39.84
N ASP C 207 22.20 1.53 41.06
CA ASP C 207 21.32 0.49 41.62
C ASP C 207 20.11 0.27 40.71
N GLU C 208 19.54 1.37 40.23
CA GLU C 208 18.38 1.30 39.36
C GLU C 208 18.66 0.48 38.10
N TYR C 209 19.79 0.74 37.45
CA TYR C 209 20.12 0.06 36.20
C TYR C 209 20.36 -1.44 36.43
N PHE C 210 20.99 -1.79 37.55
CA PHE C 210 21.34 -3.19 37.81
C PHE C 210 20.13 -4.02 38.20
N ARG C 211 19.06 -3.37 38.63
CA ARG C 211 17.83 -4.08 38.98
C ARG C 211 17.01 -4.45 37.75
N GLN C 212 17.42 -3.95 36.59
CA GLN C 212 16.72 -4.23 35.34
C GLN C 212 17.33 -5.41 34.60
N PRO C 213 16.61 -6.53 34.51
CA PRO C 213 17.12 -7.57 33.61
C PRO C 213 17.13 -7.05 32.17
N VAL C 214 18.11 -7.49 31.38
CA VAL C 214 18.28 -6.96 30.04
C VAL C 214 17.70 -7.92 29.01
N VAL C 215 16.73 -7.42 28.24
CA VAL C 215 16.13 -8.21 27.17
C VAL C 215 16.78 -7.86 25.85
N ASP C 216 17.47 -8.85 25.27
CA ASP C 216 18.01 -8.76 23.92
C ASP C 216 18.73 -10.07 23.63
N THR C 217 19.29 -10.20 22.44
CA THR C 217 20.00 -11.41 22.07
C THR C 217 21.50 -11.15 22.09
N PHE C 218 22.29 -12.20 21.86
CA PHE C 218 23.74 -12.11 21.96
C PHE C 218 24.41 -13.26 21.23
N ASP C 219 25.70 -13.11 20.97
CA ASP C 219 26.49 -14.16 20.36
C ASP C 219 26.72 -15.28 21.37
N ILE C 220 26.52 -16.52 20.96
CA ILE C 220 26.61 -17.66 21.86
C ILE C 220 28.00 -17.80 22.48
N ARG C 221 28.99 -17.10 21.91
CA ARG C 221 30.36 -17.21 22.38
C ARG C 221 30.61 -16.50 23.72
N ILE C 222 29.65 -15.70 24.18
CA ILE C 222 29.80 -15.03 25.47
C ILE C 222 29.47 -16.01 26.60
N LEU C 223 28.83 -17.12 26.25
CA LEU C 223 28.46 -18.13 27.23
C LEU C 223 29.69 -18.94 27.65
N MET C 224 29.82 -19.17 28.95
CA MET C 224 31.04 -19.74 29.50
C MET C 224 30.83 -21.13 30.10
N ALA C 225 29.63 -21.68 29.95
CA ALA C 225 29.35 -23.01 30.46
C ALA C 225 28.04 -23.56 29.90
N LYS C 226 27.95 -24.88 29.82
CA LYS C 226 26.72 -25.54 29.45
C LYS C 226 25.63 -25.06 30.41
N SER C 227 24.45 -24.75 29.87
CA SER C 227 23.39 -24.18 30.69
C SER C 227 22.89 -25.19 31.72
N VAL C 228 22.36 -24.66 32.82
CA VAL C 228 21.66 -25.49 33.80
C VAL C 228 20.18 -25.40 33.49
N LYS C 229 19.50 -26.53 33.59
CA LYS C 229 18.11 -26.62 33.17
C LYS C 229 17.20 -26.84 34.37
N TYR C 230 16.09 -26.11 34.41
CA TYR C 230 15.06 -26.33 35.42
C TYR C 230 13.74 -26.62 34.71
N THR C 231 13.20 -27.81 34.98
CA THR C 231 12.06 -28.31 34.23
C THR C 231 10.76 -28.20 35.01
N VAL C 232 9.74 -27.66 34.35
CA VAL C 232 8.39 -27.67 34.89
C VAL C 232 7.55 -28.63 34.06
N ASN C 233 7.04 -29.67 34.69
CA ASN C 233 6.13 -30.60 34.03
C ASN C 233 4.69 -30.11 34.26
N PHE C 234 4.06 -29.60 33.20
CA PHE C 234 2.76 -28.97 33.32
C PHE C 234 1.65 -29.96 33.63
N LEU C 235 1.89 -31.23 33.33
CA LEU C 235 0.94 -32.29 33.67
C LEU C 235 0.97 -32.61 35.16
N GLU C 236 2.12 -32.42 35.79
CA GLU C 236 2.30 -32.78 37.19
C GLU C 236 2.23 -31.58 38.13
N ALA C 237 2.64 -30.42 37.63
CA ALA C 237 2.79 -29.23 38.46
C ALA C 237 1.45 -28.67 38.93
N LYS C 238 1.47 -28.08 40.13
CA LYS C 238 0.35 -27.27 40.63
C LYS C 238 0.75 -25.81 40.49
N GLU C 239 -0.23 -24.92 40.35
CA GLU C 239 0.09 -23.50 40.14
C GLU C 239 0.88 -22.96 41.33
N GLY C 240 0.59 -23.47 42.52
CA GLY C 240 1.33 -23.09 43.72
C GLY C 240 2.83 -23.29 43.58
N ASP C 241 3.24 -24.22 42.73
CA ASP C 241 4.65 -24.54 42.53
C ASP C 241 5.42 -23.39 41.88
N LEU C 242 4.70 -22.43 41.31
CA LEU C 242 5.33 -21.33 40.60
C LEU C 242 5.37 -20.04 41.42
N HIS C 243 4.91 -20.10 42.67
CA HIS C 243 4.94 -18.94 43.54
C HIS C 243 6.36 -18.67 44.02
N ARG C 244 7.11 -19.74 44.23
CA ARG C 244 8.51 -19.64 44.63
C ARG C 244 9.32 -20.67 43.85
N ILE C 245 10.13 -20.19 42.91
CA ILE C 245 10.90 -21.09 42.05
C ILE C 245 12.37 -20.98 42.42
N GLU C 246 12.88 -22.02 43.08
CA GLU C 246 14.28 -22.05 43.49
C GLU C 246 15.09 -22.89 42.52
N ILE C 247 15.99 -22.24 41.80
CA ILE C 247 16.83 -22.91 40.81
C ILE C 247 18.26 -22.93 41.29
N PRO C 248 18.69 -24.03 41.93
CA PRO C 248 20.12 -24.12 42.26
C PRO C 248 20.93 -24.39 41.01
N PHE C 249 22.16 -23.91 40.97
CA PHE C 249 23.02 -24.17 39.83
C PHE C 249 24.46 -24.41 40.27
N LYS C 250 25.16 -25.26 39.54
CA LYS C 250 26.58 -25.44 39.70
C LYS C 250 27.20 -25.61 38.32
N PHE C 251 27.66 -24.50 37.76
CA PHE C 251 28.21 -24.50 36.41
C PHE C 251 29.64 -24.99 36.38
N HIS C 252 29.93 -25.86 35.42
CA HIS C 252 31.31 -26.28 35.17
C HIS C 252 31.88 -25.41 34.05
N MET C 253 32.74 -24.48 34.42
CA MET C 253 33.23 -23.47 33.49
C MET C 253 34.01 -24.11 32.34
N LEU C 254 33.60 -23.77 31.12
CA LEU C 254 34.26 -24.26 29.92
C LEU C 254 35.37 -23.32 29.48
N HIS C 255 35.25 -22.05 29.87
CA HIS C 255 36.24 -21.03 29.53
C HIS C 255 36.67 -20.26 30.77
N SER C 256 37.86 -19.66 30.69
CA SER C 256 38.37 -18.83 31.77
C SER C 256 38.02 -17.37 31.51
N GLY C 257 37.62 -16.66 32.55
CA GLY C 257 37.35 -15.23 32.41
C GLY C 257 36.44 -14.65 33.48
N LEU C 258 35.98 -13.43 33.24
CA LEU C 258 35.10 -12.73 34.18
C LEU C 258 33.63 -13.01 33.86
N VAL C 259 32.90 -13.53 34.84
CA VAL C 259 31.47 -13.76 34.71
C VAL C 259 30.71 -12.53 35.20
N HIS C 260 29.98 -11.90 34.29
CA HIS C 260 29.28 -10.66 34.62
C HIS C 260 27.84 -10.90 35.02
N GLY C 261 27.33 -12.10 34.77
CA GLY C 261 25.97 -12.44 35.17
C GLY C 261 25.45 -13.72 34.55
N LEU C 262 24.13 -13.89 34.61
CA LEU C 262 23.48 -15.09 34.11
C LEU C 262 22.57 -14.79 32.94
N ALA C 263 22.63 -15.64 31.93
CA ALA C 263 21.73 -15.54 30.77
C ALA C 263 20.58 -16.52 30.94
N PHE C 264 19.40 -16.12 30.47
CA PHE C 264 18.21 -16.96 30.59
C PHE C 264 17.54 -17.17 29.24
N TRP C 265 17.11 -18.39 28.98
CA TRP C 265 16.19 -18.66 27.87
C TRP C 265 15.34 -19.88 28.26
N PHE C 266 14.42 -20.26 27.38
CA PHE C 266 13.54 -21.38 27.70
C PHE C 266 13.10 -22.18 26.48
N ASP C 267 12.82 -23.45 26.72
CA ASP C 267 12.20 -24.33 25.73
C ASP C 267 10.88 -24.83 26.27
N VAL C 268 9.94 -25.13 25.39
CA VAL C 268 8.75 -25.88 25.78
C VAL C 268 8.64 -27.07 24.84
N ALA C 269 8.05 -28.15 25.33
CA ALA C 269 7.86 -29.35 24.52
C ALA C 269 6.40 -29.78 24.50
N PHE C 270 5.90 -30.07 23.30
CA PHE C 270 4.58 -30.65 23.13
C PHE C 270 4.72 -32.16 22.96
N ILE C 271 4.37 -32.91 24.01
CA ILE C 271 4.57 -34.36 23.99
C ILE C 271 3.27 -35.04 23.59
N GLY C 272 3.12 -35.27 22.30
CA GLY C 272 1.92 -35.91 21.76
C GLY C 272 2.06 -37.40 21.62
N SER C 273 1.03 -38.04 21.07
CA SER C 273 1.01 -39.48 20.91
C SER C 273 1.83 -39.92 19.70
N ILE C 274 1.94 -39.03 18.71
CA ILE C 274 2.69 -39.34 17.49
C ILE C 274 4.15 -38.90 17.65
N MET C 275 4.37 -37.72 18.22
CA MET C 275 5.72 -37.19 18.35
C MET C 275 5.83 -36.05 19.36
N THR C 276 7.06 -35.75 19.76
CA THR C 276 7.35 -34.61 20.60
C THR C 276 7.89 -33.46 19.74
N VAL C 277 7.27 -32.29 19.87
CA VAL C 277 7.72 -31.10 19.15
C VAL C 277 8.26 -30.08 20.15
N TRP C 278 9.45 -29.55 19.84
CA TRP C 278 10.11 -28.59 20.71
C TRP C 278 10.04 -27.18 20.14
N LEU C 279 9.73 -26.22 21.02
CA LEU C 279 9.85 -24.81 20.71
C LEU C 279 10.96 -24.21 21.58
N SER C 280 12.00 -23.70 20.94
CA SER C 280 13.17 -23.19 21.67
C SER C 280 13.41 -21.70 21.42
N THR C 281 13.78 -20.98 22.48
CA THR C 281 14.16 -19.58 22.37
C THR C 281 15.65 -19.42 22.67
N ALA C 282 16.38 -20.51 22.58
CA ALA C 282 17.81 -20.50 22.87
C ALA C 282 18.54 -19.57 21.91
N PRO C 283 19.70 -19.04 22.34
CA PRO C 283 20.49 -18.15 21.48
C PRO C 283 21.14 -18.88 20.31
N THR C 284 21.09 -20.22 20.33
CA THR C 284 21.60 -21.03 19.24
C THR C 284 20.54 -21.20 18.15
N GLU C 285 19.32 -20.76 18.42
CA GLU C 285 18.20 -20.94 17.52
C GLU C 285 17.77 -19.60 16.90
N PRO C 286 16.99 -19.65 15.81
CA PRO C 286 16.44 -18.41 15.25
C PRO C 286 15.77 -17.55 16.30
N LEU C 287 15.85 -16.23 16.15
CA LEU C 287 15.34 -15.32 17.17
C LEU C 287 13.81 -15.32 17.22
N THR C 288 13.28 -15.18 18.43
CA THR C 288 11.84 -15.09 18.65
C THR C 288 11.52 -13.78 19.35
N HIS C 289 10.24 -13.48 19.52
CA HIS C 289 9.83 -12.23 20.16
C HIS C 289 10.10 -12.27 21.67
N TRP C 290 10.54 -13.43 22.17
CA TRP C 290 10.95 -13.55 23.57
C TRP C 290 12.42 -13.16 23.75
N TYR C 291 13.19 -13.21 22.66
CA TYR C 291 14.61 -12.92 22.72
C TYR C 291 15.28 -13.79 23.78
N GLN C 292 16.23 -13.22 24.51
CA GLN C 292 16.78 -13.85 25.70
C GLN C 292 16.88 -12.81 26.81
N VAL C 293 17.15 -13.24 28.03
CA VAL C 293 17.23 -12.33 29.16
C VAL C 293 18.56 -12.52 29.89
N ARG C 294 19.17 -11.40 30.26
CA ARG C 294 20.42 -11.44 31.03
C ARG C 294 20.30 -10.64 32.32
N CYS C 295 20.73 -11.25 33.42
CA CYS C 295 20.76 -10.59 34.72
C CYS C 295 22.21 -10.42 35.16
N LEU C 296 22.61 -9.19 35.44
CA LEU C 296 23.96 -8.88 35.83
C LEU C 296 24.23 -9.17 37.31
N PHE C 297 25.44 -9.65 37.62
CA PHE C 297 25.94 -9.61 38.97
C PHE C 297 26.36 -8.18 39.30
N GLN C 298 26.32 -7.82 40.58
CA GLN C 298 26.74 -6.47 40.97
C GLN C 298 28.24 -6.32 40.78
N SER C 299 28.97 -7.41 41.04
CA SER C 299 30.41 -7.42 40.82
C SER C 299 30.78 -8.67 40.02
N PRO C 300 31.65 -8.53 39.01
CA PRO C 300 32.01 -9.73 38.23
C PRO C 300 32.80 -10.74 39.06
N LEU C 301 32.71 -12.01 38.68
CA LEU C 301 33.44 -13.07 39.36
C LEU C 301 34.42 -13.71 38.39
N PHE C 302 35.70 -13.74 38.74
CA PHE C 302 36.67 -14.42 37.90
C PHE C 302 36.59 -15.93 38.13
N ALA C 303 36.59 -16.68 37.03
CA ALA C 303 36.57 -18.14 37.10
C ALA C 303 37.50 -18.74 36.05
N LYS C 304 38.25 -19.76 36.45
CA LYS C 304 39.10 -20.48 35.52
C LYS C 304 38.32 -21.60 34.85
N ALA C 305 38.74 -21.99 33.66
CA ALA C 305 38.15 -23.15 33.00
C ALA C 305 38.34 -24.36 33.92
N GLY C 306 37.26 -25.09 34.16
CA GLY C 306 37.30 -26.24 35.05
C GLY C 306 36.79 -25.94 36.44
N ASP C 307 36.82 -24.67 36.83
CA ASP C 307 36.27 -24.25 38.11
C ASP C 307 34.75 -24.47 38.12
N THR C 308 34.15 -24.31 39.30
CA THR C 308 32.71 -24.46 39.43
C THR C 308 32.07 -23.19 39.99
N LEU C 309 31.09 -22.68 39.25
CA LEU C 309 30.32 -21.52 39.69
C LEU C 309 28.98 -22.00 40.22
N SER C 310 28.80 -21.94 41.54
CA SER C 310 27.62 -22.49 42.17
C SER C 310 26.83 -21.42 42.92
N GLY C 311 25.53 -21.66 43.07
CA GLY C 311 24.66 -20.75 43.78
C GLY C 311 23.21 -21.04 43.48
N THR C 312 22.36 -20.02 43.64
CA THR C 312 20.93 -20.20 43.40
C THR C 312 20.30 -18.99 42.74
N CYS C 313 19.34 -19.25 41.87
CA CYS C 313 18.46 -18.22 41.34
C CYS C 313 17.08 -18.44 41.92
N LEU C 314 16.64 -17.53 42.77
CA LEU C 314 15.35 -17.65 43.42
C LEU C 314 14.36 -16.66 42.83
N LEU C 315 13.28 -17.18 42.25
CA LEU C 315 12.25 -16.34 41.64
C LEU C 315 11.05 -16.28 42.57
N ILE C 316 10.74 -15.07 43.05
CA ILE C 316 9.65 -14.88 43.98
C ILE C 316 8.54 -14.09 43.30
N ALA C 317 7.40 -14.75 43.10
CA ALA C 317 6.27 -14.15 42.43
C ALA C 317 5.74 -12.96 43.21
N ASN C 318 5.33 -11.91 42.51
CA ASN C 318 4.74 -10.74 43.13
C ASN C 318 3.38 -10.45 42.50
N LYS C 319 2.67 -9.47 43.04
CA LYS C 319 1.31 -9.18 42.60
C LYS C 319 1.27 -8.25 41.40
N ARG C 320 2.42 -8.01 40.78
CA ARG C 320 2.48 -7.25 39.54
C ARG C 320 2.64 -8.20 38.36
N GLN C 321 2.12 -9.41 38.52
CA GLN C 321 2.15 -10.43 37.47
C GLN C 321 3.58 -10.67 36.99
N SER C 322 4.52 -10.69 37.92
CA SER C 322 5.91 -10.94 37.58
C SER C 322 6.66 -11.49 38.78
N TYR C 323 7.99 -11.42 38.72
CA TYR C 323 8.84 -12.00 39.74
C TYR C 323 9.94 -11.06 40.19
N ASP C 324 10.35 -11.22 41.44
CA ASP C 324 11.59 -10.64 41.92
C ASP C 324 12.68 -11.70 41.80
N ILE C 325 13.78 -11.34 41.16
CA ILE C 325 14.85 -12.30 40.86
C ILE C 325 16.00 -12.09 41.83
N SER C 326 16.27 -13.10 42.65
CA SER C 326 17.42 -13.08 43.54
C SER C 326 18.46 -14.09 43.07
N ILE C 327 19.64 -13.59 42.74
CA ILE C 327 20.72 -14.45 42.26
C ILE C 327 21.89 -14.34 43.22
N VAL C 328 22.37 -15.50 43.67
CA VAL C 328 23.60 -15.57 44.44
C VAL C 328 24.49 -16.59 43.77
N ALA C 329 25.76 -16.23 43.56
CA ALA C 329 26.70 -17.12 42.92
C ALA C 329 28.07 -16.99 43.56
N GLN C 330 28.82 -18.09 43.58
CA GLN C 330 30.19 -18.04 44.08
C GLN C 330 31.09 -18.99 43.31
N VAL C 331 32.36 -18.63 43.20
CA VAL C 331 33.37 -19.51 42.66
C VAL C 331 33.85 -20.40 43.79
N ASP C 332 33.52 -21.68 43.73
CA ASP C 332 33.80 -22.61 44.81
C ASP C 332 35.28 -22.69 45.14
N GLN C 333 36.12 -22.71 44.11
CA GLN C 333 37.57 -22.86 44.30
C GLN C 333 38.18 -21.61 44.94
N THR C 334 37.52 -20.47 44.78
CA THR C 334 38.08 -19.19 45.21
C THR C 334 37.32 -18.61 46.40
N GLY C 335 36.03 -18.90 46.48
CA GLY C 335 35.18 -18.29 47.50
C GLY C 335 34.72 -16.90 47.10
N SER C 336 35.10 -16.46 45.91
CA SER C 336 34.63 -15.19 45.39
C SER C 336 33.13 -15.26 45.17
N LYS C 337 32.41 -14.30 45.73
CA LYS C 337 30.95 -14.37 45.80
C LYS C 337 30.32 -13.07 45.31
N SER C 338 29.20 -13.20 44.58
CA SER C 338 28.43 -12.03 44.17
C SER C 338 26.95 -12.36 44.14
N SER C 339 26.13 -11.31 44.18
CA SER C 339 24.68 -11.48 44.15
C SER C 339 24.04 -10.36 43.34
N ASN C 340 22.73 -10.46 43.12
CA ASN C 340 21.96 -9.34 42.62
C ASN C 340 20.48 -9.59 42.85
N LEU C 341 19.71 -8.51 42.87
CA LEU C 341 18.28 -8.56 43.08
C LEU C 341 17.59 -7.74 42.00
N LEU C 342 16.80 -8.40 41.16
CA LEU C 342 16.25 -7.75 39.98
C LEU C 342 14.73 -7.75 39.95
N ASP C 343 14.18 -6.78 39.24
CA ASP C 343 12.73 -6.63 39.09
C ASP C 343 12.33 -6.95 37.65
N LEU C 344 11.80 -8.16 37.44
CA LEU C 344 11.54 -8.66 36.10
C LEU C 344 10.38 -7.94 35.40
N LYS C 345 9.50 -7.31 36.17
CA LYS C 345 8.35 -6.61 35.60
C LYS C 345 8.79 -5.43 34.75
N ASN C 346 9.94 -4.83 35.08
CA ASN C 346 10.41 -3.65 34.36
C ASN C 346 11.80 -3.88 33.78
N PRO C 347 11.87 -4.70 32.73
CA PRO C 347 13.16 -5.02 32.09
C PRO C 347 13.62 -3.91 31.15
N PHE C 348 14.90 -3.92 30.82
CA PHE C 348 15.45 -2.96 29.87
C PHE C 348 15.54 -3.61 28.49
N PHE C 349 14.78 -3.09 27.54
CA PHE C 349 14.82 -3.62 26.19
C PHE C 349 15.98 -2.99 25.44
N ARG C 350 17.03 -3.79 25.26
CA ARG C 350 18.31 -3.31 24.76
C ARG C 350 18.52 -3.64 23.29
N TYR C 351 17.72 -4.56 22.77
CA TYR C 351 17.88 -5.06 21.40
C TYR C 351 17.82 -3.95 20.37
N THR C 352 18.84 -3.88 19.52
CA THR C 352 18.92 -2.87 18.48
C THR C 352 18.04 -3.26 17.28
N SER D 10 -10.16 14.55 45.45
CA SER D 10 -9.44 15.70 44.92
C SER D 10 -9.66 15.84 43.42
N VAL D 11 -9.30 17.00 42.88
CA VAL D 11 -9.48 17.29 41.47
C VAL D 11 -8.75 16.26 40.60
N PHE D 12 -7.54 15.89 41.02
CA PHE D 12 -6.73 14.97 40.24
C PHE D 12 -7.36 13.58 40.17
N SER D 13 -7.69 13.02 41.33
CA SER D 13 -8.22 11.66 41.40
C SER D 13 -9.57 11.54 40.70
N GLU D 14 -10.34 12.63 40.71
CA GLU D 14 -11.67 12.63 40.10
C GLU D 14 -11.59 12.55 38.58
N ARG D 15 -10.52 13.09 38.00
CA ARG D 15 -10.37 13.09 36.55
C ARG D 15 -9.41 12.01 36.06
N THR D 16 -8.93 11.16 36.96
CA THR D 16 -7.90 10.19 36.62
C THR D 16 -8.19 8.78 37.15
N GLU D 17 -8.15 7.81 36.25
CA GLU D 17 -8.22 6.40 36.64
C GLU D 17 -6.98 6.04 37.45
N GLU D 18 -7.16 5.27 38.52
CA GLU D 18 -6.05 4.87 39.37
C GLU D 18 -4.97 4.15 38.56
N SER D 19 -5.40 3.21 37.72
CA SER D 19 -4.48 2.43 36.91
C SER D 19 -3.52 3.32 36.12
N SER D 20 -4.05 4.43 35.61
CA SER D 20 -3.25 5.36 34.81
C SER D 20 -2.29 6.15 35.70
N ALA D 21 -2.79 6.62 36.84
CA ALA D 21 -1.98 7.42 37.76
C ALA D 21 -0.80 6.63 38.30
N VAL D 22 -1.05 5.38 38.69
CA VAL D 22 0.00 4.50 39.19
C VAL D 22 1.13 4.43 38.17
N GLN D 23 0.80 3.95 36.98
CA GLN D 23 1.76 3.82 35.89
C GLN D 23 2.47 5.13 35.59
N TYR D 24 1.68 6.20 35.55
CA TYR D 24 2.20 7.54 35.24
C TYR D 24 3.29 7.97 36.22
N PHE D 25 3.00 7.89 37.51
CA PHE D 25 3.95 8.37 38.52
C PHE D 25 5.08 7.37 38.76
N GLN D 26 4.83 6.09 38.50
CA GLN D 26 5.90 5.11 38.50
C GLN D 26 6.93 5.48 37.42
N PHE D 27 6.43 5.83 36.24
CA PHE D 27 7.26 6.19 35.11
C PHE D 27 8.25 7.29 35.47
N TYR D 28 7.75 8.37 36.06
CA TYR D 28 8.60 9.50 36.41
C TYR D 28 9.40 9.24 37.70
N GLY D 29 9.21 8.08 38.29
CA GLY D 29 9.96 7.71 39.48
C GLY D 29 11.35 7.21 39.14
N TYR D 30 11.61 6.98 37.86
CA TYR D 30 12.89 6.45 37.41
C TYR D 30 13.90 7.55 37.10
N LEU D 31 15.11 7.39 37.61
CA LEU D 31 16.18 8.35 37.39
C LEU D 31 16.57 8.41 35.91
N SER D 32 16.44 7.29 35.22
CA SER D 32 16.79 7.22 33.81
C SER D 32 15.90 8.13 32.97
N GLN D 33 14.64 8.23 33.36
CA GLN D 33 13.70 9.09 32.64
C GLN D 33 14.03 10.56 32.89
N GLN D 34 14.37 10.87 34.14
CA GLN D 34 14.82 12.21 34.49
C GLN D 34 16.08 12.56 33.70
N GLN D 35 16.98 11.58 33.61
CA GLN D 35 18.20 11.76 32.82
C GLN D 35 17.88 12.08 31.37
N ASN D 36 16.94 11.32 30.79
N ASN D 36 16.93 11.33 30.80
CA ASN D 36 16.57 11.52 29.39
CA ASN D 36 16.54 11.49 29.41
C ASN D 36 15.97 12.91 29.17
C ASN D 36 15.96 12.88 29.16
N MET D 37 15.19 13.38 30.13
CA MET D 37 14.60 14.72 30.03
C MET D 37 15.69 15.77 30.21
N MET D 38 16.58 15.55 31.17
CA MET D 38 17.63 16.51 31.47
C MET D 38 18.63 16.61 30.32
N GLN D 39 18.80 15.53 29.58
CA GLN D 39 19.76 15.50 28.49
C GLN D 39 19.17 16.13 27.22
N ASP D 40 17.91 16.55 27.28
CA ASP D 40 17.35 17.38 26.23
C ASP D 40 17.84 18.80 26.46
N TYR D 41 18.93 19.16 25.79
CA TYR D 41 19.64 20.40 26.10
C TYR D 41 18.91 21.63 25.58
N VAL D 42 18.11 21.45 24.53
CA VAL D 42 17.22 22.51 24.07
C VAL D 42 16.27 22.88 25.21
N ARG D 43 15.57 21.87 25.72
CA ARG D 43 14.63 22.06 26.82
C ARG D 43 15.31 22.69 28.04
N THR D 44 16.31 21.98 28.56
CA THR D 44 16.96 22.37 29.81
C THR D 44 17.63 23.73 29.67
N GLY D 45 18.38 23.92 28.59
CA GLY D 45 19.06 25.18 28.35
C GLY D 45 18.09 26.34 28.19
N THR D 46 17.00 26.11 27.47
CA THR D 46 16.02 27.16 27.22
C THR D 46 15.32 27.54 28.51
N TYR D 47 15.00 26.56 29.34
CA TYR D 47 14.40 26.82 30.64
C TYR D 47 15.35 27.64 31.52
N GLN D 48 16.62 27.24 31.56
CA GLN D 48 17.60 27.95 32.37
C GLN D 48 17.77 29.37 31.88
N ARG D 49 17.78 29.55 30.56
CA ARG D 49 17.91 30.87 29.97
C ARG D 49 16.69 31.73 30.29
N ALA D 50 15.51 31.17 30.12
CA ALA D 50 14.27 31.88 30.43
C ALA D 50 14.27 32.37 31.88
N ILE D 51 14.71 31.53 32.80
CA ILE D 51 14.68 31.85 34.22
C ILE D 51 15.79 32.84 34.57
N LEU D 52 17.03 32.55 34.16
CA LEU D 52 18.17 33.37 34.57
C LEU D 52 18.18 34.76 33.94
N GLN D 53 17.84 34.85 32.65
CA GLN D 53 17.83 36.14 31.97
C GLN D 53 16.65 37.00 32.43
N ASN D 54 15.70 36.39 33.12
CA ASN D 54 14.64 37.12 33.80
C ASN D 54 14.78 36.96 35.31
N HIS D 55 16.02 37.14 35.79
CA HIS D 55 16.34 36.93 37.21
C HIS D 55 15.54 37.85 38.12
N THR D 56 15.14 39.01 37.60
CA THR D 56 14.38 39.98 38.38
C THR D 56 13.00 39.45 38.75
N ASP D 57 12.47 38.54 37.93
CA ASP D 57 11.17 37.93 38.20
C ASP D 57 11.25 36.86 39.28
N PHE D 58 12.46 36.62 39.79
CA PHE D 58 12.67 35.57 40.78
C PHE D 58 13.36 36.11 42.04
N LYS D 59 14.17 37.15 41.87
CA LYS D 59 14.95 37.70 42.97
C LYS D 59 14.11 38.01 44.20
N ASP D 60 14.41 37.33 45.30
CA ASP D 60 13.70 37.52 46.57
C ASP D 60 12.20 37.25 46.45
N LYS D 61 11.82 36.39 45.51
CA LYS D 61 10.42 36.04 45.30
C LYS D 61 10.11 34.66 45.86
N ILE D 62 8.83 34.40 46.11
CA ILE D 62 8.36 33.08 46.48
C ILE D 62 7.95 32.35 45.21
N VAL D 63 8.42 31.11 45.06
CA VAL D 63 8.22 30.36 43.83
C VAL D 63 7.53 29.03 44.08
N LEU D 64 6.66 28.64 43.15
CA LEU D 64 6.09 27.29 43.15
C LEU D 64 6.55 26.55 41.91
N ASP D 65 7.20 25.40 42.12
CA ASP D 65 7.59 24.52 41.03
C ASP D 65 6.62 23.34 40.98
N VAL D 66 5.76 23.32 39.97
CA VAL D 66 4.74 22.28 39.86
C VAL D 66 5.31 21.06 39.14
N GLY D 67 5.50 19.99 39.90
CA GLY D 67 6.07 18.77 39.34
C GLY D 67 7.56 18.93 39.12
N CYS D 68 8.29 19.13 40.21
CA CYS D 68 9.69 19.53 40.13
C CYS D 68 10.62 18.41 39.63
N GLY D 69 10.14 17.16 39.68
CA GLY D 69 10.96 16.03 39.29
C GLY D 69 12.26 15.99 40.08
N SER D 70 13.38 16.02 39.37
CA SER D 70 14.69 16.02 40.00
C SER D 70 14.97 17.36 40.70
N GLY D 71 14.19 18.38 40.35
CA GLY D 71 14.29 19.68 41.00
C GLY D 71 15.05 20.72 40.21
N ILE D 72 15.39 20.37 38.97
CA ILE D 72 16.28 21.22 38.16
C ILE D 72 15.75 22.64 38.02
N LEU D 73 14.45 22.79 37.78
CA LEU D 73 13.87 24.12 37.59
C LEU D 73 13.95 24.94 38.88
N SER D 74 13.78 24.26 40.01
CA SER D 74 13.89 24.94 41.30
C SER D 74 15.32 25.43 41.52
N PHE D 75 16.29 24.64 41.10
CA PHE D 75 17.70 25.05 41.21
C PHE D 75 17.94 26.27 40.33
N PHE D 76 17.38 26.28 39.13
CA PHE D 76 17.46 27.44 38.26
C PHE D 76 16.87 28.66 38.96
N ALA D 77 15.71 28.46 39.58
CA ALA D 77 15.05 29.54 40.31
C ALA D 77 15.92 30.03 41.46
N ALA D 78 16.60 29.09 42.11
CA ALA D 78 17.51 29.42 43.21
C ALA D 78 18.69 30.24 42.70
N GLN D 79 19.22 29.85 41.55
CA GLN D 79 20.33 30.56 40.93
C GLN D 79 19.93 32.00 40.61
N ALA D 80 18.64 32.21 40.35
CA ALA D 80 18.15 33.52 39.95
C ALA D 80 17.85 34.41 41.16
N GLY D 81 17.98 33.87 42.37
CA GLY D 81 17.86 34.66 43.58
C GLY D 81 16.56 34.54 44.35
N ALA D 82 15.75 33.53 44.05
CA ALA D 82 14.49 33.32 44.75
C ALA D 82 14.71 33.17 46.25
N ARG D 83 13.83 33.77 47.04
CA ARG D 83 13.94 33.68 48.50
C ARG D 83 13.53 32.28 48.97
N LYS D 84 12.46 31.75 48.38
CA LYS D 84 11.95 30.46 48.78
C LYS D 84 11.21 29.79 47.63
N ILE D 85 11.52 28.52 47.41
CA ILE D 85 10.93 27.76 46.31
C ILE D 85 10.24 26.53 46.86
N TYR D 86 8.92 26.47 46.70
CA TYR D 86 8.16 25.28 47.06
C TYR D 86 8.12 24.35 45.86
N ALA D 87 8.74 23.19 46.02
CA ALA D 87 8.88 22.24 44.92
C ALA D 87 8.01 21.01 45.14
N VAL D 88 6.90 20.95 44.40
CA VAL D 88 5.91 19.90 44.57
C VAL D 88 6.14 18.78 43.55
N GLU D 89 6.20 17.54 44.04
CA GLU D 89 6.42 16.37 43.20
C GLU D 89 5.71 15.17 43.80
N ALA D 90 4.92 14.48 42.98
CA ALA D 90 4.05 13.41 43.46
C ALA D 90 4.70 12.04 43.38
N SER D 91 5.67 11.86 42.48
CA SER D 91 6.36 10.58 42.36
C SER D 91 7.42 10.46 43.44
N THR D 92 8.02 9.27 43.54
CA THR D 92 9.06 9.02 44.51
C THR D 92 10.34 9.80 44.20
N MET D 93 10.40 10.41 43.02
CA MET D 93 11.51 11.26 42.63
C MET D 93 11.71 12.40 43.63
N ALA D 94 10.63 12.75 44.33
CA ALA D 94 10.68 13.80 45.35
C ALA D 94 11.76 13.51 46.38
N GLN D 95 11.99 12.24 46.67
CA GLN D 95 13.03 11.82 47.60
C GLN D 95 14.42 12.15 47.05
N HIS D 96 14.59 11.96 45.75
CA HIS D 96 15.88 12.21 45.11
C HIS D 96 16.14 13.71 45.01
N ALA D 97 15.09 14.49 44.77
CA ALA D 97 15.22 15.94 44.71
C ALA D 97 15.73 16.46 46.06
N GLU D 98 15.19 15.92 47.15
CA GLU D 98 15.60 16.35 48.49
C GLU D 98 17.09 16.08 48.71
N VAL D 99 17.56 14.94 48.22
CA VAL D 99 18.99 14.60 48.32
C VAL D 99 19.82 15.69 47.64
N LEU D 100 19.38 16.12 46.47
CA LEU D 100 20.12 17.11 45.70
C LEU D 100 20.08 18.47 46.37
N VAL D 101 18.94 18.80 46.97
CA VAL D 101 18.80 20.05 47.71
C VAL D 101 19.84 20.09 48.83
N LYS D 102 20.00 18.98 49.52
CA LYS D 102 20.94 18.90 50.63
C LYS D 102 22.38 18.91 50.15
N SER D 103 22.69 18.10 49.14
CA SER D 103 24.07 18.01 48.64
C SER D 103 24.50 19.31 47.96
N ASN D 104 23.54 20.15 47.57
CA ASN D 104 23.84 21.45 46.97
C ASN D 104 23.67 22.58 47.98
N ASN D 105 23.46 22.24 49.24
CA ASN D 105 23.35 23.21 50.32
C ASN D 105 22.34 24.31 50.02
N LEU D 106 21.13 23.91 49.63
CA LEU D 106 20.08 24.87 49.30
C LEU D 106 18.82 24.61 50.13
N THR D 107 19.01 24.03 51.31
CA THR D 107 17.90 23.70 52.20
C THR D 107 17.15 24.95 52.66
N ASP D 108 17.82 26.09 52.66
CA ASP D 108 17.20 27.34 53.09
C ASP D 108 16.36 27.98 51.98
N ARG D 109 16.50 27.49 50.76
CA ARG D 109 15.84 28.11 49.61
C ARG D 109 14.87 27.19 48.89
N ILE D 110 15.17 25.90 48.82
CA ILE D 110 14.30 24.94 48.13
C ILE D 110 13.64 24.01 49.14
N VAL D 111 12.30 23.99 49.14
CA VAL D 111 11.54 23.13 50.03
C VAL D 111 10.71 22.14 49.23
N VAL D 112 11.13 20.88 49.24
CA VAL D 112 10.40 19.82 48.55
C VAL D 112 9.14 19.49 49.33
N ILE D 113 8.01 19.47 48.62
CA ILE D 113 6.72 19.11 49.22
C ILE D 113 6.18 17.90 48.47
N PRO D 114 6.39 16.68 49.01
CA PRO D 114 5.89 15.50 48.32
C PRO D 114 4.36 15.44 48.25
N GLY D 115 3.84 15.09 47.08
CA GLY D 115 2.41 14.99 46.88
C GLY D 115 1.94 15.62 45.59
N LYS D 116 0.65 15.46 45.28
CA LYS D 116 0.05 16.06 44.10
C LYS D 116 -0.32 17.51 44.38
N VAL D 117 -0.06 18.38 43.41
CA VAL D 117 -0.26 19.82 43.61
C VAL D 117 -1.73 20.11 43.93
N GLU D 118 -2.61 19.21 43.55
CA GLU D 118 -4.04 19.37 43.83
C GLU D 118 -4.39 19.00 45.27
N GLU D 119 -3.44 18.43 46.00
CA GLU D 119 -3.74 17.83 47.30
C GLU D 119 -2.92 18.42 48.46
N VAL D 120 -1.71 18.89 48.18
CA VAL D 120 -0.83 19.38 49.24
C VAL D 120 -1.24 20.77 49.72
N SER D 121 -0.73 21.15 50.89
CA SER D 121 -0.96 22.47 51.44
C SER D 121 0.35 23.26 51.47
N LEU D 122 0.29 24.52 51.03
CA LEU D 122 1.46 25.39 51.06
C LEU D 122 1.31 26.45 52.17
N PRO D 123 2.44 26.88 52.76
CA PRO D 123 2.36 27.87 53.85
C PRO D 123 1.92 29.27 53.40
N GLU D 124 2.15 29.60 52.13
CA GLU D 124 1.89 30.96 51.65
C GLU D 124 1.61 30.99 50.15
N GLN D 125 1.10 32.13 49.68
CA GLN D 125 0.93 32.35 48.25
C GLN D 125 2.29 32.63 47.61
N VAL D 126 2.39 32.40 46.30
CA VAL D 126 3.67 32.54 45.61
C VAL D 126 3.60 33.67 44.59
N ASP D 127 4.77 34.19 44.23
CA ASP D 127 4.85 35.30 43.27
C ASP D 127 4.87 34.78 41.84
N ILE D 128 5.39 33.57 41.64
CA ILE D 128 5.54 33.02 40.30
C ILE D 128 5.47 31.50 40.34
N ILE D 129 4.86 30.92 39.31
CA ILE D 129 4.79 29.47 39.18
C ILE D 129 5.65 29.04 38.01
N ILE D 130 6.50 28.05 38.24
CA ILE D 130 7.29 27.46 37.17
C ILE D 130 6.92 25.99 37.06
N SER D 131 7.06 25.46 35.86
CA SER D 131 6.70 24.08 35.59
C SER D 131 7.04 23.71 34.16
N GLU D 132 7.04 22.42 33.89
CA GLU D 132 7.20 21.92 32.54
C GLU D 132 6.08 20.94 32.25
N PRO D 133 4.85 21.44 32.08
CA PRO D 133 3.70 20.55 31.96
C PRO D 133 3.40 20.05 30.54
N MET D 134 4.26 20.36 29.59
CA MET D 134 3.99 20.02 28.19
C MET D 134 4.27 18.56 27.88
N GLY D 135 3.33 17.92 27.19
CA GLY D 135 3.52 16.58 26.67
C GLY D 135 3.44 16.55 25.16
N TYR D 136 3.42 15.35 24.58
CA TYR D 136 3.24 15.20 23.14
C TYR D 136 2.03 15.98 22.67
N MET D 137 2.18 16.70 21.56
CA MET D 137 1.09 17.52 21.04
C MET D 137 0.68 18.56 22.09
N LEU D 138 1.63 18.89 22.97
CA LEU D 138 1.43 19.81 24.09
C LEU D 138 0.50 19.26 25.19
N PHE D 139 -0.66 18.75 24.81
CA PHE D 139 -1.72 18.50 25.78
C PHE D 139 -1.66 17.13 26.46
N ASN D 140 -0.91 16.20 25.89
CA ASN D 140 -0.82 14.86 26.46
C ASN D 140 -0.33 14.91 27.91
N GLU D 141 -0.80 13.95 28.71
CA GLU D 141 -0.48 13.83 30.14
C GLU D 141 -1.39 14.69 31.02
N ARG D 142 -2.03 15.69 30.42
CA ARG D 142 -3.00 16.52 31.14
C ARG D 142 -2.37 17.26 32.32
N MET D 143 -1.07 17.50 32.27
CA MET D 143 -0.39 18.18 33.36
C MET D 143 -0.66 19.67 33.33
N LEU D 144 -1.08 20.19 32.17
CA LEU D 144 -1.42 21.60 32.06
C LEU D 144 -2.54 21.97 33.04
N GLU D 145 -3.41 21.01 33.32
CA GLU D 145 -4.51 21.24 34.25
C GLU D 145 -4.00 21.36 35.69
N SER D 146 -2.97 20.58 36.03
CA SER D 146 -2.34 20.70 37.33
C SER D 146 -1.67 22.06 37.43
N TYR D 147 -0.99 22.42 36.36
CA TYR D 147 -0.31 23.71 36.26
C TYR D 147 -1.29 24.86 36.49
N LEU D 148 -2.43 24.81 35.79
CA LEU D 148 -3.45 25.83 35.93
C LEU D 148 -4.14 25.75 37.29
N HIS D 149 -4.32 24.53 37.79
CA HIS D 149 -4.92 24.33 39.10
C HIS D 149 -4.10 25.01 40.18
N ALA D 150 -2.77 24.98 40.02
CA ALA D 150 -1.85 25.53 40.99
C ALA D 150 -2.01 27.04 41.18
N LYS D 151 -2.73 27.68 40.27
CA LYS D 151 -2.92 29.13 40.34
C LYS D 151 -3.70 29.56 41.59
N LYS D 152 -4.30 28.60 42.29
CA LYS D 152 -4.95 28.90 43.54
C LYS D 152 -3.93 29.41 44.55
N TYR D 153 -2.65 29.10 44.31
CA TYR D 153 -1.57 29.53 45.19
C TYR D 153 -0.88 30.79 44.69
N LEU D 154 -1.35 31.34 43.57
CA LEU D 154 -0.68 32.48 42.95
C LEU D 154 -1.26 33.81 43.38
N LYS D 155 -0.41 34.73 43.84
CA LYS D 155 -0.83 36.08 44.15
C LYS D 155 -1.49 36.69 42.93
N PRO D 156 -2.40 37.66 43.13
CA PRO D 156 -3.19 38.22 42.03
C PRO D 156 -2.37 38.67 40.83
N SER D 157 -1.25 39.34 41.07
CA SER D 157 -0.44 39.88 39.98
C SER D 157 0.73 38.96 39.61
N GLY D 158 0.72 37.75 40.15
CA GLY D 158 1.80 36.81 39.93
C GLY D 158 1.99 36.43 38.47
N ASN D 159 3.06 35.71 38.18
CA ASN D 159 3.39 35.34 36.81
C ASN D 159 3.51 33.81 36.67
N MET D 160 3.60 33.35 35.44
CA MET D 160 3.75 31.91 35.17
C MET D 160 4.78 31.66 34.07
N PHE D 161 5.70 30.75 34.36
CA PHE D 161 6.74 30.35 33.43
C PHE D 161 6.60 28.86 33.12
N PRO D 162 6.11 28.50 31.92
CA PRO D 162 5.75 29.33 30.76
C PRO D 162 4.49 30.16 30.95
N THR D 163 4.38 31.22 30.17
CA THR D 163 3.24 32.14 30.27
C THR D 163 2.14 31.75 29.31
N ILE D 164 2.52 31.42 28.07
CA ILE D 164 1.55 31.01 27.06
C ILE D 164 2.06 29.79 26.30
N GLY D 165 1.13 29.09 25.66
CA GLY D 165 1.47 27.96 24.80
C GLY D 165 0.75 28.03 23.47
N ASP D 166 1.49 27.83 22.39
CA ASP D 166 0.93 27.83 21.05
C ASP D 166 0.96 26.44 20.44
N VAL D 167 -0.20 25.96 20.02
CA VAL D 167 -0.28 24.72 19.26
C VAL D 167 -0.36 25.06 17.78
N HIS D 168 0.55 24.48 17.00
CA HIS D 168 0.55 24.67 15.56
C HIS D 168 0.08 23.40 14.86
N LEU D 169 -0.78 23.55 13.86
CA LEU D 169 -1.21 22.44 13.03
C LEU D 169 -1.09 22.81 11.55
N ALA D 170 -0.68 21.85 10.74
CA ALA D 170 -0.52 22.08 9.31
C ALA D 170 -0.67 20.77 8.53
N PRO D 171 -1.31 20.83 7.34
CA PRO D 171 -1.50 19.61 6.53
C PRO D 171 -0.19 19.15 5.90
N PHE D 172 -0.01 17.84 5.78
CA PHE D 172 1.24 17.31 5.23
C PHE D 172 0.98 16.23 4.18
N THR D 173 2.01 15.96 3.38
CA THR D 173 1.98 14.87 2.43
C THR D 173 3.16 13.93 2.72
N ASP D 174 2.87 12.65 2.91
CA ASP D 174 3.91 11.66 3.17
C ASP D 174 3.39 10.28 2.81
N GLU D 175 3.45 9.96 1.52
CA GLU D 175 2.96 8.69 1.00
C GLU D 175 3.59 7.51 1.71
N GLN D 176 4.89 7.63 2.02
CA GLN D 176 5.63 6.54 2.64
C GLN D 176 5.08 6.17 4.01
N LEU D 177 4.85 7.18 4.84
CA LEU D 177 4.28 6.96 6.17
C LEU D 177 2.90 6.31 6.04
N TYR D 178 2.08 6.85 5.16
CA TYR D 178 0.73 6.33 4.93
C TYR D 178 0.77 4.85 4.58
N MET D 179 1.54 4.49 3.56
CA MET D 179 1.62 3.10 3.12
C MET D 179 2.36 2.24 4.15
N GLU D 180 3.20 2.86 4.95
CA GLU D 180 3.88 2.15 6.03
C GLU D 180 2.86 1.62 7.03
N GLN D 181 1.91 2.46 7.42
CA GLN D 181 0.86 2.06 8.36
C GLN D 181 -0.18 1.20 7.68
N PHE D 182 -0.57 1.57 6.47
CA PHE D 182 -1.50 0.78 5.67
C PHE D 182 -0.98 -0.65 5.55
N THR D 183 0.33 -0.78 5.32
CA THR D 183 0.97 -2.08 5.19
C THR D 183 0.80 -2.90 6.48
N LYS D 184 1.03 -2.27 7.62
CA LYS D 184 0.88 -2.95 8.90
C LYS D 184 -0.55 -3.45 9.08
N ALA D 185 -1.51 -2.60 8.75
CA ALA D 185 -2.93 -2.96 8.82
C ALA D 185 -3.24 -4.06 7.82
N ASN D 186 -2.47 -4.10 6.73
CA ASN D 186 -2.72 -5.04 5.64
C ASN D 186 -2.57 -6.50 6.07
N PHE D 187 -1.89 -6.73 7.19
CA PHE D 187 -1.71 -8.08 7.71
C PHE D 187 -3.06 -8.78 7.89
N TRP D 188 -4.07 -8.01 8.26
CA TRP D 188 -5.37 -8.56 8.59
C TRP D 188 -6.28 -8.65 7.37
N TYR D 189 -5.70 -8.51 6.19
CA TYR D 189 -6.42 -8.72 4.93
C TYR D 189 -6.24 -10.16 4.45
N GLN D 190 -5.32 -10.89 5.08
CA GLN D 190 -4.96 -12.24 4.66
C GLN D 190 -6.17 -13.20 4.67
N PRO D 191 -6.45 -13.87 3.54
CA PRO D 191 -7.53 -14.85 3.55
C PRO D 191 -7.12 -16.22 4.11
N SER D 192 -5.83 -16.47 4.25
CA SER D 192 -5.34 -17.77 4.68
C SER D 192 -4.01 -17.69 5.40
N PHE D 193 -4.01 -17.07 6.58
CA PHE D 193 -2.83 -17.04 7.43
C PHE D 193 -2.73 -18.35 8.21
N HIS D 194 -1.81 -19.21 7.78
CA HIS D 194 -1.72 -20.56 8.31
C HIS D 194 -3.07 -21.27 8.21
N GLY D 195 -3.80 -20.94 7.15
CA GLY D 195 -5.09 -21.57 6.89
C GLY D 195 -6.29 -20.86 7.48
N VAL D 196 -6.05 -19.73 8.14
CA VAL D 196 -7.13 -18.99 8.81
C VAL D 196 -7.45 -17.70 8.05
N ASP D 197 -8.74 -17.46 7.85
CA ASP D 197 -9.19 -16.22 7.20
C ASP D 197 -9.26 -15.09 8.22
N LEU D 198 -8.39 -14.09 8.06
CA LEU D 198 -8.31 -12.97 8.99
C LEU D 198 -9.07 -11.74 8.50
N SER D 199 -9.52 -11.78 7.24
CA SER D 199 -10.01 -10.59 6.54
C SER D 199 -11.17 -9.89 7.25
N ALA D 200 -11.94 -10.62 8.03
CA ALA D 200 -13.08 -10.02 8.72
C ALA D 200 -12.65 -8.92 9.67
N LEU D 201 -11.39 -8.95 10.09
CA LEU D 201 -10.86 -7.96 11.04
C LEU D 201 -10.05 -6.87 10.36
N ARG D 202 -10.06 -6.85 9.03
CA ARG D 202 -9.32 -5.86 8.27
C ARG D 202 -9.68 -4.44 8.70
N GLY D 203 -10.98 -4.18 8.82
CA GLY D 203 -11.46 -2.87 9.19
C GLY D 203 -11.04 -2.44 10.58
N ALA D 204 -11.12 -3.37 11.53
CA ALA D 204 -10.74 -3.09 12.91
C ALA D 204 -9.24 -2.80 13.01
N ALA D 205 -8.47 -3.49 12.18
CA ALA D 205 -7.02 -3.32 12.16
C ALA D 205 -6.65 -1.94 11.65
N VAL D 206 -7.25 -1.54 10.53
CA VAL D 206 -7.00 -0.22 9.96
C VAL D 206 -7.35 0.87 10.97
N ASP D 207 -8.53 0.75 11.57
CA ASP D 207 -8.96 1.69 12.59
C ASP D 207 -7.87 1.82 13.65
N GLU D 208 -7.50 0.69 14.25
CA GLU D 208 -6.53 0.69 15.35
C GLU D 208 -5.23 1.40 14.96
N TYR D 209 -4.60 0.94 13.88
CA TYR D 209 -3.32 1.50 13.47
C TYR D 209 -3.40 2.99 13.18
N PHE D 210 -4.53 3.44 12.62
CA PHE D 210 -4.66 4.83 12.24
C PHE D 210 -5.16 5.70 13.40
N ARG D 211 -5.45 5.10 14.54
CA ARG D 211 -5.76 5.87 15.74
C ARG D 211 -4.49 6.33 16.43
N GLN D 212 -3.34 5.79 15.99
CA GLN D 212 -2.07 6.10 16.62
C GLN D 212 -1.45 7.37 16.03
N PRO D 213 -1.33 8.44 16.85
CA PRO D 213 -0.55 9.56 16.34
C PRO D 213 0.90 9.14 16.14
N VAL D 214 1.53 9.64 15.07
CA VAL D 214 2.90 9.26 14.76
C VAL D 214 3.87 10.28 15.34
N VAL D 215 4.70 9.85 16.29
CA VAL D 215 5.68 10.72 16.91
C VAL D 215 7.03 10.53 16.25
N ASP D 216 7.52 11.60 15.63
CA ASP D 216 8.84 11.63 15.01
C ASP D 216 9.06 13.02 14.43
N THR D 217 10.13 13.16 13.65
CA THR D 217 10.39 14.42 12.97
C THR D 217 10.24 14.21 11.47
N PHE D 218 10.30 15.30 10.72
CA PHE D 218 10.12 15.24 9.28
C PHE D 218 10.67 16.50 8.63
N ASP D 219 10.90 16.44 7.32
CA ASP D 219 11.34 17.60 6.56
C ASP D 219 10.17 18.55 6.38
N ILE D 220 10.42 19.84 6.56
CA ILE D 220 9.37 20.86 6.48
C ILE D 220 8.74 20.93 5.10
N ARG D 221 9.38 20.33 4.11
CA ARG D 221 8.89 20.38 2.73
C ARG D 221 7.66 19.50 2.51
N ILE D 222 7.28 18.73 3.53
CA ILE D 222 6.10 17.88 3.41
C ILE D 222 4.84 18.67 3.72
N LEU D 223 5.00 19.85 4.31
CA LEU D 223 3.85 20.67 4.69
C LEU D 223 3.23 21.35 3.48
N MET D 224 1.90 21.34 3.44
CA MET D 224 1.17 21.81 2.25
C MET D 224 0.62 23.22 2.44
N ALA D 225 0.77 23.78 3.63
CA ALA D 225 0.23 25.11 3.92
C ALA D 225 0.84 25.68 5.20
N LYS D 226 0.79 27.01 5.31
CA LYS D 226 1.23 27.68 6.53
C LYS D 226 0.38 27.17 7.70
N SER D 227 1.02 27.00 8.86
CA SER D 227 0.34 26.40 10.01
C SER D 227 -0.73 27.31 10.59
N VAL D 228 -1.73 26.70 11.21
CA VAL D 228 -2.72 27.43 11.98
C VAL D 228 -2.30 27.35 13.44
N LYS D 229 -2.52 28.44 14.18
CA LYS D 229 -2.08 28.53 15.55
C LYS D 229 -3.25 28.56 16.52
N TYR D 230 -3.13 27.84 17.62
CA TYR D 230 -4.11 27.86 18.69
C TYR D 230 -3.39 28.18 20.00
N THR D 231 -3.80 29.25 20.66
CA THR D 231 -3.07 29.78 21.80
C THR D 231 -3.80 29.58 23.12
N VAL D 232 -3.09 29.04 24.11
CA VAL D 232 -3.58 28.97 25.47
C VAL D 232 -2.78 29.94 26.33
N ASN D 233 -3.48 30.89 26.94
CA ASN D 233 -2.85 31.83 27.86
C ASN D 233 -2.98 31.30 29.28
N PHE D 234 -1.85 30.82 29.83
CA PHE D 234 -1.86 30.15 31.12
C PHE D 234 -2.19 31.09 32.27
N LEU D 235 -2.01 32.39 32.04
CA LEU D 235 -2.35 33.38 33.06
C LEU D 235 -3.87 33.55 33.15
N GLU D 236 -4.57 33.30 32.04
CA GLU D 236 -6.00 33.54 31.96
C GLU D 236 -6.81 32.25 31.99
N ALA D 237 -6.27 31.21 31.37
CA ALA D 237 -7.00 29.95 31.21
C ALA D 237 -7.35 29.30 32.54
N LYS D 238 -8.53 28.67 32.59
CA LYS D 238 -8.94 27.89 33.74
C LYS D 238 -8.77 26.41 33.43
N GLU D 239 -8.58 25.61 34.48
CA GLU D 239 -8.44 24.17 34.36
C GLU D 239 -9.51 23.54 33.47
N GLY D 240 -10.77 23.88 33.71
CA GLY D 240 -11.87 23.36 32.93
C GLY D 240 -11.76 23.61 31.44
N ASP D 241 -11.02 24.65 31.05
CA ASP D 241 -10.89 25.03 29.65
C ASP D 241 -10.22 23.94 28.82
N LEU D 242 -9.50 23.04 29.49
CA LEU D 242 -8.73 22.02 28.78
C LEU D 242 -9.45 20.68 28.72
N HIS D 243 -10.67 20.63 29.22
CA HIS D 243 -11.48 19.41 29.18
C HIS D 243 -11.92 19.12 27.74
N ARG D 244 -12.37 20.18 27.05
CA ARG D 244 -12.80 20.08 25.67
C ARG D 244 -12.18 21.21 24.86
N ILE D 245 -11.27 20.84 23.95
CA ILE D 245 -10.55 21.83 23.17
C ILE D 245 -10.96 21.71 21.70
N GLU D 246 -11.57 22.77 21.19
CA GLU D 246 -12.05 22.79 19.81
C GLU D 246 -11.20 23.76 18.98
N ILE D 247 -10.43 23.20 18.05
CA ILE D 247 -9.51 23.99 17.22
C ILE D 247 -10.01 24.01 15.78
N PRO D 248 -10.70 25.09 15.38
CA PRO D 248 -11.10 25.20 13.97
C PRO D 248 -9.91 25.60 13.11
N PHE D 249 -9.91 25.21 11.83
CA PHE D 249 -8.81 25.58 10.94
C PHE D 249 -9.29 25.78 9.51
N LYS D 250 -8.66 26.76 8.85
CA LYS D 250 -8.88 27.01 7.43
C LYS D 250 -7.52 27.22 6.78
N PHE D 251 -7.01 26.16 6.14
CA PHE D 251 -5.70 26.24 5.48
C PHE D 251 -5.85 26.72 4.05
N HIS D 252 -4.94 27.58 3.62
CA HIS D 252 -4.87 27.98 2.22
C HIS D 252 -3.72 27.22 1.58
N MET D 253 -4.07 26.23 0.76
CA MET D 253 -3.09 25.29 0.23
C MET D 253 -2.06 25.98 -0.66
N LEU D 254 -0.79 25.77 -0.35
CA LEU D 254 0.31 26.36 -1.10
C LEU D 254 0.78 25.44 -2.22
N HIS D 255 0.50 24.14 -2.07
CA HIS D 255 0.90 23.16 -3.07
C HIS D 255 -0.26 22.22 -3.40
N SER D 256 -0.21 21.64 -4.60
CA SER D 256 -1.17 20.65 -5.01
C SER D 256 -0.67 19.25 -4.63
N GLY D 257 -1.58 18.35 -4.33
CA GLY D 257 -1.21 16.98 -4.02
C GLY D 257 -2.10 16.31 -2.99
N LEU D 258 -1.63 15.19 -2.46
CA LEU D 258 -2.36 14.44 -1.46
C LEU D 258 -2.07 14.95 -0.06
N VAL D 259 -3.13 15.25 0.69
CA VAL D 259 -2.99 15.54 2.11
C VAL D 259 -3.25 14.24 2.86
N HIS D 260 -2.20 13.72 3.49
CA HIS D 260 -2.28 12.45 4.19
C HIS D 260 -2.66 12.62 5.65
N GLY D 261 -2.63 13.86 6.14
CA GLY D 261 -3.03 14.15 7.50
C GLY D 261 -2.56 15.50 8.01
N LEU D 262 -2.63 15.69 9.32
CA LEU D 262 -2.23 16.93 9.95
C LEU D 262 -1.02 16.74 10.85
N ALA D 263 -0.06 17.67 10.74
CA ALA D 263 1.12 17.67 11.59
C ALA D 263 0.94 18.65 12.74
N PHE D 264 1.36 18.25 13.94
CA PHE D 264 1.20 19.06 15.13
C PHE D 264 2.55 19.33 15.80
N TRP D 265 2.72 20.55 16.30
CA TRP D 265 3.82 20.86 17.20
C TRP D 265 3.40 22.04 18.06
N PHE D 266 4.27 22.46 18.99
CA PHE D 266 3.91 23.55 19.88
C PHE D 266 5.09 24.41 20.31
N ASP D 267 4.80 25.67 20.60
CA ASP D 267 5.75 26.58 21.22
C ASP D 267 5.21 27.00 22.58
N VAL D 268 6.10 27.31 23.51
CA VAL D 268 5.70 27.94 24.77
C VAL D 268 6.60 29.16 24.97
N ALA D 269 6.04 30.21 25.55
CA ALA D 269 6.78 31.45 25.74
C ALA D 269 6.88 31.81 27.22
N PHE D 270 8.09 32.18 27.63
CA PHE D 270 8.31 32.70 28.97
C PHE D 270 8.39 34.22 28.88
N ILE D 271 7.29 34.87 29.21
CA ILE D 271 7.18 36.32 29.08
C ILE D 271 7.62 36.97 30.38
N GLY D 272 8.92 37.21 30.50
CA GLY D 272 9.48 37.80 31.71
C GLY D 272 9.61 39.31 31.62
N SER D 273 10.04 39.92 32.72
CA SER D 273 10.17 41.36 32.81
C SER D 273 11.32 41.88 31.94
N ILE D 274 12.37 41.07 31.78
CA ILE D 274 13.56 41.51 31.07
C ILE D 274 13.46 41.13 29.60
N MET D 275 12.97 39.94 29.30
CA MET D 275 12.81 39.52 27.91
C MET D 275 11.89 38.32 27.75
N THR D 276 11.39 38.12 26.53
CA THR D 276 10.57 36.97 26.20
C THR D 276 11.42 35.87 25.60
N VAL D 277 11.37 34.69 26.22
CA VAL D 277 12.13 33.54 25.73
C VAL D 277 11.16 32.48 25.22
N TRP D 278 11.41 31.99 24.01
CA TRP D 278 10.56 30.99 23.39
C TRP D 278 11.20 29.60 23.42
N LEU D 279 10.39 28.60 23.73
CA LEU D 279 10.80 27.21 23.59
C LEU D 279 9.93 26.56 22.51
N SER D 280 10.56 26.15 21.42
CA SER D 280 9.84 25.67 20.25
C SER D 280 10.16 24.22 19.92
N THR D 281 9.15 23.47 19.46
CA THR D 281 9.34 22.11 19.00
C THR D 281 8.97 21.99 17.52
N ALA D 282 8.99 23.12 16.82
CA ALA D 282 8.67 23.14 15.40
C ALA D 282 9.73 22.38 14.59
N PRO D 283 9.33 21.81 13.44
CA PRO D 283 10.26 21.05 12.62
C PRO D 283 11.32 21.93 11.96
N THR D 284 11.13 23.23 12.04
CA THR D 284 12.13 24.19 11.55
C THR D 284 13.22 24.41 12.59
N GLU D 285 12.98 23.94 13.81
CA GLU D 285 13.87 24.19 14.93
C GLU D 285 14.59 22.91 15.36
N PRO D 286 15.67 23.06 16.15
CA PRO D 286 16.36 21.85 16.65
C PRO D 286 15.42 20.88 17.35
N LEU D 287 15.72 19.59 17.20
CA LEU D 287 14.86 18.53 17.70
C LEU D 287 14.85 18.47 19.23
N THR D 288 13.66 18.21 19.80
CA THR D 288 13.52 18.02 21.24
C THR D 288 12.99 16.61 21.49
N HIS D 289 12.85 16.24 22.76
CA HIS D 289 12.33 14.93 23.11
C HIS D 289 10.82 14.85 22.88
N TRP D 290 10.22 15.98 22.52
CA TRP D 290 8.80 16.02 22.14
C TRP D 290 8.64 15.70 20.66
N TYR D 291 9.69 15.91 19.88
CA TYR D 291 9.64 15.68 18.44
C TYR D 291 8.48 16.46 17.83
N GLN D 292 7.83 15.89 16.82
CA GLN D 292 6.56 16.41 16.33
C GLN D 292 5.56 15.27 16.25
N VAL D 293 4.29 15.61 16.12
CA VAL D 293 3.23 14.61 16.10
C VAL D 293 2.43 14.75 14.81
N ARG D 294 2.12 13.62 14.18
CA ARG D 294 1.33 13.62 12.97
C ARG D 294 0.13 12.69 13.07
N CYS D 295 -1.05 13.23 12.76
CA CYS D 295 -2.28 12.45 12.74
C CYS D 295 -2.67 12.13 11.29
N LEU D 296 -2.68 10.84 10.98
CA LEU D 296 -2.97 10.39 9.61
C LEU D 296 -4.47 10.31 9.33
N PHE D 297 -4.82 10.58 8.07
CA PHE D 297 -6.16 10.26 7.56
C PHE D 297 -6.14 8.82 7.09
N GLN D 298 -7.27 8.12 7.24
CA GLN D 298 -7.37 6.75 6.76
C GLN D 298 -7.32 6.74 5.24
N SER D 299 -7.77 7.83 4.64
CA SER D 299 -7.70 8.01 3.19
C SER D 299 -7.30 9.47 2.89
N PRO D 300 -6.25 9.66 2.07
CA PRO D 300 -5.79 11.02 1.80
C PRO D 300 -6.79 11.85 0.99
N LEU D 301 -6.70 13.17 1.14
CA LEU D 301 -7.54 14.09 0.38
C LEU D 301 -6.70 14.78 -0.69
N PHE D 302 -7.21 14.82 -1.91
CA PHE D 302 -6.52 15.57 -2.96
C PHE D 302 -6.95 17.03 -2.93
N ALA D 303 -5.97 17.92 -3.05
CA ALA D 303 -6.23 19.34 -3.15
C ALA D 303 -5.21 19.98 -4.08
N LYS D 304 -5.64 21.02 -4.79
CA LYS D 304 -4.72 21.80 -5.61
C LYS D 304 -4.42 23.12 -4.93
N ALA D 305 -3.25 23.66 -5.22
CA ALA D 305 -2.86 24.95 -4.66
C ALA D 305 -3.95 25.99 -4.90
N GLY D 306 -4.22 26.82 -3.91
CA GLY D 306 -5.28 27.79 -3.99
C GLY D 306 -6.54 27.33 -3.29
N ASP D 307 -6.70 26.02 -3.18
CA ASP D 307 -7.84 25.46 -2.47
C ASP D 307 -7.74 25.77 -0.98
N THR D 308 -8.86 25.68 -0.30
CA THR D 308 -8.88 25.84 1.14
C THR D 308 -9.28 24.51 1.81
N LEU D 309 -8.50 24.12 2.82
CA LEU D 309 -8.79 22.93 3.61
C LEU D 309 -9.34 23.36 4.96
N SER D 310 -10.63 23.09 5.17
CA SER D 310 -11.34 23.57 6.34
C SER D 310 -11.80 22.42 7.24
N GLY D 311 -11.85 22.69 8.53
CA GLY D 311 -12.42 21.73 9.46
C GLY D 311 -12.12 22.02 10.91
N THR D 312 -12.15 20.97 11.72
CA THR D 312 -11.96 21.12 13.16
C THR D 312 -11.16 19.98 13.75
N CYS D 313 -10.28 20.33 14.68
CA CYS D 313 -9.60 19.34 15.51
C CYS D 313 -10.17 19.43 16.92
N LEU D 314 -10.87 18.39 17.34
CA LEU D 314 -11.53 18.37 18.64
C LEU D 314 -10.80 17.43 19.60
N LEU D 315 -10.33 17.98 20.71
CA LEU D 315 -9.61 17.20 21.72
C LEU D 315 -10.47 17.06 22.95
N ILE D 316 -10.78 15.83 23.32
CA ILE D 316 -11.57 15.57 24.52
C ILE D 316 -10.69 14.83 25.54
N ALA D 317 -10.56 15.44 26.71
CA ALA D 317 -9.75 14.87 27.78
C ALA D 317 -10.39 13.60 28.33
N ASN D 318 -9.59 12.55 28.47
CA ASN D 318 -10.09 11.29 29.02
C ASN D 318 -9.47 11.03 30.39
N LYS D 319 -9.96 10.01 31.07
CA LYS D 319 -9.53 9.72 32.44
C LYS D 319 -8.20 8.97 32.47
N ARG D 320 -7.59 8.78 31.30
CA ARG D 320 -6.27 8.16 31.22
C ARG D 320 -5.19 9.21 31.00
N GLN D 321 -5.45 10.43 31.46
CA GLN D 321 -4.49 11.53 31.42
C GLN D 321 -4.04 11.82 29.99
N SER D 322 -4.96 11.70 29.05
CA SER D 322 -4.66 11.98 27.65
C SER D 322 -5.87 12.56 26.96
N TYR D 323 -5.92 12.45 25.63
CA TYR D 323 -7.01 13.02 24.86
C TYR D 323 -7.51 12.08 23.79
N ASP D 324 -8.82 12.10 23.58
CA ASP D 324 -9.42 11.50 22.40
C ASP D 324 -9.45 12.57 21.32
N ILE D 325 -8.82 12.30 20.19
CA ILE D 325 -8.66 13.29 19.14
C ILE D 325 -9.63 13.01 18.00
N SER D 326 -10.39 14.03 17.62
CA SER D 326 -11.28 13.95 16.47
C SER D 326 -10.88 15.00 15.45
N ILE D 327 -10.49 14.55 14.26
CA ILE D 327 -10.13 15.46 13.18
C ILE D 327 -11.10 15.31 12.02
N VAL D 328 -11.74 16.41 11.67
CA VAL D 328 -12.62 16.46 10.50
C VAL D 328 -12.10 17.55 9.59
N ALA D 329 -11.83 17.21 8.33
CA ALA D 329 -11.27 18.16 7.38
C ALA D 329 -11.92 17.98 6.01
N GLN D 330 -12.07 19.08 5.27
CA GLN D 330 -12.64 19.01 3.94
C GLN D 330 -11.98 19.99 2.97
N VAL D 331 -11.89 19.58 1.72
CA VAL D 331 -11.49 20.48 0.64
C VAL D 331 -12.74 21.23 0.20
N ASP D 332 -12.78 22.53 0.48
CA ASP D 332 -14.01 23.32 0.31
C ASP D 332 -14.51 23.33 -1.13
N GLN D 333 -13.58 23.37 -2.09
CA GLN D 333 -13.95 23.50 -3.49
C GLN D 333 -14.60 22.24 -4.05
N THR D 334 -14.27 21.09 -3.48
CA THR D 334 -14.75 19.81 -4.01
C THR D 334 -15.73 19.09 -3.08
N GLY D 335 -15.66 19.41 -1.79
CA GLY D 335 -16.46 18.72 -0.80
C GLY D 335 -15.84 17.40 -0.38
N SER D 336 -14.58 17.18 -0.74
CA SER D 336 -13.84 16.00 -0.33
C SER D 336 -13.58 16.08 1.18
N LYS D 337 -14.13 15.13 1.92
CA LYS D 337 -14.16 15.20 3.38
C LYS D 337 -13.55 13.96 4.03
N SER D 338 -12.77 14.17 5.08
CA SER D 338 -12.17 13.06 5.81
C SER D 338 -12.32 13.25 7.32
N SER D 339 -12.63 12.16 8.01
CA SER D 339 -12.76 12.16 9.46
C SER D 339 -11.86 11.08 10.05
N ASN D 340 -11.27 11.37 11.21
CA ASN D 340 -10.53 10.32 11.91
C ASN D 340 -10.55 10.55 13.41
N LEU D 341 -10.45 9.46 14.14
CA LEU D 341 -10.39 9.47 15.59
C LEU D 341 -9.06 8.88 16.02
N LEU D 342 -8.37 9.53 16.93
CA LEU D 342 -7.04 9.07 17.36
C LEU D 342 -6.94 9.04 18.88
N ASP D 343 -6.13 8.10 19.37
CA ASP D 343 -5.90 7.95 20.80
C ASP D 343 -4.50 8.43 21.16
N LEU D 344 -4.42 9.65 21.70
CA LEU D 344 -3.15 10.29 21.95
C LEU D 344 -2.29 9.55 22.97
N LYS D 345 -2.92 8.76 23.84
CA LYS D 345 -2.16 8.10 24.90
C LYS D 345 -1.27 6.98 24.35
N ASN D 346 -1.66 6.43 23.20
N ASN D 346 -1.62 6.45 23.19
CA ASN D 346 -0.97 5.31 22.57
CA ASN D 346 -0.88 5.32 22.66
C ASN D 346 -0.44 5.67 21.18
C ASN D 346 -0.39 5.61 21.23
N PRO D 347 0.64 6.48 21.13
CA PRO D 347 1.22 6.87 19.84
C PRO D 347 2.16 5.81 19.26
N PHE D 348 2.58 6.02 18.02
CA PHE D 348 3.57 5.17 17.39
C PHE D 348 4.91 5.91 17.30
N PHE D 349 5.89 5.46 18.08
CA PHE D 349 7.22 6.06 18.07
C PHE D 349 8.02 5.53 16.88
N ARG D 350 8.28 6.40 15.91
CA ARG D 350 8.83 5.99 14.63
C ARG D 350 10.31 6.37 14.46
N TYR D 351 10.76 7.33 15.26
CA TYR D 351 12.11 7.92 15.12
C TYR D 351 13.22 6.89 14.96
N THR D 352 14.01 7.05 13.90
CA THR D 352 15.13 6.17 13.57
C THR D 352 14.94 4.73 14.06
C16 6D4 E . -16.83 9.76 -22.33
C15 6D4 E . -16.55 9.06 -20.98
C14 6D4 E . -17.78 10.43 -16.15
N10 6D4 E . -13.83 10.69 -21.57
C11 6D4 E . -18.30 9.31 -19.31
C12 6D4 E . -18.09 8.64 -17.90
C01 6D4 E . -23.13 5.30 -23.30
C02 6D4 E . -23.43 5.44 -24.69
C03 6D4 E . -24.72 5.19 -25.06
N01 6D4 E . -25.62 4.84 -24.15
C04 6D4 E . -25.23 4.73 -22.85
N02 6D4 E . -23.98 4.95 -22.35
N03 6D4 E . -21.86 5.59 -23.29
C05 6D4 E . -21.27 5.91 -24.37
N04 6D4 E . -22.16 5.85 -25.41
N05 6D4 E . -25.10 5.32 -26.48
C06 6D4 E . -21.16 5.59 -22.05
C07 6D4 E . -19.83 4.94 -22.06
C08 6D4 E . -19.03 5.65 -21.05
C09 6D4 E . -19.64 6.97 -20.84
O01 6D4 E . -20.93 7.04 -21.65
O02 6D4 E . -19.95 3.54 -21.71
O03 6D4 E . -19.05 4.91 -19.78
C10 6D4 E . -18.75 8.07 -21.32
N06 6D4 E . -17.74 8.43 -20.34
C13 6D4 E . -18.76 9.42 -16.73
O04 6D4 E . -16.80 10.06 -15.46
O05 6D4 E . -17.96 11.66 -16.36
N07 6D4 E . -19.93 10.13 -17.15
N08 6D4 E . -16.00 10.64 -22.67
N09 6D4 E . -14.91 10.67 -22.12
H23 6D4 E . -17.22 9.35 -22.98
H24 6D4 E . -17.52 10.20 -22.07
H22 6D4 E . -15.91 8.38 -21.13
H21 6D4 E . -16.20 9.69 -20.39
H1 6D4 E . -13.15 11.09 -21.94
H14 6D4 E . -19.22 9.43 -19.46
H13 6D4 E . -17.87 10.14 -19.34
H15 6D4 E . -18.44 7.77 -17.92
H16 6D4 E . -17.17 8.58 -17.73
H01 6D4 E . -25.88 4.48 -22.25
H02 6D4 E . -20.44 6.12 -24.44
H03 6D4 E . -24.49 5.47 -27.07
H04 6D4 E . -25.93 5.24 -26.71
H26 6D4 E . -21.69 5.17 -21.40
H05 6D4 E . -19.43 5.03 -22.91
H06 6D4 E . -18.15 5.76 -21.35
H07 6D4 E . -19.83 7.09 -19.93
H08 6D4 E . -20.01 3.47 -20.88
H09 6D4 E . -19.80 4.99 -19.44
H10 6D4 E . -18.32 7.79 -22.11
H11 6D4 E . -19.28 8.82 -21.52
H17 6D4 E . -19.00 8.82 -16.05
H20 6D4 E . -19.71 10.72 -17.76
H19 6D4 E . -20.51 9.56 -17.49
C1 EDO F . -3.67 14.41 -17.90
O1 EDO F . -4.06 14.86 -16.64
C2 EDO F . -2.23 13.89 -17.81
O2 EDO F . -1.37 15.00 -17.87
H11 EDO F . -3.72 15.13 -18.54
H12 EDO F . -4.25 13.68 -18.18
HO1 EDO F . -4.42 14.22 -16.20
H21 EDO F . -2.11 13.43 -16.98
H22 EDO F . -2.05 13.30 -18.56
HO2 EDO F . -0.91 15.03 -17.15
C1 PEG G . -19.88 24.43 -3.53
O1 PEG G . -21.20 24.93 -3.46
C2 PEG G . -19.81 23.25 -2.55
O2 PEG G . -18.77 22.37 -2.89
C3 PEG G . -19.05 21.01 -3.09
C4 PEG G . -19.90 20.42 -1.96
O4 PEG G . -20.06 19.06 -2.19
H11 PEG G . -19.68 24.12 -4.42
H12 PEG G . -19.25 25.11 -3.26
HO1 PEG G . -21.42 25.04 -2.66
H21 PEG G . -19.65 23.59 -1.66
H22 PEG G . -20.65 22.76 -2.57
H31 PEG G . -18.21 20.52 -3.14
H32 PEG G . -19.52 20.90 -3.93
H41 PEG G . -19.44 20.55 -1.10
H42 PEG G . -20.76 20.86 -1.94
HO4 PEG G . -20.80 18.80 -1.84
O1 PG4 H . -12.62 10.49 -24.35
C1 PG4 H . -11.44 10.37 -23.61
C2 PG4 H . -10.25 10.65 -24.52
O2 PG4 H . -9.56 9.44 -24.71
C3 PG4 H . -10.05 8.65 -25.74
C4 PG4 H . -10.57 7.33 -25.20
O3 PG4 H . -10.99 6.60 -26.32
C5 PG4 H . -11.82 5.52 -25.98
C6 PG4 H . -11.79 4.53 -27.13
O4 PG4 H . -12.40 3.36 -26.70
C7 PG4 H . -12.67 2.45 -27.72
C8 PG4 H . -11.52 1.44 -27.77
O5 PG4 H . -10.37 2.11 -28.20
HO1 PG4 H . -13.34 10.13 -23.85
H11 PG4 H . -11.36 9.37 -23.20
H12 PG4 H . -11.45 11.09 -22.80
H21 PG4 H . -10.59 11.03 -25.47
H22 PG4 H . -9.58 11.37 -24.05
H31 PG4 H . -9.26 8.46 -26.46
H32 PG4 H . -10.87 9.17 -26.25
H41 PG4 H . -11.40 7.51 -24.53
H42 PG4 H . -9.78 6.81 -24.69
H51 PG4 H . -11.45 5.04 -25.07
H52 PG4 H . -12.83 5.87 -25.81
H61 PG4 H . -12.33 4.95 -27.98
H62 PG4 H . -10.76 4.33 -27.42
H71 PG4 H . -12.74 2.97 -28.67
H72 PG4 H . -13.60 1.92 -27.50
H81 PG4 H . -11.36 1.02 -26.79
H82 PG4 H . -11.77 0.64 -28.47
HO5 PG4 H . -9.61 1.63 -27.91
O1 PG4 I . -5.66 15.36 -55.21
C1 PG4 I . -5.51 16.75 -55.35
C2 PG4 I . -5.26 17.07 -56.83
O2 PG4 I . -5.29 18.46 -56.98
C3 PG4 I . -4.90 18.92 -58.25
C4 PG4 I . -4.35 20.34 -58.11
O3 PG4 I . -5.40 21.23 -57.90
C5 PG4 I . -4.97 22.56 -57.81
C6 PG4 I . -6.18 23.48 -57.54
O4 PG4 I . -6.87 23.02 -56.42
C7 PG4 I . -7.67 23.99 -55.82
C8 PG4 I . -8.75 23.31 -54.98
O5 PG4 I . -8.13 22.75 -53.85
HO1 PG4 I . -5.29 15.09 -54.38
H11 PG4 I . -6.41 17.25 -55.02
H12 PG4 I . -4.67 17.09 -54.76
H21 PG4 I . -6.04 16.61 -57.43
H22 PG4 I . -4.30 16.68 -57.13
H31 PG4 I . -5.75 18.92 -58.92
H32 PG4 I . -4.13 18.27 -58.65
H41 PG4 I . -3.82 20.61 -59.02
H42 PG4 I . -3.66 20.37 -57.26
H51 PG4 I . -4.26 22.66 -57.00
H52 PG4 I . -4.50 22.84 -58.74
H61 PG4 I . -6.83 23.47 -58.40
H62 PG4 I . -5.83 24.48 -57.36
H71 PG4 I . -8.15 24.60 -56.59
H72 PG4 I . -7.06 24.63 -55.18
H81 PG4 I . -9.49 24.03 -54.67
H82 PG4 I . -9.21 22.52 -55.56
HO5 PG4 I . -8.66 22.03 -53.53
C1 M2M J . -32.41 27.47 -23.67
O1 M2M J . -32.30 27.13 -22.30
C2 M2M J . -32.05 28.23 -21.44
C3 M2M J . -31.91 27.73 -19.99
O2 M2M J . -31.61 28.83 -19.14
C4 M2M J . -30.26 29.27 -19.17
C5 M2M J . -30.18 30.70 -19.78
O3 M2M J . -29.12 31.40 -19.17
C6 M2M J . -29.35 32.78 -19.00
H11 M2M J . -32.14 28.40 -23.58
H12 M2M J . -33.07 27.63 -24.36
H13 M2M J . -32.11 26.62 -24.02
H21 M2M J . -31.22 28.66 -21.71
H22 M2M J . -32.78 28.87 -21.50
H31 M2M J . -32.74 27.32 -19.70
H32 M2M J . -31.19 27.08 -19.93
H41 M2M J . -29.91 29.29 -18.27
H42 M2M J . -29.74 28.67 -19.72
H51 M2M J . -31.02 31.17 -19.60
H52 M2M J . -30.04 30.63 -20.73
H61 M2M J . -28.55 33.20 -18.64
H62 M2M J . -30.08 32.91 -18.38
H63 M2M J . -29.57 33.18 -19.85
C4 DXE K . -11.36 29.53 -21.85
O2 DXE K . -12.41 29.68 -22.76
C3 DXE K . -12.29 30.80 -23.60
C2 DXE K . -13.64 31.14 -24.20
O1 DXE K . -14.32 32.03 -23.35
C1 DXE K . -14.21 33.38 -23.72
H41 DXE K . -10.55 29.33 -22.33
H42 DXE K . -11.25 30.35 -21.35
H43 DXE K . -11.57 28.80 -21.24
H31 DXE K . -11.95 31.55 -23.09
H32 DXE K . -11.66 30.59 -24.32
H21 DXE K . -14.16 30.34 -24.30
H22 DXE K . -13.51 31.57 -25.07
H11 DXE K . -14.75 33.92 -23.13
H12 DXE K . -13.28 33.66 -23.65
H13 DXE K . -14.51 33.49 -24.64
C16 6D4 L . 2.14 -13.92 -33.62
C15 6D4 L . 2.67 -12.86 -34.61
C14 6D4 L . 5.53 -12.43 -39.20
N10 6D4 L . 4.20 -12.34 -31.62
C11 6D4 L . 3.15 -14.07 -36.63
C12 6D4 L . 4.40 -13.28 -37.14
C01 6D4 L . -3.28 -15.88 -38.87
C02 6D4 L . -4.16 -16.66 -38.04
C03 6D4 L . -4.95 -17.55 -38.68
N01 6D4 L . -4.89 -17.69 -40.00
C04 6D4 L . -4.02 -16.90 -40.70
N02 6D4 L . -3.18 -15.96 -40.19
N03 6D4 L . -2.70 -15.13 -37.96
C05 6D4 L . -2.99 -15.26 -36.73
N04 6D4 L . -3.95 -16.23 -36.59
N05 6D4 L . -5.88 -18.39 -37.90
C06 6D4 L . -1.71 -14.20 -38.37
C07 6D4 L . -1.87 -12.82 -37.83
C08 6D4 L . -0.52 -12.28 -37.70
C09 6D4 L . 0.38 -13.42 -37.52
O01 6D4 L . -0.38 -14.69 -37.87
O02 6D4 L . -2.64 -12.00 -38.73
O03 6D4 L . -0.13 -11.58 -38.93
C10 6D4 L . 0.87 -13.54 -36.11
N06 6D4 L . 2.25 -13.10 -36.01
C13 6D4 L . 4.69 -13.58 -38.64
O04 6D4 L . 4.98 -11.36 -39.54
O05 6D4 L . 6.77 -12.57 -39.28
N07 6D4 L . 5.41 -14.81 -38.78
N08 6D4 L . 2.29 -13.66 -32.40
N09 6D4 L . 3.25 -13.00 -32.01
H23 6D4 L . 1.47 -14.42 -33.82
H24 6D4 L . 2.74 -14.51 -33.79
H22 6D4 L . 3.61 -12.86 -34.58
H21 6D4 L . 2.36 -12.02 -34.34
H1 6D4 L . 4.06 -11.65 -31.11
H14 6D4 L . 2.71 -14.49 -37.35
H13 6D4 L . 3.40 -14.71 -35.99
H15 6D4 L . 4.26 -12.36 -37.03
H16 6D4 L . 5.15 -13.53 -36.64
H01 6D4 L . -4.00 -17.01 -41.62
H02 6D4 L . -2.65 -14.81 -36.09
H03 6D4 L . -5.74 -18.51 -37.05
H04 6D4 L . -6.56 -18.77 -38.28
H26 6D4 L . -1.69 -14.15 -39.31
H05 6D4 L . -2.29 -12.86 -36.99
H06 6D4 L . -0.48 -11.71 -36.95
H07 6D4 L . 1.11 -13.33 -38.10
H08 6D4 L . -2.30 -12.02 -39.49
H09 6D4 L . 0.07 -12.13 -39.51
H10 6D4 L . 0.33 -13.00 -35.55
H11 6D4 L . 0.81 -14.43 -35.84
H17 6D4 L . 3.88 -13.64 -39.12
H20 6D4 L . 6.15 -14.77 -38.30
H19 6D4 L . 4.92 -15.47 -38.50
C1 EDO M . 17.11 -23.87 -22.91
O1 EDO M . 17.64 -22.72 -23.51
C2 EDO M . 17.49 -25.08 -23.76
O2 EDO M . 18.77 -25.52 -23.37
H11 EDO M . 17.47 -23.97 -22.01
H12 EDO M . 16.14 -23.80 -22.86
HO1 EDO M . 17.92 -22.19 -22.90
H21 EDO M . 16.85 -25.79 -23.62
H22 EDO M . 17.52 -24.83 -24.69
HO2 EDO M . 18.77 -26.38 -23.30
C1 EDO N . 0.50 -29.72 -6.86
O1 EDO N . 1.47 -30.48 -7.54
C2 EDO N . -0.88 -30.27 -7.20
O2 EDO N . -1.82 -29.70 -6.32
H11 EDO N . 0.65 -29.79 -5.90
H12 EDO N . 0.55 -28.79 -7.14
HO1 EDO N . 2.07 -30.73 -6.99
H21 EDO N . -0.88 -31.24 -7.10
H22 EDO N . -1.10 -30.05 -8.11
HO2 EDO N . -2.61 -29.84 -6.63
C4 DXE O . -3.65 -26.82 7.51
O2 DXE O . -2.33 -27.08 7.13
C3 DXE O . -1.96 -28.43 7.22
C2 DXE O . -0.48 -28.57 6.88
O1 DXE O . 0.14 -29.48 7.75
C1 DXE O . -0.08 -30.83 7.45
H41 DXE O . -4.26 -27.24 6.88
H42 DXE O . -3.80 -27.18 8.40
H43 DXE O . -3.80 -25.86 7.52
H31 DXE O . -2.12 -28.76 8.11
H32 DXE O . -2.48 -28.96 6.59
H21 DXE O . -0.37 -28.89 5.96
H22 DXE O . -0.04 -27.71 6.96
H11 DXE O . 0.19 -31.01 6.54
H12 DXE O . 0.44 -31.39 8.06
H13 DXE O . -1.02 -31.03 7.55
C4 DXE P . 13.75 -4.40 -25.79
O2 DXE P . 13.63 -5.06 -27.02
C3 DXE P . 12.30 -5.17 -27.47
C2 DXE P . 12.29 -5.75 -28.88
O1 DXE P . 11.11 -5.37 -29.53
C1 DXE P . 11.30 -4.65 -30.71
H41 DXE P . 13.16 -4.80 -25.14
H42 DXE P . 13.51 -3.46 -25.91
H43 DXE P . 14.67 -4.45 -25.48
H31 DXE P . 11.80 -5.74 -26.87
H32 DXE P . 11.90 -4.28 -27.48
H21 DXE P . 12.34 -6.72 -28.83
H22 DXE P . 13.05 -5.40 -29.38
H11 DXE P . 11.71 -3.80 -30.50
H12 DXE P . 11.87 -5.14 -31.31
H13 DXE P . 10.44 -4.48 -31.14
O1 PG4 Q . 3.20 -10.06 -29.12
C1 PG4 Q . 2.41 -10.05 -27.97
C2 PG4 Q . 1.40 -8.91 -28.05
O2 PG4 Q . 0.51 -9.16 -29.11
C3 PG4 Q . -0.80 -9.54 -28.77
C4 PG4 Q . -1.75 -8.44 -29.25
O3 PG4 Q . -2.71 -9.02 -30.09
C5 PG4 Q . -3.58 -8.10 -30.69
C6 PG4 Q . -4.95 -8.25 -30.01
O4 PG4 Q . -5.49 -6.97 -29.81
C7 PG4 Q . -5.06 -6.30 -28.66
C8 PG4 Q . -5.84 -6.81 -27.46
O5 PG4 Q . -5.45 -6.08 -26.32
HO1 PG4 Q . 3.54 -10.93 -29.26
H11 PG4 Q . 1.88 -11.00 -27.90
H12 PG4 Q . 3.03 -9.92 -27.10
H21 PG4 Q . 1.92 -7.97 -28.23
H22 PG4 Q . 0.85 -8.84 -27.12
H31 PG4 Q . -1.05 -10.47 -29.26
H32 PG4 Q . -0.89 -9.65 -27.70
H41 PG4 Q . -1.18 -7.70 -29.81
H42 PG4 Q . -2.24 -7.98 -28.40
H51 PG4 Q . -3.21 -7.10 -30.54
H52 PG4 Q . -3.68 -8.32 -31.75
H61 PG4 Q . -4.83 -8.74 -29.05
H62 PG4 Q . -5.61 -8.83 -30.65
H71 PG4 Q . -5.23 -5.24 -28.79
H72 PG4 Q . -4.00 -6.47 -28.52
H81 PG4 Q . -5.63 -7.86 -27.30
H82 PG4 Q . -6.90 -6.67 -27.62
HO5 PG4 Q . -4.75 -6.53 -25.88
N SAO R . -3.25 -18.03 22.07
CA SAO R . -2.90 -16.78 21.35
CB SAO R . -2.56 -15.66 22.34
CG SAO R . -1.51 -16.05 23.37
SD SAO R . -1.08 -14.52 24.24
C SAO R . -1.73 -17.05 20.41
O SAO R . -1.60 -16.30 19.40
OXT SAO R . -0.97 -18.01 20.70
C5' SAO R . -1.75 -14.78 25.90
C4' SAO R . -3.23 -14.46 25.90
O4' SAO R . -3.82 -15.00 27.10
C3' SAO R . -3.54 -12.96 25.89
O3' SAO R . -4.47 -12.63 24.87
C2' SAO R . -4.12 -12.69 27.30
O2' SAO R . -5.15 -11.70 27.28
C1' SAO R . -4.71 -14.04 27.66
N9 SAO R . -4.81 -14.29 29.10
C8 SAO R . -3.84 -14.11 30.04
N7 SAO R . -4.18 -14.46 31.26
C5 SAO R . -5.49 -14.93 31.09
C6 SAO R . -6.43 -15.45 32.00
N6 SAO R . -6.18 -15.62 33.30
N1 SAO R . -7.63 -15.82 31.50
C2 SAO R . -7.88 -15.66 30.21
N3 SAO R . -7.07 -15.17 29.25
C4 SAO R . -5.88 -14.83 29.77
HN2 SAO R . -3.96 -18.46 21.49
H3 SAO R . -3.63 -17.85 23.00
HN1 SAO R . -2.47 -18.68 22.16
HA SAO R . -3.75 -16.47 20.74
HB1 SAO R . -3.48 -15.39 22.85
HB2 SAO R . -2.27 -14.75 21.81
HG2 SAO R . -1.88 -16.80 24.08
HG1 SAO R . -0.60 -16.49 22.94
H5'2 SAO R . -1.22 -14.16 26.61
H5'1 SAO R . -1.55 -15.81 26.20
H4' SAO R . -3.73 -14.99 25.10
H3' SAO R . -2.70 -12.31 25.65
HO3' SAO R . -5.25 -13.24 24.94
H2' SAO R . -3.39 -12.29 28.00
HO2' SAO R . -5.89 -11.99 26.68
H1' SAO R . -5.69 -14.21 27.23
H8 SAO R . -2.86 -13.68 29.81
HN61 SAO R . -5.28 -15.37 33.69
HN62 SAO R . -6.89 -16.01 33.93
H2 SAO R . -8.87 -15.96 29.88
C1 EDO S . 15.88 -30.27 21.92
O1 EDO S . 15.68 -31.08 23.04
C2 EDO S . 15.81 -28.81 22.37
O2 EDO S . 15.85 -27.99 21.24
H11 EDO S . 16.75 -30.45 21.53
H12 EDO S . 15.19 -30.43 21.27
HO1 EDO S . 16.15 -31.78 22.97
H21 EDO S . 15.00 -28.65 22.86
H22 EDO S . 16.58 -28.61 22.94
HO2 EDO S . 16.48 -28.23 20.72
C1 EDO T . 11.75 -10.88 16.38
O1 EDO T . 12.75 -10.38 15.53
C2 EDO T . 11.13 -12.11 15.72
O2 EDO T . 9.75 -12.11 15.95
H11 EDO T . 11.06 -10.21 16.52
H12 EDO T . 12.14 -11.13 17.23
HO1 EDO T . 13.14 -9.74 15.91
H21 EDO T . 11.51 -12.92 16.10
H22 EDO T . 11.30 -12.09 14.77
HO2 EDO T . 9.35 -11.86 15.24
C4 DXE U . -0.78 -38.30 26.60
O2 DXE U . -0.16 -39.17 25.70
C3 DXE U . 1.21 -38.91 25.47
C2 DXE U . 1.87 -40.19 24.97
O1 DXE U . 3.27 -40.03 24.97
C1 DXE U . 3.96 -41.14 24.48
H41 DXE U . -0.62 -37.38 26.32
H42 DXE U . -1.73 -38.48 26.62
H43 DXE U . -0.40 -38.44 27.48
H31 DXE U . 1.29 -38.21 24.81
H32 DXE U . 1.62 -38.63 26.31
H21 DXE U . 1.58 -40.38 24.07
H22 DXE U . 1.64 -40.92 25.55
H11 DXE U . 3.64 -41.37 23.60
H12 DXE U . 4.91 -40.94 24.44
H13 DXE U . 3.81 -41.89 25.07
C1 M2M V . 6.40 -10.67 25.87
O1 M2M V . 6.17 -9.46 26.57
C2 M2M V . 4.83 -9.30 26.99
C3 M2M V . 4.77 -8.21 28.09
O2 M2M V . 3.41 -7.91 28.38
C4 M2M V . 3.29 -7.15 29.57
C5 M2M V . 1.99 -6.31 29.55
O3 M2M V . 2.30 -4.93 29.44
C6 M2M V . 2.96 -4.36 30.55
H11 M2M V . 6.97 -11.08 26.55
H12 M2M V . 5.96 -11.49 25.59
H13 M2M V . 6.45 -10.28 24.99
H21 M2M V . 4.28 -9.02 26.23
H22 M2M V . 4.49 -10.14 27.34
H31 M2M V . 5.22 -7.42 27.78
H32 M2M V . 5.20 -8.55 28.89
H41 M2M V . 3.27 -7.75 30.33
H42 M2M V . 4.05 -6.56 29.66
H51 M2M V . 1.50 -6.47 30.37
H52 M2M V . 1.45 -6.58 28.79
H61 M2M V . 3.83 -4.76 30.67
H62 M2M V . 3.06 -3.40 30.40
H63 M2M V . 2.42 -4.49 31.35
C16 6D4 W . 6.62 17.00 32.56
C15 6D4 W . 7.84 16.22 33.07
C14 6D4 W . 12.28 18.60 35.08
N10 6D4 W . 7.72 16.42 29.54
C11 6D4 W . 8.77 17.59 34.83
C12 6D4 W . 10.20 17.23 35.41
C01 6D4 W . 3.12 16.08 39.27
C02 6D4 W . 1.74 16.19 38.88
C03 6D4 W . 0.87 16.60 39.85
N01 6D4 W . 1.31 16.87 41.07
C04 6D4 W . 2.63 16.73 41.33
N02 6D4 W . 3.61 16.34 40.47
N03 6D4 W . 3.67 15.67 38.15
C05 6D4 W . 2.96 15.50 37.12
N04 6D4 W . 1.65 15.79 37.41
N05 6D4 W . -0.56 16.74 39.53
C06 6D4 W . 5.09 15.46 38.14
C07 6D4 W . 5.52 14.19 37.51
C08 6D4 W . 6.79 14.48 36.83
C09 6D4 W . 6.89 15.93 36.64
O01 6D4 W . 5.73 16.59 37.37
O02 6D4 W . 5.70 13.17 38.51
O03 6D4 W . 7.92 14.04 37.66
C10 6D4 W . 6.77 16.31 35.20
N06 6D4 W . 8.05 16.35 34.52
C13 6D4 W . 11.00 18.48 35.90
O04 6D4 W . 13.29 17.91 35.36
O05 6D4 W . 12.32 19.40 34.12
N07 6D4 W . 10.25 19.69 35.75
N08 6D4 W . 6.18 16.69 31.42
N09 6D4 W . 6.94 16.56 30.47
H23 6D4 W . 6.03 17.31 33.10
H24 6D4 W . 7.03 17.75 32.44
H22 6D4 W . 7.72 15.32 32.86
H21 6D4 W . 8.61 16.53 32.62
H1 6D4 W . 8.04 15.63 29.36
H14 6D4 W . 8.30 18.08 35.48
H13 6D4 W . 8.86 18.10 34.06
H15 6D4 W . 10.10 16.64 36.12
H16 6D4 W . 10.70 16.80 34.73
H01 6D4 W . 2.91 16.93 42.20
H02 6D4 W . 3.25 15.24 36.35
H03 6D4 W . -0.84 16.62 38.73
H04 6D4 W . -1.12 16.94 40.17
H26 6D4 W . 5.40 15.46 39.03
H05 6D4 W . 4.88 13.91 36.87
H06 6D4 W . 6.83 14.05 36.00
H07 6D4 W . 7.70 16.24 36.99
H08 6D4 W . 6.10 13.49 39.16
H09 6D4 W . 8.02 14.57 38.29
H10 6D4 W . 6.22 15.68 34.76
H11 6D4 W . 6.37 17.15 35.14
H17 6D4 W . 11.22 18.36 36.80
H20 6D4 W . 10.10 19.84 34.90
H19 6D4 W . 9.49 19.62 36.17
C1 EDO X . 8.89 30.95 17.09
O1 EDO X . 9.98 30.65 17.92
C2 EDO X . 7.87 31.75 17.90
O2 EDO X . 8.27 33.09 17.93
H11 EDO X . 8.49 30.13 16.76
H12 EDO X . 9.20 31.49 16.34
HO1 EDO X . 10.70 30.63 17.46
H21 EDO X . 7.00 31.68 17.49
H22 EDO X . 7.83 31.40 18.81
HO2 EDO X . 7.59 33.59 17.86
C1 EDO Y . 3.70 8.21 30.84
O1 EDO Y . 4.19 8.97 29.78
C2 EDO Y . 3.49 6.78 30.37
O2 EDO Y . 3.28 5.96 31.48
H11 EDO Y . 4.35 8.23 31.57
H12 EDO Y . 2.86 8.58 31.15
HO1 EDO Y . 3.90 9.77 29.83
H21 EDO Y . 4.27 6.47 29.88
H22 EDO Y . 2.71 6.74 29.78
HO2 EDO Y . 3.70 5.23 31.38
#